data_4CSK
# 
_entry.id   4CSK 
# 
_audit_conform.dict_name       mmcif_pdbx.dic 
_audit_conform.dict_version    5.383 
_audit_conform.dict_location   http://mmcif.pdb.org/dictionaries/ascii/mmcif_pdbx.dic 
# 
loop_
_database_2.database_id 
_database_2.database_code 
_database_2.pdbx_database_accession 
_database_2.pdbx_DOI 
PDB   4CSK         pdb_00004csk 10.2210/pdb4csk/pdb 
PDBE  EBI-59711    ?            ?                   
WWPDB D_1290059711 ?            ?                   
# 
_pdbx_database_status.status_code                     REL 
_pdbx_database_status.entry_id                        4CSK 
_pdbx_database_status.deposit_site                    PDBE 
_pdbx_database_status.process_site                    PDBE 
_pdbx_database_status.SG_entry                        . 
_pdbx_database_status.recvd_initial_deposition_date   2014-03-08 
_pdbx_database_status.pdb_format_compatible           Y 
_pdbx_database_status.status_code_sf                  REL 
_pdbx_database_status.status_code_mr                  ? 
_pdbx_database_status.status_code_cs                  ? 
_pdbx_database_status.methods_development_category    ? 
_pdbx_database_status.status_code_nmr_data            ? 
# 
loop_
_audit_author.name 
_audit_author.pdbx_ordinal 
'Ruiz-Carrillo, D.' 1 
'To-Yiu-Ying, J.'   2 
'Darwis, D.'        3 
'Soon, C.H.'        4 
'Cornvik, T.'       5 
'Torres, J.'        6 
'Lescar, J.'        7 
# 
_citation.id                        primary 
_citation.title                     
'Crystallization and Preliminary Crystallographic Analysis of Human Aquaporin 1 at a Resolution of 3.28 A.' 
_citation.journal_abbrev            'Acta Crystallogr.,Sect.F' 
_citation.journal_volume            70 
_citation.page_first                1657 
_citation.page_last                 ? 
_citation.year                      2014 
_citation.journal_id_ASTM           ? 
_citation.country                   DK 
_citation.journal_id_ISSN           1744-3091 
_citation.journal_id_CSD            ? 
_citation.book_publisher            ? 
_citation.pdbx_database_id_PubMed   25484221 
_citation.pdbx_database_id_DOI      10.1107/S2053230X14024558 
# 
loop_
_citation_author.citation_id 
_citation_author.name 
_citation_author.ordinal 
_citation_author.identifier_ORCID 
primary 'Ruiz Carrillo, D.' 1 ? 
primary 'To Yiu Ying, J.'   2 ? 
primary 'Darwis, D.'        3 ? 
primary 'Soon, C.H.'        4 ? 
primary 'Cornvik, T.'       5 ? 
primary 'Torres, J.'        6 ? 
primary 'Lescar, J.'        7 ? 
# 
_cell.entry_id           4CSK 
_cell.length_a           89.280 
_cell.length_b           89.280 
_cell.length_c           174.850 
_cell.angle_alpha        90.00 
_cell.angle_beta         90.00 
_cell.angle_gamma        90.00 
_cell.Z_PDB              16 
_cell.pdbx_unique_axis   ? 
# 
_symmetry.entry_id                         4CSK 
_symmetry.space_group_name_H-M             'I 4 2 2' 
_symmetry.pdbx_full_space_group_name_H-M   ? 
_symmetry.cell_setting                     ? 
_symmetry.Int_Tables_number                97 
# 
loop_
_entity.id 
_entity.type 
_entity.src_method 
_entity.pdbx_description 
_entity.formula_weight 
_entity.pdbx_number_of_molecules 
_entity.pdbx_ec 
_entity.pdbx_mutation 
_entity.pdbx_fragment 
_entity.details 
1 polymer man AQUAPORIN-1 31165.697 1 ? ? ? ? 
2 water   nat water       18.015    6 ? ? ? ? 
# 
_entity_name_com.entity_id   1 
_entity_name_com.name        
'AQUAPORIN-CHIP, URINE WATER CHANNEL, WATER CHANNEL PROTEIN FOR RED BLOOD CELLS AND KIDNEY PROXIMAL TUBULE, AQUAPORIN 1, AQP-1' 
# 
_entity_poly.entity_id                      1 
_entity_poly.type                           'polypeptide(L)' 
_entity_poly.nstd_linkage                   no 
_entity_poly.nstd_monomer                   no 
_entity_poly.pdbx_seq_one_letter_code       
;MGHHHHHHSSGVDLGTENLYFQSMASEFKKKLFWRAVVAEFLATTLFVFISIGSALGFKYPVGNNQTAVQDNVKVSLAFG
LSIATLAQSVGHISGAHLNPAVTLGLLLSCQISIFRALMYIIAQCVGAIVATAILSGITSSLTGNSLGRNDLADGVNSGQ
GLGIEIIGTLQLVLCVLATTDRRRRDLGGSAPLAIGLSVALGHLLAIDYTGCGINPARSFGSAVITHNFSNHWIFWVGPF
IGGALAVLIYDFILAPRSSDLTDRVKVWTSGQVEEYDLDADDINSRVEMKPK
;
_entity_poly.pdbx_seq_one_letter_code_can   
;MGHHHHHHSSGVDLGTENLYFQSMASEFKKKLFWRAVVAEFLATTLFVFISIGSALGFKYPVGNNQTAVQDNVKVSLAFG
LSIATLAQSVGHISGAHLNPAVTLGLLLSCQISIFRALMYIIAQCVGAIVATAILSGITSSLTGNSLGRNDLADGVNSGQ
GLGIEIIGTLQLVLCVLATTDRRRRDLGGSAPLAIGLSVALGHLLAIDYTGCGINPARSFGSAVITHNFSNHWIFWVGPF
IGGALAVLIYDFILAPRSSDLTDRVKVWTSGQVEEYDLDADDINSRVEMKPK
;
_entity_poly.pdbx_strand_id                 A 
_entity_poly.pdbx_target_identifier         ? 
# 
loop_
_entity_poly_seq.entity_id 
_entity_poly_seq.num 
_entity_poly_seq.mon_id 
_entity_poly_seq.hetero 
1 1   MET n 
1 2   GLY n 
1 3   HIS n 
1 4   HIS n 
1 5   HIS n 
1 6   HIS n 
1 7   HIS n 
1 8   HIS n 
1 9   SER n 
1 10  SER n 
1 11  GLY n 
1 12  VAL n 
1 13  ASP n 
1 14  LEU n 
1 15  GLY n 
1 16  THR n 
1 17  GLU n 
1 18  ASN n 
1 19  LEU n 
1 20  TYR n 
1 21  PHE n 
1 22  GLN n 
1 23  SER n 
1 24  MET n 
1 25  ALA n 
1 26  SER n 
1 27  GLU n 
1 28  PHE n 
1 29  LYS n 
1 30  LYS n 
1 31  LYS n 
1 32  LEU n 
1 33  PHE n 
1 34  TRP n 
1 35  ARG n 
1 36  ALA n 
1 37  VAL n 
1 38  VAL n 
1 39  ALA n 
1 40  GLU n 
1 41  PHE n 
1 42  LEU n 
1 43  ALA n 
1 44  THR n 
1 45  THR n 
1 46  LEU n 
1 47  PHE n 
1 48  VAL n 
1 49  PHE n 
1 50  ILE n 
1 51  SER n 
1 52  ILE n 
1 53  GLY n 
1 54  SER n 
1 55  ALA n 
1 56  LEU n 
1 57  GLY n 
1 58  PHE n 
1 59  LYS n 
1 60  TYR n 
1 61  PRO n 
1 62  VAL n 
1 63  GLY n 
1 64  ASN n 
1 65  ASN n 
1 66  GLN n 
1 67  THR n 
1 68  ALA n 
1 69  VAL n 
1 70  GLN n 
1 71  ASP n 
1 72  ASN n 
1 73  VAL n 
1 74  LYS n 
1 75  VAL n 
1 76  SER n 
1 77  LEU n 
1 78  ALA n 
1 79  PHE n 
1 80  GLY n 
1 81  LEU n 
1 82  SER n 
1 83  ILE n 
1 84  ALA n 
1 85  THR n 
1 86  LEU n 
1 87  ALA n 
1 88  GLN n 
1 89  SER n 
1 90  VAL n 
1 91  GLY n 
1 92  HIS n 
1 93  ILE n 
1 94  SER n 
1 95  GLY n 
1 96  ALA n 
1 97  HIS n 
1 98  LEU n 
1 99  ASN n 
1 100 PRO n 
1 101 ALA n 
1 102 VAL n 
1 103 THR n 
1 104 LEU n 
1 105 GLY n 
1 106 LEU n 
1 107 LEU n 
1 108 LEU n 
1 109 SER n 
1 110 CYS n 
1 111 GLN n 
1 112 ILE n 
1 113 SER n 
1 114 ILE n 
1 115 PHE n 
1 116 ARG n 
1 117 ALA n 
1 118 LEU n 
1 119 MET n 
1 120 TYR n 
1 121 ILE n 
1 122 ILE n 
1 123 ALA n 
1 124 GLN n 
1 125 CYS n 
1 126 VAL n 
1 127 GLY n 
1 128 ALA n 
1 129 ILE n 
1 130 VAL n 
1 131 ALA n 
1 132 THR n 
1 133 ALA n 
1 134 ILE n 
1 135 LEU n 
1 136 SER n 
1 137 GLY n 
1 138 ILE n 
1 139 THR n 
1 140 SER n 
1 141 SER n 
1 142 LEU n 
1 143 THR n 
1 144 GLY n 
1 145 ASN n 
1 146 SER n 
1 147 LEU n 
1 148 GLY n 
1 149 ARG n 
1 150 ASN n 
1 151 ASP n 
1 152 LEU n 
1 153 ALA n 
1 154 ASP n 
1 155 GLY n 
1 156 VAL n 
1 157 ASN n 
1 158 SER n 
1 159 GLY n 
1 160 GLN n 
1 161 GLY n 
1 162 LEU n 
1 163 GLY n 
1 164 ILE n 
1 165 GLU n 
1 166 ILE n 
1 167 ILE n 
1 168 GLY n 
1 169 THR n 
1 170 LEU n 
1 171 GLN n 
1 172 LEU n 
1 173 VAL n 
1 174 LEU n 
1 175 CYS n 
1 176 VAL n 
1 177 LEU n 
1 178 ALA n 
1 179 THR n 
1 180 THR n 
1 181 ASP n 
1 182 ARG n 
1 183 ARG n 
1 184 ARG n 
1 185 ARG n 
1 186 ASP n 
1 187 LEU n 
1 188 GLY n 
1 189 GLY n 
1 190 SER n 
1 191 ALA n 
1 192 PRO n 
1 193 LEU n 
1 194 ALA n 
1 195 ILE n 
1 196 GLY n 
1 197 LEU n 
1 198 SER n 
1 199 VAL n 
1 200 ALA n 
1 201 LEU n 
1 202 GLY n 
1 203 HIS n 
1 204 LEU n 
1 205 LEU n 
1 206 ALA n 
1 207 ILE n 
1 208 ASP n 
1 209 TYR n 
1 210 THR n 
1 211 GLY n 
1 212 CYS n 
1 213 GLY n 
1 214 ILE n 
1 215 ASN n 
1 216 PRO n 
1 217 ALA n 
1 218 ARG n 
1 219 SER n 
1 220 PHE n 
1 221 GLY n 
1 222 SER n 
1 223 ALA n 
1 224 VAL n 
1 225 ILE n 
1 226 THR n 
1 227 HIS n 
1 228 ASN n 
1 229 PHE n 
1 230 SER n 
1 231 ASN n 
1 232 HIS n 
1 233 TRP n 
1 234 ILE n 
1 235 PHE n 
1 236 TRP n 
1 237 VAL n 
1 238 GLY n 
1 239 PRO n 
1 240 PHE n 
1 241 ILE n 
1 242 GLY n 
1 243 GLY n 
1 244 ALA n 
1 245 LEU n 
1 246 ALA n 
1 247 VAL n 
1 248 LEU n 
1 249 ILE n 
1 250 TYR n 
1 251 ASP n 
1 252 PHE n 
1 253 ILE n 
1 254 LEU n 
1 255 ALA n 
1 256 PRO n 
1 257 ARG n 
1 258 SER n 
1 259 SER n 
1 260 ASP n 
1 261 LEU n 
1 262 THR n 
1 263 ASP n 
1 264 ARG n 
1 265 VAL n 
1 266 LYS n 
1 267 VAL n 
1 268 TRP n 
1 269 THR n 
1 270 SER n 
1 271 GLY n 
1 272 GLN n 
1 273 VAL n 
1 274 GLU n 
1 275 GLU n 
1 276 TYR n 
1 277 ASP n 
1 278 LEU n 
1 279 ASP n 
1 280 ALA n 
1 281 ASP n 
1 282 ASP n 
1 283 ILE n 
1 284 ASN n 
1 285 SER n 
1 286 ARG n 
1 287 VAL n 
1 288 GLU n 
1 289 MET n 
1 290 LYS n 
1 291 PRO n 
1 292 LYS n 
# 
_entity_src_gen.entity_id                          1 
_entity_src_gen.pdbx_src_id                        1 
_entity_src_gen.pdbx_alt_source_flag               sample 
_entity_src_gen.pdbx_seq_type                      ? 
_entity_src_gen.pdbx_beg_seq_num                   ? 
_entity_src_gen.pdbx_end_seq_num                   ? 
_entity_src_gen.gene_src_common_name               HUMAN 
_entity_src_gen.gene_src_genus                     ? 
_entity_src_gen.pdbx_gene_src_gene                 ? 
_entity_src_gen.gene_src_species                   ? 
_entity_src_gen.gene_src_strain                    ? 
_entity_src_gen.gene_src_tissue                    ? 
_entity_src_gen.gene_src_tissue_fraction           ? 
_entity_src_gen.gene_src_details                   ? 
_entity_src_gen.pdbx_gene_src_fragment             ? 
_entity_src_gen.pdbx_gene_src_scientific_name      'HOMO SAPIENS' 
_entity_src_gen.pdbx_gene_src_ncbi_taxonomy_id     9606 
_entity_src_gen.pdbx_gene_src_variant              ? 
_entity_src_gen.pdbx_gene_src_cell_line            ? 
_entity_src_gen.pdbx_gene_src_atcc                 ? 
_entity_src_gen.pdbx_gene_src_organ                ? 
_entity_src_gen.pdbx_gene_src_organelle            ? 
_entity_src_gen.pdbx_gene_src_cell                 ? 
_entity_src_gen.pdbx_gene_src_cellular_location    ? 
_entity_src_gen.host_org_common_name               'FALL ARMYWORM' 
_entity_src_gen.pdbx_host_org_scientific_name      'SPODOPTERA FRUGIPERDA' 
_entity_src_gen.pdbx_host_org_ncbi_taxonomy_id     7108 
_entity_src_gen.host_org_genus                     ? 
_entity_src_gen.pdbx_host_org_gene                 ? 
_entity_src_gen.pdbx_host_org_organ                ? 
_entity_src_gen.host_org_species                   ? 
_entity_src_gen.pdbx_host_org_tissue               ? 
_entity_src_gen.pdbx_host_org_tissue_fraction      ? 
_entity_src_gen.pdbx_host_org_strain               ? 
_entity_src_gen.pdbx_host_org_variant              ? 
_entity_src_gen.pdbx_host_org_cell_line            SF9 
_entity_src_gen.pdbx_host_org_atcc                 ? 
_entity_src_gen.pdbx_host_org_culture_collection   ? 
_entity_src_gen.pdbx_host_org_cell                 ? 
_entity_src_gen.pdbx_host_org_organelle            ? 
_entity_src_gen.pdbx_host_org_cellular_location    ? 
_entity_src_gen.pdbx_host_org_vector_type          ? 
_entity_src_gen.pdbx_host_org_vector               ? 
_entity_src_gen.host_org_details                   ? 
_entity_src_gen.expression_system_id               ? 
_entity_src_gen.plasmid_name                       ? 
_entity_src_gen.plasmid_details                    ? 
_entity_src_gen.pdbx_description                   ? 
# 
_struct_ref.id                         1 
_struct_ref.db_name                    UNP 
_struct_ref.db_code                    AQP1_HUMAN 
_struct_ref.entity_id                  1 
_struct_ref.pdbx_seq_one_letter_code   ? 
_struct_ref.pdbx_align_begin           ? 
_struct_ref.pdbx_db_accession          P29972 
_struct_ref.pdbx_db_isoform            ? 
# 
_struct_ref_seq.align_id                      1 
_struct_ref_seq.ref_id                        1 
_struct_ref_seq.pdbx_PDB_id_code              4CSK 
_struct_ref_seq.pdbx_strand_id                A 
_struct_ref_seq.seq_align_beg                 24 
_struct_ref_seq.pdbx_seq_align_beg_ins_code   ? 
_struct_ref_seq.seq_align_end                 292 
_struct_ref_seq.pdbx_seq_align_end_ins_code   ? 
_struct_ref_seq.pdbx_db_accession             P29972 
_struct_ref_seq.db_align_beg                  1 
_struct_ref_seq.pdbx_db_align_beg_ins_code    ? 
_struct_ref_seq.db_align_end                  269 
_struct_ref_seq.pdbx_db_align_end_ins_code    ? 
_struct_ref_seq.pdbx_auth_seq_align_beg       1 
_struct_ref_seq.pdbx_auth_seq_align_end       269 
# 
loop_
_struct_ref_seq_dif.align_id 
_struct_ref_seq_dif.pdbx_pdb_id_code 
_struct_ref_seq_dif.mon_id 
_struct_ref_seq_dif.pdbx_pdb_strand_id 
_struct_ref_seq_dif.seq_num 
_struct_ref_seq_dif.pdbx_pdb_ins_code 
_struct_ref_seq_dif.pdbx_seq_db_name 
_struct_ref_seq_dif.pdbx_seq_db_accession_code 
_struct_ref_seq_dif.db_mon_id 
_struct_ref_seq_dif.pdbx_seq_db_seq_num 
_struct_ref_seq_dif.details 
_struct_ref_seq_dif.pdbx_auth_seq_num 
_struct_ref_seq_dif.pdbx_ordinal 
1 4CSK MET A 1  ? UNP P29972 ? ? 'expression tag' -22 1  
1 4CSK GLY A 2  ? UNP P29972 ? ? 'expression tag' -21 2  
1 4CSK HIS A 3  ? UNP P29972 ? ? 'expression tag' -20 3  
1 4CSK HIS A 4  ? UNP P29972 ? ? 'expression tag' -19 4  
1 4CSK HIS A 5  ? UNP P29972 ? ? 'expression tag' -18 5  
1 4CSK HIS A 6  ? UNP P29972 ? ? 'expression tag' -17 6  
1 4CSK HIS A 7  ? UNP P29972 ? ? 'expression tag' -16 7  
1 4CSK HIS A 8  ? UNP P29972 ? ? 'expression tag' -15 8  
1 4CSK SER A 9  ? UNP P29972 ? ? 'expression tag' -14 9  
1 4CSK SER A 10 ? UNP P29972 ? ? 'expression tag' -13 10 
1 4CSK GLY A 11 ? UNP P29972 ? ? 'expression tag' -12 11 
1 4CSK VAL A 12 ? UNP P29972 ? ? 'expression tag' -11 12 
1 4CSK ASP A 13 ? UNP P29972 ? ? 'expression tag' -10 13 
1 4CSK LEU A 14 ? UNP P29972 ? ? 'expression tag' -9  14 
1 4CSK GLY A 15 ? UNP P29972 ? ? 'expression tag' -8  15 
1 4CSK THR A 16 ? UNP P29972 ? ? 'expression tag' -7  16 
1 4CSK GLU A 17 ? UNP P29972 ? ? 'expression tag' -6  17 
1 4CSK ASN A 18 ? UNP P29972 ? ? 'expression tag' -5  18 
1 4CSK LEU A 19 ? UNP P29972 ? ? 'expression tag' -4  19 
1 4CSK TYR A 20 ? UNP P29972 ? ? 'expression tag' -3  20 
1 4CSK PHE A 21 ? UNP P29972 ? ? 'expression tag' -2  21 
1 4CSK GLN A 22 ? UNP P29972 ? ? 'expression tag' -1  22 
1 4CSK SER A 23 ? UNP P29972 ? ? 'expression tag' 0   23 
# 
loop_
_chem_comp.id 
_chem_comp.type 
_chem_comp.mon_nstd_flag 
_chem_comp.name 
_chem_comp.pdbx_synonyms 
_chem_comp.formula 
_chem_comp.formula_weight 
ALA 'L-peptide linking' y ALANINE         ? 'C3 H7 N O2'     89.093  
ARG 'L-peptide linking' y ARGININE        ? 'C6 H15 N4 O2 1' 175.209 
ASN 'L-peptide linking' y ASPARAGINE      ? 'C4 H8 N2 O3'    132.118 
ASP 'L-peptide linking' y 'ASPARTIC ACID' ? 'C4 H7 N O4'     133.103 
CYS 'L-peptide linking' y CYSTEINE        ? 'C3 H7 N O2 S'   121.158 
GLN 'L-peptide linking' y GLUTAMINE       ? 'C5 H10 N2 O3'   146.144 
GLU 'L-peptide linking' y 'GLUTAMIC ACID' ? 'C5 H9 N O4'     147.129 
GLY 'peptide linking'   y GLYCINE         ? 'C2 H5 N O2'     75.067  
HIS 'L-peptide linking' y HISTIDINE       ? 'C6 H10 N3 O2 1' 156.162 
HOH non-polymer         . WATER           ? 'H2 O'           18.015  
ILE 'L-peptide linking' y ISOLEUCINE      ? 'C6 H13 N O2'    131.173 
LEU 'L-peptide linking' y LEUCINE         ? 'C6 H13 N O2'    131.173 
LYS 'L-peptide linking' y LYSINE          ? 'C6 H15 N2 O2 1' 147.195 
MET 'L-peptide linking' y METHIONINE      ? 'C5 H11 N O2 S'  149.211 
PHE 'L-peptide linking' y PHENYLALANINE   ? 'C9 H11 N O2'    165.189 
PRO 'L-peptide linking' y PROLINE         ? 'C5 H9 N O2'     115.130 
SER 'L-peptide linking' y SERINE          ? 'C3 H7 N O3'     105.093 
THR 'L-peptide linking' y THREONINE       ? 'C4 H9 N O3'     119.119 
TRP 'L-peptide linking' y TRYPTOPHAN      ? 'C11 H12 N2 O2'  204.225 
TYR 'L-peptide linking' y TYROSINE        ? 'C9 H11 N O3'    181.189 
VAL 'L-peptide linking' y VALINE          ? 'C5 H11 N O2'    117.146 
# 
_exptl.entry_id          4CSK 
_exptl.method            'X-RAY DIFFRACTION' 
_exptl.crystals_number   4 
# 
_exptl_crystal.id                    1 
_exptl_crystal.density_meas          ? 
_exptl_crystal.density_Matthews      2.79 
_exptl_crystal.density_percent_sol   55.99 
_exptl_crystal.description           NONE 
# 
_exptl_crystal_grow.crystal_id      1 
_exptl_crystal_grow.method          ? 
_exptl_crystal_grow.temp            ? 
_exptl_crystal_grow.temp_details    ? 
_exptl_crystal_grow.pH              9 
_exptl_crystal_grow.pdbx_pH_range   ? 
_exptl_crystal_grow.pdbx_details    'pH 9' 
# 
_diffrn.id                     1 
_diffrn.ambient_temp           110 
_diffrn.ambient_temp_details   ? 
_diffrn.crystal_id             1 
# 
_diffrn_detector.diffrn_id              1 
_diffrn_detector.detector               PIXEL 
_diffrn_detector.type                   'DECTRIS PILATUS' 
_diffrn_detector.pdbx_collection_date   2013-02-24 
_diffrn_detector.details                ? 
# 
_diffrn_radiation.diffrn_id                        1 
_diffrn_radiation.wavelength_id                    1 
_diffrn_radiation.pdbx_monochromatic_or_laue_m_l   M 
_diffrn_radiation.monochromator                    ? 
_diffrn_radiation.pdbx_diffrn_protocol             'SINGLE WAVELENGTH' 
_diffrn_radiation.pdbx_scattering_type             x-ray 
# 
_diffrn_radiation_wavelength.id           1 
_diffrn_radiation_wavelength.wavelength   1.000 
_diffrn_radiation_wavelength.wt           1.0 
# 
_diffrn_source.diffrn_id                   1 
_diffrn_source.source                      SYNCHROTRON 
_diffrn_source.type                        'SLS BEAMLINE X06DA' 
_diffrn_source.pdbx_synchrotron_site       SLS 
_diffrn_source.pdbx_synchrotron_beamline   X06DA 
_diffrn_source.pdbx_wavelength             1.000 
_diffrn_source.pdbx_wavelength_list        ? 
# 
_reflns.pdbx_diffrn_id               1 
_reflns.pdbx_ordinal                 1 
_reflns.entry_id                     4CSK 
_reflns.observed_criterion_sigma_I   2.0 
_reflns.observed_criterion_sigma_F   ? 
_reflns.d_resolution_low             12.50 
_reflns.d_resolution_high            3.28 
_reflns.number_obs                   5560 
_reflns.number_all                   ? 
_reflns.percent_possible_obs         97.3 
_reflns.pdbx_Rmerge_I_obs            0.12 
_reflns.pdbx_Rsym_value              ? 
_reflns.pdbx_netI_over_sigmaI        22.10 
_reflns.B_iso_Wilson_estimate        103.06 
_reflns.pdbx_redundancy              25.3 
# 
_reflns_shell.pdbx_diffrn_id         1 
_reflns_shell.pdbx_ordinal           1 
_reflns_shell.d_res_high             3.28 
_reflns_shell.d_res_low              3.67 
_reflns_shell.percent_possible_all   96.9 
_reflns_shell.Rmerge_I_obs           0.68 
_reflns_shell.pdbx_Rsym_value        ? 
_reflns_shell.meanI_over_sigI_obs    3.90 
_reflns_shell.pdbx_redundancy        16.9 
# 
_refine.pdbx_refine_id                           'X-RAY DIFFRACTION' 
_refine.entry_id                                 4CSK 
_refine.pdbx_diffrn_id                           1 
_refine.pdbx_TLS_residual_ADP_flag               ? 
_refine.ls_number_reflns_obs                     5555 
_refine.ls_number_reflns_all                     ? 
_refine.pdbx_ls_sigma_I                          ? 
_refine.pdbx_ls_sigma_F                          0.0 
_refine.pdbx_data_cutoff_high_absF               ? 
_refine.pdbx_data_cutoff_low_absF                ? 
_refine.pdbx_data_cutoff_high_rms_absF           ? 
_refine.ls_d_res_low                             12.49 
_refine.ls_d_res_high                            3.28 
_refine.ls_percent_reflns_obs                    99.05 
_refine.ls_R_factor_obs                          0.2368 
_refine.ls_R_factor_all                          ? 
_refine.ls_R_factor_R_work                       0.2338 
_refine.ls_R_factor_R_free                       0.2978 
_refine.ls_R_factor_R_free_error                 ? 
_refine.ls_R_factor_R_free_error_details         ? 
_refine.ls_percent_reflns_R_free                 4.66 
_refine.ls_number_reflns_R_free                  259 
_refine.ls_number_parameters                     ? 
_refine.ls_number_restraints                     ? 
_refine.occupancy_min                            ? 
_refine.occupancy_max                            ? 
_refine.correlation_coeff_Fo_to_Fc               0.9455 
_refine.correlation_coeff_Fo_to_Fc_free          0.9538 
_refine.B_iso_mean                               197.09 
_refine.aniso_B[1][1]                            -2.2939 
_refine.aniso_B[2][2]                            -2.2939 
_refine.aniso_B[3][3]                            4.5877 
_refine.aniso_B[1][2]                            0.0000 
_refine.aniso_B[1][3]                            0.0000 
_refine.aniso_B[2][3]                            0.0000 
_refine.solvent_model_details                    ? 
_refine.solvent_model_param_ksol                 ? 
_refine.solvent_model_param_bsol                 ? 
_refine.pdbx_solvent_vdw_probe_radii             ? 
_refine.pdbx_solvent_ion_probe_radii             ? 
_refine.pdbx_solvent_shrinkage_radii             ? 
_refine.pdbx_ls_cross_valid_method               THROUGHOUT 
_refine.details                                  
'IDEAL-DIST CONTACT TERM CONTACT SETUP. ALL ATOMS HAVE CCP4 ATOM TYPE FROM LIBRARY' 
_refine.pdbx_starting_model                      'PDB ENTRY 1J4N' 
_refine.pdbx_method_to_determine_struct          'MOLECULAR REPLACEMENT' 
_refine.pdbx_isotropic_thermal_model             ? 
_refine.pdbx_stereochemistry_target_values       ? 
_refine.pdbx_stereochem_target_val_spec_case     ? 
_refine.pdbx_R_Free_selection_details            RANDOM 
_refine.pdbx_overall_ESU_R                       ? 
_refine.pdbx_overall_ESU_R_Free                  ? 
_refine.overall_SU_ML                            ? 
_refine.pdbx_overall_phase_error                 ? 
_refine.overall_SU_B                             ? 
_refine.overall_SU_R_Cruickshank_DPI             ? 
_refine.pdbx_overall_SU_R_free_Cruickshank_DPI   ? 
_refine.pdbx_overall_SU_R_Blow_DPI               ? 
_refine.pdbx_overall_SU_R_free_Blow_DPI          0.538 
# 
_refine_analyze.pdbx_refine_id                  'X-RAY DIFFRACTION' 
_refine_analyze.entry_id                        4CSK 
_refine_analyze.Luzzati_coordinate_error_obs    1.653 
_refine_analyze.Luzzati_sigma_a_obs             ? 
_refine_analyze.Luzzati_d_res_low_obs           ? 
_refine_analyze.Luzzati_coordinate_error_free   ? 
_refine_analyze.Luzzati_sigma_a_free            ? 
_refine_analyze.Luzzati_d_res_low_free          ? 
_refine_analyze.number_disordered_residues      ? 
_refine_analyze.occupancy_sum_hydrogen          ? 
_refine_analyze.occupancy_sum_non_hydrogen      ? 
# 
_refine_hist.pdbx_refine_id                   'X-RAY DIFFRACTION' 
_refine_hist.cycle_id                         LAST 
_refine_hist.pdbx_number_atoms_protein        1722 
_refine_hist.pdbx_number_atoms_nucleic_acid   0 
_refine_hist.pdbx_number_atoms_ligand         0 
_refine_hist.number_atoms_solvent             6 
_refine_hist.number_atoms_total               1728 
_refine_hist.d_res_high                       3.28 
_refine_hist.d_res_low                        12.49 
# 
loop_
_refine_ls_restr.type 
_refine_ls_restr.dev_ideal 
_refine_ls_restr.dev_ideal_target 
_refine_ls_restr.weight 
_refine_ls_restr.number 
_refine_ls_restr.pdbx_refine_id 
_refine_ls_restr.pdbx_restraint_function 
t_bond_d                  0.010 ? 2.00  1755 'X-RAY DIFFRACTION' HARMONIC     
t_angle_deg               1.36  ? 2.00  2388 'X-RAY DIFFRACTION' HARMONIC     
t_dihedral_angle_d        ?     ? 2.00  575  'X-RAY DIFFRACTION' SINUSOIDAL   
t_incorr_chiral_ct        ?     ? ?     ?    'X-RAY DIFFRACTION' ?            
t_pseud_angle             ?     ? ?     ?    'X-RAY DIFFRACTION' ?            
t_trig_c_planes           ?     ? 2.00  27   'X-RAY DIFFRACTION' HARMONIC     
t_gen_planes              ?     ? 5.00  266  'X-RAY DIFFRACTION' HARMONIC     
t_it                      ?     ? 20.00 1755 'X-RAY DIFFRACTION' HARMONIC     
t_nbd                     ?     ? ?     ?    'X-RAY DIFFRACTION' ?            
t_omega_torsion           2.46  ? ?     ?    'X-RAY DIFFRACTION' ?            
t_other_torsion           26.19 ? ?     ?    'X-RAY DIFFRACTION' ?            
t_improper_torsion        ?     ? ?     ?    'X-RAY DIFFRACTION' ?            
t_chiral_improper_torsion ?     ? 5.00  241  'X-RAY DIFFRACTION' SEMIHARMONIC 
t_sum_occupancies         ?     ? ?     ?    'X-RAY DIFFRACTION' ?            
t_utility_distance        ?     ? ?     ?    'X-RAY DIFFRACTION' ?            
t_utility_angle           ?     ? ?     ?    'X-RAY DIFFRACTION' ?            
t_utility_torsion         ?     ? ?     ?    'X-RAY DIFFRACTION' ?            
t_ideal_dist_contact      ?     ? 4.00  2284 'X-RAY DIFFRACTION' SEMIHARMONIC 
# 
_refine_ls_shell.pdbx_refine_id                   'X-RAY DIFFRACTION' 
_refine_ls_shell.pdbx_total_number_of_bins_used   5 
_refine_ls_shell.d_res_high                       3.28 
_refine_ls_shell.d_res_low                        3.67 
_refine_ls_shell.number_reflns_R_work             1445 
_refine_ls_shell.R_factor_R_work                  0.2392 
_refine_ls_shell.percent_reflns_obs               99.05 
_refine_ls_shell.R_factor_R_free                  0.2413 
_refine_ls_shell.R_factor_R_free_error            ? 
_refine_ls_shell.percent_reflns_R_free            5.06 
_refine_ls_shell.number_reflns_R_free             77 
_refine_ls_shell.number_reflns_all                1522 
_refine_ls_shell.R_factor_all                     0.2393 
# 
_struct.entry_id                  4CSK 
_struct.title                     'human Aquaporin' 
_struct.pdbx_model_details        ? 
_struct.pdbx_CASP_flag            ? 
_struct.pdbx_model_type_details   ? 
# 
_struct_keywords.entry_id        4CSK 
_struct_keywords.pdbx_keywords   'TRANSPORT PROTEIN' 
_struct_keywords.text            'TRANSPORT PROTEIN' 
# 
loop_
_struct_asym.id 
_struct_asym.pdbx_blank_PDB_chainid_flag 
_struct_asym.pdbx_modified 
_struct_asym.entity_id 
_struct_asym.details 
A N N 1 ? 
B N N 2 ? 
# 
_struct_biol.id   1 
# 
loop_
_struct_conf.conf_type_id 
_struct_conf.id 
_struct_conf.pdbx_PDB_helix_id 
_struct_conf.beg_label_comp_id 
_struct_conf.beg_label_asym_id 
_struct_conf.beg_label_seq_id 
_struct_conf.pdbx_beg_PDB_ins_code 
_struct_conf.end_label_comp_id 
_struct_conf.end_label_asym_id 
_struct_conf.end_label_seq_id 
_struct_conf.pdbx_end_PDB_ins_code 
_struct_conf.beg_auth_comp_id 
_struct_conf.beg_auth_asym_id 
_struct_conf.beg_auth_seq_id 
_struct_conf.end_auth_comp_id 
_struct_conf.end_auth_asym_id 
_struct_conf.end_auth_seq_id 
_struct_conf.pdbx_PDB_helix_class 
_struct_conf.details 
_struct_conf.pdbx_PDB_helix_length 
HELX_P HELX_P1  1  PHE A 28  ? LEU A 56  ? PHE A 5   LEU A 33  1 ? 29 
HELX_P HELX_P2  2  ASP A 71  ? GLY A 91  ? ASP A 48  GLY A 68  1 ? 21 
HELX_P HELX_P3  3  ASN A 99  ? SER A 109 ? ASN A 76  SER A 86  1 ? 11 
HELX_P HELX_P4  4  PHE A 115 ? THR A 139 ? PHE A 92  THR A 116 1 ? 25 
HELX_P HELX_P5  5  GLY A 161 ? ILE A 166 ? GLY A 138 ILE A 143 1 ? 6  
HELX_P HELX_P6  6  THR A 169 ? THR A 179 ? THR A 146 THR A 156 1 ? 11 
HELX_P HELX_P7  7  SER A 190 ? SER A 198 ? SER A 167 SER A 175 1 ? 9  
HELX_P HELX_P8  8  SER A 198 ? ALA A 206 ? SER A 175 ALA A 183 1 ? 9  
HELX_P HELX_P9  9  ASN A 215 ? GLY A 221 ? ASN A 192 GLY A 198 1 ? 7  
HELX_P HELX_P10 10 TRP A 233 ? GLY A 238 ? TRP A 210 GLY A 215 1 ? 6  
HELX_P HELX_P11 11 PRO A 239 ? PHE A 252 ? PRO A 216 PHE A 229 1 ? 14 
# 
_struct_conf_type.id          HELX_P 
_struct_conf_type.criteria    ? 
_struct_conf_type.reference   ? 
# 
_struct_mon_prot_cis.pdbx_id                1 
_struct_mon_prot_cis.label_comp_id          GLY 
_struct_mon_prot_cis.label_seq_id           238 
_struct_mon_prot_cis.label_asym_id          A 
_struct_mon_prot_cis.label_alt_id           . 
_struct_mon_prot_cis.pdbx_PDB_ins_code      ? 
_struct_mon_prot_cis.auth_comp_id           GLY 
_struct_mon_prot_cis.auth_seq_id            215 
_struct_mon_prot_cis.auth_asym_id           A 
_struct_mon_prot_cis.pdbx_label_comp_id_2   PRO 
_struct_mon_prot_cis.pdbx_label_seq_id_2    239 
_struct_mon_prot_cis.pdbx_label_asym_id_2   A 
_struct_mon_prot_cis.pdbx_PDB_ins_code_2    ? 
_struct_mon_prot_cis.pdbx_auth_comp_id_2    PRO 
_struct_mon_prot_cis.pdbx_auth_seq_id_2     216 
_struct_mon_prot_cis.pdbx_auth_asym_id_2    A 
_struct_mon_prot_cis.pdbx_PDB_model_num     1 
_struct_mon_prot_cis.pdbx_omega_angle       -1.31 
# 
_atom_sites.entry_id                    4CSK 
_atom_sites.fract_transf_matrix[1][1]   0.00551717 
_atom_sites.fract_transf_matrix[1][2]   -0.00338626 
_atom_sites.fract_transf_matrix[1][3]   0.00914092 
_atom_sites.fract_transf_matrix[2][1]   0.00968267 
_atom_sites.fract_transf_matrix[2][2]   0.00068985 
_atom_sites.fract_transf_matrix[2][3]   -0.00558860 
_atom_sites.fract_transf_matrix[3][1]   0.00057520 
_atom_sites.fract_transf_matrix[3][2]   0.00544000 
_atom_sites.fract_transf_matrix[3][3]   0.00166808 
_atom_sites.fract_transf_vector[1]      0.157757 
_atom_sites.fract_transf_vector[2]      0.853539 
_atom_sites.fract_transf_vector[3]      1.149668 
# 
loop_
_atom_type.symbol 
C 
N 
O 
S 
# 
loop_
_atom_site.group_PDB 
_atom_site.id 
_atom_site.type_symbol 
_atom_site.label_atom_id 
_atom_site.label_alt_id 
_atom_site.label_comp_id 
_atom_site.label_asym_id 
_atom_site.label_entity_id 
_atom_site.label_seq_id 
_atom_site.pdbx_PDB_ins_code 
_atom_site.Cartn_x 
_atom_site.Cartn_y 
_atom_site.Cartn_z 
_atom_site.occupancy 
_atom_site.B_iso_or_equiv 
_atom_site.pdbx_formal_charge 
_atom_site.auth_seq_id 
_atom_site.auth_comp_id 
_atom_site.auth_asym_id 
_atom_site.auth_atom_id 
_atom_site.pdbx_PDB_model_num 
ATOM   1    N N   . SER A 1 26  ? 1.866   -31.851 5.989   1.00 226.96 ? 3    SER A N   1 
ATOM   2    C CA  . SER A 1 26  ? 3.101   -31.572 5.259   1.00 220.85 ? 3    SER A CA  1 
ATOM   3    C C   . SER A 1 26  ? 4.151   -30.931 6.162   1.00 225.06 ? 3    SER A C   1 
ATOM   4    O O   . SER A 1 26  ? 3.832   -30.050 6.967   1.00 228.47 ? 3    SER A O   1 
ATOM   5    C CB  . SER A 1 26  ? 2.832   -30.688 4.040   1.00 220.35 ? 3    SER A CB  1 
ATOM   6    O OG  . SER A 1 26  ? 3.948   -30.638 3.164   1.00 222.11 ? 3    SER A OG  1 
ATOM   7    N N   . GLU A 1 27  ? 5.402   -31.385 6.027   1.00 220.32 ? 4    GLU A N   1 
ATOM   8    C CA  . GLU A 1 27  ? 6.538   -30.896 6.811   1.00 220.46 ? 4    GLU A CA  1 
ATOM   9    C C   . GLU A 1 27  ? 7.504   -30.149 5.875   1.00 218.42 ? 4    GLU A C   1 
ATOM   10   O O   . GLU A 1 27  ? 8.729   -30.209 6.015   1.00 217.45 ? 4    GLU A O   1 
ATOM   11   C CB  . GLU A 1 27  ? 7.210   -32.060 7.576   1.00 227.29 ? 4    GLU A CB  1 
ATOM   12   C CG  . GLU A 1 27  ? 6.358   -32.664 8.690   1.00 230.79 ? 4    GLU A CG  1 
ATOM   13   C CD  . GLU A 1 27  ? 5.193   -33.543 8.270   1.00 238.20 ? 4    GLU A CD  1 
ATOM   14   O OE1 . GLU A 1 27  ? 5.437   -34.615 7.670   1.00 236.86 ? 4    GLU A OE1 1 
ATOM   15   O OE2 . GLU A 1 27  ? 4.031   -33.158 8.541   1.00 238.01 ? 4    GLU A OE2 1 
ATOM   16   N N   . PHE A 1 28  ? 6.915   -29.431 4.916   1.00 212.70 ? 5    PHE A N   1 
ATOM   17   C CA  . PHE A 1 28  ? 7.609   -28.640 3.917   1.00 208.68 ? 5    PHE A CA  1 
ATOM   18   C C   . PHE A 1 28  ? 6.766   -27.398 3.598   1.00 210.38 ? 5    PHE A C   1 
ATOM   19   O O   . PHE A 1 28  ? 7.303   -26.289 3.639   1.00 209.84 ? 5    PHE A O   1 
ATOM   20   C CB  . PHE A 1 28  ? 7.904   -29.496 2.672   1.00 206.66 ? 5    PHE A CB  1 
ATOM   21   C CG  . PHE A 1 28  ? 8.254   -28.717 1.430   1.00 203.90 ? 5    PHE A CG  1 
ATOM   22   C CD1 . PHE A 1 28  ? 9.532   -28.205 1.248   1.00 203.83 ? 5    PHE A CD1 1 
ATOM   23   C CD2 . PHE A 1 28  ? 7.300   -28.480 0.445   1.00 203.97 ? 5    PHE A CD2 1 
ATOM   24   C CE1 . PHE A 1 28  ? 9.849   -27.472 0.097   1.00 202.47 ? 5    PHE A CE1 1 
ATOM   25   C CE2 . PHE A 1 28  ? 7.618   -27.748 -0.705  1.00 201.10 ? 5    PHE A CE2 1 
ATOM   26   C CZ  . PHE A 1 28  ? 8.889   -27.251 -0.874  1.00 198.81 ? 5    PHE A CZ  1 
ATOM   27   N N   . LYS A 1 29  ? 5.442   -27.587 3.299   1.00 207.36 ? 6    LYS A N   1 
ATOM   28   C CA  . LYS A 1 29  ? 4.448   -26.526 3.015   1.00 206.04 ? 6    LYS A CA  1 
ATOM   29   C C   . LYS A 1 29  ? 4.336   -25.621 4.246   1.00 209.86 ? 6    LYS A C   1 
ATOM   30   O O   . LYS A 1 29  ? 4.237   -24.399 4.112   1.00 208.79 ? 6    LYS A O   1 
ATOM   31   C CB  . LYS A 1 29  ? 3.069   -27.148 2.665   1.00 208.01 ? 6    LYS A CB  1 
ATOM   32   C CG  . LYS A 1 29  ? 1.895   -26.162 2.503   1.00 214.02 ? 6    LYS A CG  1 
ATOM   33   C CD  . LYS A 1 29  ? 1.709   -25.666 1.058   1.00 214.36 ? 6    LYS A CD  1 
ATOM   34   C CE  . LYS A 1 29  ? 0.448   -24.848 0.879   1.00 214.88 ? 6    LYS A CE  1 
ATOM   35   N NZ  . LYS A 1 29  ? 0.320   -24.320 -0.507  1.00 211.44 ? 6    LYS A NZ  1 
ATOM   36   N N   . LYS A 1 30  ? 4.395   -26.251 5.443   1.00 209.35 ? 7    LYS A N   1 
ATOM   37   C CA  . LYS A 1 30  ? 4.376   -25.635 6.766   1.00 211.96 ? 7    LYS A CA  1 
ATOM   38   C C   . LYS A 1 30  ? 5.530   -24.620 6.861   1.00 212.60 ? 7    LYS A C   1 
ATOM   39   O O   . LYS A 1 30  ? 5.357   -23.553 7.459   1.00 214.26 ? 7    LYS A O   1 
ATOM   40   C CB  . LYS A 1 30  ? 4.542   -26.739 7.822   1.00 215.99 ? 7    LYS A CB  1 
ATOM   41   C CG  . LYS A 1 30  ? 3.920   -26.434 9.170   1.00 229.75 ? 7    LYS A CG  1 
ATOM   42   C CD  . LYS A 1 30  ? 4.105   -27.607 10.124  1.00 231.67 ? 7    LYS A CD  1 
ATOM   43   C CE  . LYS A 1 30  ? 3.456   -27.343 11.457  1.00 236.56 ? 7    LYS A CE  1 
ATOM   44   N NZ  . LYS A 1 30  ? 3.867   -28.337 12.482  1.00 238.68 ? 7    LYS A NZ  1 
ATOM   45   N N   . LYS A 1 31  ? 6.692   -24.951 6.234   1.00 206.26 ? 8    LYS A N   1 
ATOM   46   C CA  . LYS A 1 31  ? 7.901   -24.118 6.177   1.00 204.38 ? 8    LYS A CA  1 
ATOM   47   C C   . LYS A 1 31  ? 7.864   -23.148 4.994   1.00 201.13 ? 8    LYS A C   1 
ATOM   48   O O   . LYS A 1 31  ? 8.547   -22.121 5.019   1.00 200.93 ? 8    LYS A O   1 
ATOM   49   C CB  . LYS A 1 31  ? 9.172   -24.986 6.136   1.00 205.62 ? 8    LYS A CB  1 
ATOM   50   C CG  . LYS A 1 31  ? 9.710   -25.332 7.517   1.00 219.52 ? 8    LYS A CG  1 
ATOM   51   C CD  . LYS A 1 31  ? 10.830  -26.354 7.452   1.00 224.69 ? 8    LYS A CD  1 
ATOM   52   C CE  . LYS A 1 31  ? 11.299  -26.738 8.832   1.00 231.45 ? 8    LYS A CE  1 
ATOM   53   N NZ  . LYS A 1 31  ? 12.285  -27.846 8.783   1.00 233.94 ? 8    LYS A NZ  1 
ATOM   54   N N   . LEU A 1 32  ? 7.055   -23.460 3.970   1.00 193.91 ? 9    LEU A N   1 
ATOM   55   C CA  . LEU A 1 32  ? 6.890   -22.606 2.798   1.00 189.68 ? 9    LEU A CA  1 
ATOM   56   C C   . LEU A 1 32  ? 5.979   -21.430 3.115   1.00 191.53 ? 9    LEU A C   1 
ATOM   57   O O   . LEU A 1 32  ? 5.979   -20.432 2.392   1.00 189.38 ? 9    LEU A O   1 
ATOM   58   C CB  . LEU A 1 32  ? 6.358   -23.422 1.625   1.00 186.82 ? 9    LEU A CB  1 
ATOM   59   C CG  . LEU A 1 32  ? 7.246   -23.446 0.388   1.00 186.50 ? 9    LEU A CG  1 
ATOM   60   C CD1 . LEU A 1 32  ? 8.645   -23.961 0.702   1.00 186.72 ? 9    LEU A CD1 1 
ATOM   61   C CD2 . LEU A 1 32  ? 6.625   -24.285 -0.686  1.00 186.01 ? 9    LEU A CD2 1 
ATOM   62   N N   . PHE A 1 33  ? 5.224   -21.547 4.222   1.00 191.06 ? 10   PHE A N   1 
ATOM   63   C CA  . PHE A 1 33  ? 4.344   -20.510 4.742   1.00 192.09 ? 10   PHE A CA  1 
ATOM   64   C C   . PHE A 1 33  ? 5.199   -19.368 5.312   1.00 193.60 ? 10   PHE A C   1 
ATOM   65   O O   . PHE A 1 33  ? 4.951   -18.201 5.000   1.00 192.67 ? 10   PHE A O   1 
ATOM   66   C CB  . PHE A 1 33  ? 3.414   -21.075 5.840   1.00 196.91 ? 10   PHE A CB  1 
ATOM   67   C CG  . PHE A 1 33  ? 2.558   -20.007 6.478   1.00 200.61 ? 10   PHE A CG  1 
ATOM   68   C CD1 . PHE A 1 33  ? 3.030   -19.265 7.557   1.00 206.18 ? 10   PHE A CD1 1 
ATOM   69   C CD2 . PHE A 1 33  ? 1.300   -19.708 5.971   1.00 201.67 ? 10   PHE A CD2 1 
ATOM   70   C CE1 . PHE A 1 33  ? 2.262   -18.238 8.108   1.00 209.12 ? 10   PHE A CE1 1 
ATOM   71   C CE2 . PHE A 1 33  ? 0.529   -18.691 6.534   1.00 205.91 ? 10   PHE A CE2 1 
ATOM   72   C CZ  . PHE A 1 33  ? 1.024   -17.945 7.580   1.00 207.58 ? 10   PHE A CZ  1 
ATOM   73   N N   . TRP A 1 34  ? 6.166   -19.715 6.191   1.00 191.11 ? 11   TRP A N   1 
ATOM   74   C CA  . TRP A 1 34  ? 7.075   -18.774 6.852   1.00 191.42 ? 11   TRP A CA  1 
ATOM   75   C C   . TRP A 1 34  ? 7.832   -17.915 5.847   1.00 189.71 ? 11   TRP A C   1 
ATOM   76   O O   . TRP A 1 34  ? 7.846   -16.691 6.007   1.00 190.65 ? 11   TRP A O   1 
ATOM   77   C CB  . TRP A 1 34  ? 8.041   -19.507 7.800   1.00 192.03 ? 11   TRP A CB  1 
ATOM   78   C CG  . TRP A 1 34  ? 7.426   -19.904 9.104   1.00 196.06 ? 11   TRP A CG  1 
ATOM   79   C CD1 . TRP A 1 34  ? 6.122   -20.235 9.329   1.00 199.15 ? 11   TRP A CD1 1 
ATOM   80   C CD2 . TRP A 1 34  ? 8.104   -20.058 10.361  1.00 198.93 ? 11   TRP A CD2 1 
ATOM   81   N NE1 . TRP A 1 34  ? 5.936   -20.561 10.647  1.00 202.06 ? 11   TRP A NE1 1 
ATOM   82   C CE2 . TRP A 1 34  ? 7.141   -20.474 11.306  1.00 203.85 ? 11   TRP A CE2 1 
ATOM   83   C CE3 . TRP A 1 34  ? 9.441   -19.891 10.785  1.00 199.90 ? 11   TRP A CE3 1 
ATOM   84   C CZ2 . TRP A 1 34  ? 7.471   -20.722 12.658  1.00 206.07 ? 11   TRP A CZ2 1 
ATOM   85   C CZ3 . TRP A 1 34  ? 9.763   -20.139 12.117  1.00 203.05 ? 11   TRP A CZ3 1 
ATOM   86   C CH2 . TRP A 1 34  ? 8.786   -20.545 13.037  1.00 206.39 ? 11   TRP A CH2 1 
ATOM   87   N N   . ARG A 1 35  ? 8.389   -18.550 4.776   1.00 181.90 ? 12   ARG A N   1 
ATOM   88   C CA  . ARG A 1 35  ? 9.149   -17.893 3.707   1.00 178.00 ? 12   ARG A CA  1 
ATOM   89   C C   . ARG A 1 35  ? 8.340   -16.825 2.995   1.00 176.58 ? 12   ARG A C   1 
ATOM   90   O O   . ARG A 1 35  ? 8.909   -15.851 2.509   1.00 174.80 ? 12   ARG A O   1 
ATOM   91   C CB  . ARG A 1 35  ? 9.698   -18.913 2.718   1.00 175.01 ? 12   ARG A CB  1 
ATOM   92   C CG  . ARG A 1 35  ? 11.095  -18.558 2.254   1.00 182.36 ? 12   ARG A CG  1 
ATOM   93   C CD  . ARG A 1 35  ? 11.517  -19.394 1.068   1.00 191.90 ? 12   ARG A CD  1 
ATOM   94   N NE  . ARG A 1 35  ? 12.031  -20.709 1.457   1.00 203.34 ? 12   ARG A NE  1 
ATOM   95   C CZ  . ARG A 1 35  ? 12.339  -21.681 0.599   1.00 209.37 ? 12   ARG A CZ  1 
ATOM   96   N NH1 . ARG A 1 35  ? 12.180  -21.499 -0.710  1.00 195.84 ? 12   ARG A NH1 1 
ATOM   97   N NH2 . ARG A 1 35  ? 12.805  -22.843 1.043   1.00 201.77 ? 12   ARG A NH2 1 
ATOM   98   N N   . ALA A 1 36  ? 7.014   -16.989 2.980   1.00 173.35 ? 13   ALA A N   1 
ATOM   99   C CA  . ALA A 1 36  ? 6.082   -16.032 2.410   1.00 172.31 ? 13   ALA A CA  1 
ATOM   100  C C   . ALA A 1 36  ? 5.975   -14.816 3.347   1.00 177.82 ? 13   ALA A C   1 
ATOM   101  O O   . ALA A 1 36  ? 6.142   -13.683 2.906   1.00 177.29 ? 13   ALA A O   1 
ATOM   102  C CB  . ALA A 1 36  ? 4.725   -16.687 2.218   1.00 172.07 ? 13   ALA A CB  1 
ATOM   103  N N   . VAL A 1 37  ? 5.768   -15.057 4.645   1.00 178.50 ? 14   VAL A N   1 
ATOM   104  C CA  . VAL A 1 37  ? 5.679   -14.013 5.671   1.00 181.68 ? 14   VAL A CA  1 
ATOM   105  C C   . VAL A 1 37  ? 6.990   -13.186 5.740   1.00 184.91 ? 14   VAL A C   1 
ATOM   106  O O   . VAL A 1 37  ? 6.954   -11.986 6.030   1.00 186.36 ? 14   VAL A O   1 
ATOM   107  C CB  . VAL A 1 37  ? 5.268   -14.629 7.028   1.00 187.66 ? 14   VAL A CB  1 
ATOM   108  C CG1 . VAL A 1 37  ? 4.935   -13.549 8.050   1.00 190.93 ? 14   VAL A CG1 1 
ATOM   109  C CG2 . VAL A 1 37  ? 4.077   -15.564 6.849   1.00 186.92 ? 14   VAL A CG2 1 
ATOM   110  N N   . VAL A 1 38  ? 8.130   -13.833 5.422   1.00 180.86 ? 15   VAL A N   1 
ATOM   111  C CA  . VAL A 1 38  ? 9.458   -13.224 5.314   1.00 180.65 ? 15   VAL A CA  1 
ATOM   112  C C   . VAL A 1 38  ? 9.424   -12.367 4.033   1.00 182.82 ? 15   VAL A C   1 
ATOM   113  O O   . VAL A 1 38  ? 9.673   -11.162 4.098   1.00 183.51 ? 15   VAL A O   1 
ATOM   114  C CB  . VAL A 1 38  ? 10.570  -14.310 5.246   1.00 181.45 ? 15   VAL A CB  1 
ATOM   115  C CG1 . VAL A 1 38  ? 11.940  -13.698 5.007   1.00 180.91 ? 15   VAL A CG1 1 
ATOM   116  C CG2 . VAL A 1 38  ? 10.582  -15.175 6.497   1.00 183.54 ? 15   VAL A CG2 1 
ATOM   117  N N   . ALA A 1 39  ? 9.045   -12.989 2.879   1.00 179.07 ? 16   ALA A N   1 
ATOM   118  C CA  . ALA A 1 39  ? 8.929   -12.327 1.569   1.00 177.53 ? 16   ALA A CA  1 
ATOM   119  C C   . ALA A 1 39  ? 7.859   -11.234 1.571   1.00 182.89 ? 16   ALA A C   1 
ATOM   120  O O   . ALA A 1 39  ? 7.690   -10.520 0.579   1.00 176.60 ? 16   ALA A O   1 
ATOM   121  C CB  . ALA A 1 39  ? 8.638   -13.346 0.476   1.00 174.60 ? 16   ALA A CB  1 
ATOM   122  N N   . GLU A 1 40  ? 7.135   -11.114 2.685   1.00 184.04 ? 17   GLU A N   1 
ATOM   123  C CA  . GLU A 1 40  ? 6.130   -10.093 2.845   1.00 185.84 ? 17   GLU A CA  1 
ATOM   124  C C   . GLU A 1 40  ? 6.776   -8.926  3.608   1.00 193.51 ? 17   GLU A C   1 
ATOM   125  O O   . GLU A 1 40  ? 6.640   -7.783  3.168   1.00 193.88 ? 17   GLU A O   1 
ATOM   126  C CB  . GLU A 1 40  ? 4.862   -10.664 3.510   1.00 187.41 ? 17   GLU A CB  1 
ATOM   127  C CG  . GLU A 1 40  ? 3.561   -9.977  3.110   1.00 193.46 ? 17   GLU A CG  1 
ATOM   128  C CD  . GLU A 1 40  ? 3.234   -9.849  1.632   1.00 199.59 ? 17   GLU A CD  1 
ATOM   129  O OE1 . GLU A 1 40  ? 2.575   -10.762 1.086   1.00 194.09 ? 17   GLU A OE1 1 
ATOM   130  O OE2 . GLU A 1 40  ? 3.582   -8.804  1.034   1.00 175.49 ? 17   GLU A OE2 1 
ATOM   131  N N   . PHE A 1 41  ? 7.556   -9.219  4.684   1.00 194.10 ? 18   PHE A N   1 
ATOM   132  C CA  . PHE A 1 41  ? 8.271   -8.199  5.461   1.00 197.23 ? 18   PHE A CA  1 
ATOM   133  C C   . PHE A 1 41  ? 9.340   -7.533  4.611   1.00 199.10 ? 18   PHE A C   1 
ATOM   134  O O   . PHE A 1 41  ? 9.276   -6.323  4.409   1.00 200.13 ? 18   PHE A O   1 
ATOM   135  C CB  . PHE A 1 41  ? 8.888   -8.775  6.754   1.00 201.03 ? 18   PHE A CB  1 
ATOM   136  C CG  . PHE A 1 41  ? 9.995   -7.949  7.398   1.00 204.66 ? 18   PHE A CG  1 
ATOM   137  C CD1 . PHE A 1 41  ? 9.700   -6.797  8.117   1.00 208.09 ? 18   PHE A CD1 1 
ATOM   138  C CD2 . PHE A 1 41  ? 11.328  -8.341  7.303   1.00 206.37 ? 18   PHE A CD2 1 
ATOM   139  C CE1 . PHE A 1 41  ? 10.721  -6.039  8.710   1.00 211.38 ? 18   PHE A CE1 1 
ATOM   140  C CE2 . PHE A 1 41  ? 12.347  -7.585  7.906   1.00 208.27 ? 18   PHE A CE2 1 
ATOM   141  C CZ  . PHE A 1 41  ? 12.035  -6.440  8.603   1.00 209.37 ? 18   PHE A CZ  1 
ATOM   142  N N   . LEU A 1 42  ? 10.303  -8.320  4.099   1.00 194.79 ? 19   LEU A N   1 
ATOM   143  C CA  . LEU A 1 42  ? 11.418  -7.829  3.285   1.00 193.75 ? 19   LEU A CA  1 
ATOM   144  C C   . LEU A 1 42  ? 10.980  -7.017  2.078   1.00 195.07 ? 19   LEU A C   1 
ATOM   145  O O   . LEU A 1 42  ? 11.703  -6.116  1.654   1.00 195.51 ? 19   LEU A O   1 
ATOM   146  C CB  . LEU A 1 42  ? 12.324  -8.982  2.836   1.00 191.60 ? 19   LEU A CB  1 
ATOM   147  C CG  . LEU A 1 42  ? 13.071  -9.742  3.927   1.00 196.56 ? 19   LEU A CG  1 
ATOM   148  C CD1 . LEU A 1 42  ? 13.779  -10.944 3.341   1.00 193.97 ? 19   LEU A CD1 1 
ATOM   149  C CD2 . LEU A 1 42  ? 14.059  -8.831  4.692   1.00 201.44 ? 19   LEU A CD2 1 
ATOM   150  N N   . ALA A 1 43  ? 9.799   -7.326  1.535   1.00 190.66 ? 20   ALA A N   1 
ATOM   151  C CA  . ALA A 1 43  ? 9.255   -6.613  0.391   1.00 183.48 ? 20   ALA A CA  1 
ATOM   152  C C   . ALA A 1 43  ? 8.664   -5.253  0.796   1.00 187.17 ? 20   ALA A C   1 
ATOM   153  O O   . ALA A 1 43  ? 8.994   -4.245  0.169   1.00 185.91 ? 20   ALA A O   1 
ATOM   154  C CB  . ALA A 1 43  ? 8.217   -7.472  -0.303  1.00 174.51 ? 20   ALA A CB  1 
ATOM   155  N N   . THR A 1 44  ? 7.820   -5.218  1.849   1.00 185.70 ? 21   THR A N   1 
ATOM   156  C CA  . THR A 1 44  ? 7.173   -3.998  2.338   1.00 186.84 ? 21   THR A CA  1 
ATOM   157  C C   . THR A 1 44  ? 8.140   -2.925  2.815   1.00 200.30 ? 21   THR A C   1 
ATOM   158  O O   . THR A 1 44  ? 7.862   -1.745  2.623   1.00 199.46 ? 21   THR A O   1 
ATOM   159  C CB  . THR A 1 44  ? 6.126   -4.312  3.389   1.00 194.48 ? 21   THR A CB  1 
ATOM   160  O OG1 . THR A 1 44  ? 6.473   -5.515  4.069   1.00 198.28 ? 21   THR A OG1 1 
ATOM   161  C CG2 . THR A 1 44  ? 4.771   -4.452  2.802   1.00 183.35 ? 21   THR A CG2 1 
ATOM   162  N N   . THR A 1 45  ? 9.266   -3.330  3.441   1.00 199.43 ? 22   THR A N   1 
ATOM   163  C CA  . THR A 1 45  ? 10.304  -2.412  3.926   1.00 201.46 ? 22   THR A CA  1 
ATOM   164  C C   . THR A 1 45  ? 10.955  -1.677  2.743   1.00 201.81 ? 22   THR A C   1 
ATOM   165  O O   . THR A 1 45  ? 11.073  -0.455  2.789   1.00 203.49 ? 22   THR A O   1 
ATOM   166  C CB  . THR A 1 45  ? 11.258  -3.089  4.953   1.00 207.74 ? 22   THR A CB  1 
ATOM   167  O OG1 . THR A 1 45  ? 12.027  -2.095  5.630   1.00 206.88 ? 22   THR A OG1 1 
ATOM   168  C CG2 . THR A 1 45  ? 12.180  -4.151  4.338   1.00 205.77 ? 22   THR A CG2 1 
ATOM   169  N N   . LEU A 1 46  ? 11.284  -2.414  1.654   1.00 194.83 ? 23   LEU A N   1 
ATOM   170  C CA  . LEU A 1 46  ? 11.845  -1.861  0.419   1.00 192.08 ? 23   LEU A CA  1 
ATOM   171  C C   . LEU A 1 46  ? 10.809  -0.947  -0.218  1.00 193.36 ? 23   LEU A C   1 
ATOM   172  O O   . LEU A 1 46  ? 11.149  0.133   -0.691  1.00 192.87 ? 23   LEU A O   1 
ATOM   173  C CB  . LEU A 1 46  ? 12.213  -2.985  -0.569  1.00 188.48 ? 23   LEU A CB  1 
ATOM   174  C CG  . LEU A 1 46  ? 13.536  -3.711  -0.335  1.00 191.39 ? 23   LEU A CG  1 
ATOM   175  C CD1 . LEU A 1 46  ? 13.530  -5.079  -1.010  1.00 188.21 ? 23   LEU A CD1 1 
ATOM   176  C CD2 . LEU A 1 46  ? 14.722  -2.875  -0.817  1.00 193.18 ? 23   LEU A CD2 1 
ATOM   177  N N   . PHE A 1 47  ? 9.534   -1.375  -0.185  1.00 185.29 ? 24   PHE A N   1 
ATOM   178  C CA  . PHE A 1 47  ? 8.396   -0.634  -0.711  1.00 178.59 ? 24   PHE A CA  1 
ATOM   179  C C   . PHE A 1 47  ? 8.287   0.698   0.016   1.00 190.30 ? 24   PHE A C   1 
ATOM   180  O O   . PHE A 1 47  ? 8.417   1.741   -0.620  1.00 191.38 ? 24   PHE A O   1 
ATOM   181  C CB  . PHE A 1 47  ? 7.108   -1.489  -0.617  1.00 172.64 ? 24   PHE A CB  1 
ATOM   182  C CG  . PHE A 1 47  ? 5.773   -0.791  -0.474  1.00 171.84 ? 24   PHE A CG  1 
ATOM   183  C CD1 . PHE A 1 47  ? 5.363   0.164   -1.400  1.00 171.54 ? 24   PHE A CD1 1 
ATOM   184  C CD2 . PHE A 1 47  ? 4.887   -1.154  0.533   1.00 176.15 ? 24   PHE A CD2 1 
ATOM   185  C CE1 . PHE A 1 47  ? 4.116   0.784   -1.285  1.00 171.77 ? 24   PHE A CE1 1 
ATOM   186  C CE2 . PHE A 1 47  ? 3.638   -0.537  0.644   1.00 178.07 ? 24   PHE A CE2 1 
ATOM   187  C CZ  . PHE A 1 47  ? 3.259   0.426   -0.267  1.00 173.00 ? 24   PHE A CZ  1 
ATOM   188  N N   . VAL A 1 48  ? 8.138   0.660   1.348   1.00 193.09 ? 25   VAL A N   1 
ATOM   189  C CA  . VAL A 1 48  ? 8.030   1.851   2.182   1.00 199.14 ? 25   VAL A CA  1 
ATOM   190  C C   . VAL A 1 48  ? 9.251   2.763   2.003   1.00 203.37 ? 25   VAL A C   1 
ATOM   191  O O   . VAL A 1 48  ? 9.077   3.872   1.512   1.00 203.18 ? 25   VAL A O   1 
ATOM   192  C CB  . VAL A 1 48  ? 7.717   1.501   3.656   1.00 203.86 ? 25   VAL A CB  1 
ATOM   193  C CG1 . VAL A 1 48  ? 7.818   2.731   4.539   1.00 206.56 ? 25   VAL A CG1 1 
ATOM   194  C CG2 . VAL A 1 48  ? 6.334   0.875   3.782   1.00 202.59 ? 25   VAL A CG2 1 
ATOM   195  N N   . PHE A 1 49  ? 10.473  2.264   2.305   1.00 202.21 ? 26   PHE A N   1 
ATOM   196  C CA  . PHE A 1 49  ? 11.752  2.985   2.197   1.00 203.22 ? 26   PHE A CA  1 
ATOM   197  C C   . PHE A 1 49  ? 11.892  3.839   0.939   1.00 204.62 ? 26   PHE A C   1 
ATOM   198  O O   . PHE A 1 49  ? 11.923  5.063   1.030   1.00 205.68 ? 26   PHE A O   1 
ATOM   199  C CB  . PHE A 1 49  ? 12.950  2.015   2.314   1.00 203.96 ? 26   PHE A CB  1 
ATOM   200  C CG  . PHE A 1 49  ? 14.314  2.670   2.293   1.00 206.16 ? 26   PHE A CG  1 
ATOM   201  C CD1 . PHE A 1 49  ? 14.910  3.112   3.471   1.00 210.66 ? 26   PHE A CD1 1 
ATOM   202  C CD2 . PHE A 1 49  ? 15.016  2.817   1.100   1.00 206.20 ? 26   PHE A CD2 1 
ATOM   203  C CE1 . PHE A 1 49  ? 16.174  3.710   3.453   1.00 215.41 ? 26   PHE A CE1 1 
ATOM   204  C CE2 . PHE A 1 49  ? 16.270  3.437   1.082   1.00 209.14 ? 26   PHE A CE2 1 
ATOM   205  C CZ  . PHE A 1 49  ? 16.843  3.871   2.260   1.00 210.40 ? 26   PHE A CZ  1 
ATOM   206  N N   . ILE A 1 50  ? 12.004  3.180   -0.220  1.00 199.65 ? 27   ILE A N   1 
ATOM   207  C CA  . ILE A 1 50  ? 12.182  3.779   -1.542  1.00 197.83 ? 27   ILE A CA  1 
ATOM   208  C C   . ILE A 1 50  ? 11.055  4.764   -1.885  1.00 200.36 ? 27   ILE A C   1 
ATOM   209  O O   . ILE A 1 50  ? 11.341  5.850   -2.386  1.00 200.35 ? 27   ILE A O   1 
ATOM   210  C CB  . ILE A 1 50  ? 12.384  2.640   -2.603  1.00 196.31 ? 27   ILE A CB  1 
ATOM   211  C CG1 . ILE A 1 50  ? 13.760  1.961   -2.419  1.00 197.26 ? 27   ILE A CG1 1 
ATOM   212  C CG2 . ILE A 1 50  ? 12.204  3.113   -4.052  1.00 194.04 ? 27   ILE A CG2 1 
ATOM   213  C CD1 . ILE A 1 50  ? 13.779  0.469   -2.636  1.00 200.56 ? 27   ILE A CD1 1 
ATOM   214  N N   . SER A 1 51  ? 9.791   4.399   -1.588  1.00 198.03 ? 28   SER A N   1 
ATOM   215  C CA  . SER A 1 51  ? 8.627   5.228   -1.898  1.00 198.26 ? 28   SER A CA  1 
ATOM   216  C C   . SER A 1 51  ? 8.503   6.424   -0.982  1.00 207.47 ? 28   SER A C   1 
ATOM   217  O O   . SER A 1 51  ? 8.615   7.567   -1.443  1.00 208.46 ? 28   SER A O   1 
ATOM   218  C CB  . SER A 1 51  ? 7.350   4.404   -1.865  1.00 198.63 ? 28   SER A CB  1 
ATOM   219  O OG  . SER A 1 51  ? 7.431   3.326   -2.783  1.00 203.11 ? 28   SER A OG  1 
ATOM   220  N N   . ILE A 1 52  ? 8.287   6.164   0.323   1.00 207.72 ? 29   ILE A N   1 
ATOM   221  C CA  . ILE A 1 52  ? 8.140   7.197   1.343   1.00 210.57 ? 29   ILE A CA  1 
ATOM   222  C C   . ILE A 1 52  ? 9.365   8.098   1.404   1.00 219.45 ? 29   ILE A C   1 
ATOM   223  O O   . ILE A 1 52  ? 9.208   9.292   1.612   1.00 226.49 ? 29   ILE A O   1 
ATOM   224  C CB  . ILE A 1 52  ? 7.672   6.597   2.690   1.00 216.21 ? 29   ILE A CB  1 
ATOM   225  C CG1 . ILE A 1 52  ? 6.301   7.165   3.095   1.00 221.19 ? 29   ILE A CG1 1 
ATOM   226  C CG2 . ILE A 1 52  ? 8.727   6.675   3.802   1.00 225.65 ? 29   ILE A CG2 1 
ATOM   227  C CD1 . ILE A 1 52  ? 5.543   6.364   4.167   1.00 228.08 ? 29   ILE A CD1 1 
ATOM   228  N N   . GLY A 1 53  ? 10.545  7.533   1.136   1.00 213.28 ? 30   GLY A N   1 
ATOM   229  C CA  . GLY A 1 53  ? 11.807  8.261   1.090   1.00 219.60 ? 30   GLY A CA  1 
ATOM   230  C C   . GLY A 1 53  ? 11.874  9.227   -0.073  1.00 222.56 ? 30   GLY A C   1 
ATOM   231  O O   . GLY A 1 53  ? 12.316  10.366  0.100   1.00 225.78 ? 30   GLY A O   1 
ATOM   232  N N   . SER A 1 54  ? 11.399  8.787   -1.255  1.00 214.04 ? 31   SER A N   1 
ATOM   233  C CA  . SER A 1 54  ? 11.356  9.599   -2.471  1.00 213.65 ? 31   SER A CA  1 
ATOM   234  C C   . SER A 1 54  ? 10.279  10.671  -2.403  1.00 222.39 ? 31   SER A C   1 
ATOM   235  O O   . SER A 1 54  ? 10.385  11.674  -3.109  1.00 224.08 ? 31   SER A O   1 
ATOM   236  C CB  . SER A 1 54  ? 11.147  8.728   -3.701  1.00 212.49 ? 31   SER A CB  1 
ATOM   237  O OG  . SER A 1 54  ? 10.010  7.895   -3.565  1.00 217.23 ? 31   SER A OG  1 
ATOM   238  N N   . ALA A 1 55  ? 9.253   10.470  -1.550  1.00 224.53 ? 32   ALA A N   1 
ATOM   239  C CA  . ALA A 1 55  ? 8.168   11.428  -1.330  1.00 229.32 ? 32   ALA A CA  1 
ATOM   240  C C   . ALA A 1 55  ? 8.707   12.749  -0.745  1.00 230.37 ? 32   ALA A C   1 
ATOM   241  O O   . ALA A 1 55  ? 8.195   13.819  -1.077  1.00 230.26 ? 32   ALA A O   1 
ATOM   242  C CB  . ALA A 1 55  ? 7.123   10.831  -0.400  1.00 229.93 ? 32   ALA A CB  1 
ATOM   243  N N   . LEU A 1 56  ? 9.776   12.661  0.084   1.00 229.93 ? 33   LEU A N   1 
ATOM   244  C CA  . LEU A 1 56  ? 10.455  13.784  0.751   1.00 230.01 ? 33   LEU A CA  1 
ATOM   245  C C   . LEU A 1 56  ? 11.496  14.446  -0.188  1.00 232.48 ? 33   LEU A C   1 
ATOM   246  O O   . LEU A 1 56  ? 12.654  14.655  0.194   1.00 232.19 ? 33   LEU A O   1 
ATOM   247  C CB  . LEU A 1 56  ? 11.119  13.308  2.071   1.00 230.09 ? 33   LEU A CB  1 
ATOM   248  C CG  . LEU A 1 56  ? 10.575  12.030  2.729   1.00 230.69 ? 33   LEU A CG  1 
ATOM   249  C CD1 . LEU A 1 56  ? 11.663  11.274  3.444   1.00 230.70 ? 33   LEU A CD1 1 
ATOM   250  C CD2 . LEU A 1 56  ? 9.409   12.319  3.653   1.00 230.02 ? 33   LEU A CD2 1 
ATOM   251  N N   . GLY A 1 57  ? 11.054  14.766  -1.405  1.00 232.82 ? 34   GLY A N   1 
ATOM   252  C CA  . GLY A 1 57  ? 11.873  15.370  -2.451  1.00 233.10 ? 34   GLY A CA  1 
ATOM   253  C C   . GLY A 1 57  ? 11.589  16.828  -2.747  1.00 235.52 ? 34   GLY A C   1 
ATOM   254  O O   . GLY A 1 57  ? 12.334  17.455  -3.504  1.00 234.96 ? 34   GLY A O   1 
ATOM   255  N N   . PHE A 1 58  ? 10.503  17.375  -2.172  1.00 236.47 ? 35   PHE A N   1 
ATOM   256  C CA  . PHE A 1 58  ? 10.120  18.777  -2.345  1.00 236.93 ? 35   PHE A CA  1 
ATOM   257  C C   . PHE A 1 58  ? 10.917  19.640  -1.388  1.00 238.88 ? 35   PHE A C   1 
ATOM   258  O O   . PHE A 1 58  ? 11.564  20.586  -1.830  1.00 238.67 ? 35   PHE A O   1 
ATOM   259  C CB  . PHE A 1 58  ? 8.597   18.989  -2.188  1.00 237.53 ? 35   PHE A CB  1 
ATOM   260  C CG  . PHE A 1 58  ? 7.944   18.435  -0.939  1.00 238.73 ? 35   PHE A CG  1 
ATOM   261  C CD1 . PHE A 1 58  ? 7.613   17.086  -0.845  1.00 239.77 ? 35   PHE A CD1 1 
ATOM   262  C CD2 . PHE A 1 58  ? 7.622   19.269  0.127   1.00 239.93 ? 35   PHE A CD2 1 
ATOM   263  C CE1 . PHE A 1 58  ? 6.989   16.577  0.298   1.00 241.06 ? 35   PHE A CE1 1 
ATOM   264  C CE2 . PHE A 1 58  ? 7.005   18.758  1.277   1.00 240.72 ? 35   PHE A CE2 1 
ATOM   265  C CZ  . PHE A 1 58  ? 6.693   17.415  1.353   1.00 240.94 ? 35   PHE A CZ  1 
ATOM   266  N N   . LYS A 1 59  ? 10.920  19.279  -0.088  1.00 239.22 ? 36   LYS A N   1 
ATOM   267  C CA  . LYS A 1 59  ? 11.645  19.989  0.968   1.00 239.58 ? 36   LYS A CA  1 
ATOM   268  C C   . LYS A 1 59  ? 13.164  19.866  0.797   1.00 240.09 ? 36   LYS A C   1 
ATOM   269  O O   . LYS A 1 59  ? 13.889  20.808  1.142   1.00 239.96 ? 36   LYS A O   1 
ATOM   270  C CB  . LYS A 1 59  ? 11.190  19.533  2.367   1.00 240.70 ? 36   LYS A CB  1 
ATOM   271  C CG  . LYS A 1 59  ? 9.944   20.254  2.882   1.00 245.21 ? 36   LYS A CG  1 
ATOM   272  C CD  . LYS A 1 59  ? 9.445   19.658  4.198   1.00 247.80 ? 36   LYS A CD  1 
ATOM   273  C CE  . LYS A 1 59  ? 8.335   20.477  4.809   1.00 252.07 ? 36   LYS A CE  1 
ATOM   274  N NZ  . LYS A 1 59  ? 7.800   19.845  6.041   1.00 254.50 ? 36   LYS A NZ  1 
ATOM   275  N N   . TYR A 1 60  ? 13.632  18.718  0.239   1.00 238.67 ? 37   TYR A N   1 
ATOM   276  C CA  . TYR A 1 60  ? 15.038  18.419  -0.048  1.00 238.22 ? 37   TYR A CA  1 
ATOM   277  C C   . TYR A 1 60  ? 15.360  18.960  -1.462  1.00 239.02 ? 37   TYR A C   1 
ATOM   278  O O   . TYR A 1 60  ? 14.903  18.376  -2.446  1.00 238.47 ? 37   TYR A O   1 
ATOM   279  C CB  . TYR A 1 60  ? 15.266  16.900  -0.002  1.00 238.24 ? 37   TYR A CB  1 
ATOM   280  C CG  . TYR A 1 60  ? 16.155  16.386  1.111   1.00 237.91 ? 37   TYR A CG  1 
ATOM   281  C CD1 . TYR A 1 60  ? 15.614  15.961  2.320   1.00 238.18 ? 37   TYR A CD1 1 
ATOM   282  C CD2 . TYR A 1 60  ? 17.517  16.185  0.904   1.00 237.87 ? 37   TYR A CD2 1 
ATOM   283  C CE1 . TYR A 1 60  ? 16.412  15.407  3.319   1.00 238.28 ? 37   TYR A CE1 1 
ATOM   284  C CE2 . TYR A 1 60  ? 18.325  15.629  1.894   1.00 237.76 ? 37   TYR A CE2 1 
ATOM   285  C CZ  . TYR A 1 60  ? 17.767  15.238  3.099   1.00 239.01 ? 37   TYR A CZ  1 
ATOM   286  O OH  . TYR A 1 60  ? 18.561  14.696  4.077   1.00 238.74 ? 37   TYR A OH  1 
ATOM   287  N N   . PRO A 1 61  ? 16.118  20.075  -1.606  1.00 239.26 ? 38   PRO A N   1 
ATOM   288  C CA  . PRO A 1 61  ? 16.386  20.604  -2.952  1.00 239.30 ? 38   PRO A CA  1 
ATOM   289  C C   . PRO A 1 61  ? 17.582  19.931  -3.654  1.00 241.47 ? 38   PRO A C   1 
ATOM   290  O O   . PRO A 1 61  ? 17.916  18.777  -3.354  1.00 241.36 ? 38   PRO A O   1 
ATOM   291  C CB  . PRO A 1 61  ? 16.616  22.115  -2.694  1.00 239.45 ? 38   PRO A CB  1 
ATOM   292  C CG  . PRO A 1 61  ? 16.526  22.308  -1.180  1.00 240.59 ? 38   PRO A CG  1 
ATOM   293  C CD  . PRO A 1 61  ? 16.721  20.950  -0.583  1.00 239.86 ? 38   PRO A CD  1 
ATOM   294  N N   . VAL A 1 62  ? 18.183  20.646  -4.638  1.00 241.41 ? 39   VAL A N   1 
ATOM   295  C CA  . VAL A 1 62  ? 19.380  20.275  -5.416  1.00 241.81 ? 39   VAL A CA  1 
ATOM   296  C C   . VAL A 1 62  ? 20.335  21.519  -5.535  1.00 243.03 ? 39   VAL A C   1 
ATOM   297  O O   . VAL A 1 62  ? 21.419  21.426  -6.120  1.00 242.70 ? 39   VAL A O   1 
ATOM   298  C CB  . VAL A 1 62  ? 19.114  19.566  -6.797  1.00 242.64 ? 39   VAL A CB  1 
ATOM   299  C CG1 . VAL A 1 62  ? 20.005  18.338  -6.967  1.00 242.80 ? 39   VAL A CG1 1 
ATOM   300  C CG2 . VAL A 1 62  ? 17.644  19.190  -7.006  1.00 242.89 ? 39   VAL A CG2 1 
ATOM   301  N N   . GLY A 1 63  ? 19.922  22.646  -4.938  1.00 242.79 ? 40   GLY A N   1 
ATOM   302  C CA  . GLY A 1 63  ? 20.666  23.903  -4.955  1.00 242.82 ? 40   GLY A CA  1 
ATOM   303  C C   . GLY A 1 63  ? 21.142  24.403  -3.602  1.00 244.35 ? 40   GLY A C   1 
ATOM   304  O O   . GLY A 1 63  ? 22.351  24.477  -3.367  1.00 244.36 ? 40   GLY A O   1 
ATOM   305  N N   . ASN A 1 64  ? 20.195  24.782  -2.710  1.00 244.15 ? 41   ASN A N   1 
ATOM   306  C CA  . ASN A 1 64  ? 20.498  25.293  -1.365  1.00 244.49 ? 41   ASN A CA  1 
ATOM   307  C C   . ASN A 1 64  ? 19.467  24.819  -0.303  1.00 245.91 ? 41   ASN A C   1 
ATOM   308  O O   . ASN A 1 64  ? 19.273  23.613  -0.154  1.00 245.88 ? 41   ASN A O   1 
ATOM   309  C CB  . ASN A 1 64  ? 20.690  26.826  -1.387  1.00 244.85 ? 41   ASN A CB  1 
ATOM   310  C CG  . ASN A 1 64  ? 22.109  27.293  -1.125  1.00 251.62 ? 41   ASN A CG  1 
ATOM   311  O OD1 . ASN A 1 64  ? 22.433  27.798  -0.043  1.00 248.19 ? 41   ASN A OD1 1 
ATOM   312  N ND2 . ASN A 1 64  ? 22.980  27.175  -2.118  1.00 248.46 ? 41   ASN A ND2 1 
ATOM   313  N N   . ASN A 1 65  ? 18.835  25.754  0.438   1.00 245.61 ? 42   ASN A N   1 
ATOM   314  C CA  . ASN A 1 65  ? 17.829  25.491  1.477   1.00 245.95 ? 42   ASN A CA  1 
ATOM   315  C C   . ASN A 1 65  ? 16.441  25.911  0.979   1.00 246.82 ? 42   ASN A C   1 
ATOM   316  O O   . ASN A 1 65  ? 15.435  25.359  1.434   1.00 246.76 ? 42   ASN A O   1 
ATOM   317  C CB  . ASN A 1 65  ? 18.187  26.254  2.773   1.00 246.59 ? 42   ASN A CB  1 
ATOM   318  C CG  . ASN A 1 65  ? 17.265  26.049  3.965   1.00 253.35 ? 42   ASN A CG  1 
ATOM   319  O OD1 . ASN A 1 65  ? 16.564  25.032  4.099   1.00 251.38 ? 42   ASN A OD1 1 
ATOM   320  N ND2 . ASN A 1 65  ? 17.286  27.005  4.888   1.00 250.03 ? 42   ASN A ND2 1 
ATOM   321  N N   . GLN A 1 66  ? 16.406  26.899  0.046   1.00 245.91 ? 43   GLN A N   1 
ATOM   322  C CA  . GLN A 1 66  ? 15.210  27.470  -0.589  1.00 245.75 ? 43   GLN A CA  1 
ATOM   323  C C   . GLN A 1 66  ? 14.326  26.353  -1.144  1.00 246.97 ? 43   GLN A C   1 
ATOM   324  O O   . GLN A 1 66  ? 14.665  25.715  -2.150  1.00 246.93 ? 43   GLN A O   1 
ATOM   325  C CB  . GLN A 1 66  ? 15.588  28.490  -1.686  1.00 245.63 ? 43   GLN A CB  1 
ATOM   326  C CG  . GLN A 1 66  ? 16.325  29.737  -1.179  1.00 248.28 ? 43   GLN A CG  1 
ATOM   327  C CD  . GLN A 1 66  ? 17.830  29.595  -1.236  1.00 251.38 ? 43   GLN A CD  1 
ATOM   328  O OE1 . GLN A 1 66  ? 18.430  29.394  -2.301  1.00 249.26 ? 43   GLN A OE1 1 
ATOM   329  N NE2 . GLN A 1 66  ? 18.478  29.735  -0.089  1.00 248.38 ? 43   GLN A NE2 1 
ATOM   330  N N   . THR A 1 67  ? 13.225  26.085  -0.419  1.00 246.38 ? 44   THR A N   1 
ATOM   331  C CA  . THR A 1 67  ? 12.232  25.021  -0.647  1.00 246.39 ? 44   THR A CA  1 
ATOM   332  C C   . THR A 1 67  ? 11.640  24.922  -2.078  1.00 245.61 ? 44   THR A C   1 
ATOM   333  O O   . THR A 1 67  ? 11.568  25.921  -2.802  1.00 245.16 ? 44   THR A O   1 
ATOM   334  C CB  . THR A 1 67  ? 11.153  25.048  0.467   1.00 251.41 ? 44   THR A CB  1 
ATOM   335  O OG1 . THR A 1 67  ? 11.595  25.845  1.578   1.00 251.42 ? 44   THR A OG1 1 
ATOM   336  C CG2 . THR A 1 67  ? 10.765  23.648  0.943   1.00 251.14 ? 44   THR A CG2 1 
ATOM   337  N N   . ALA A 1 68  ? 11.236  23.701  -2.474  1.00 243.85 ? 45   ALA A N   1 
ATOM   338  C CA  . ALA A 1 68  ? 10.617  23.424  -3.772  1.00 242.93 ? 45   ALA A CA  1 
ATOM   339  C C   . ALA A 1 68  ? 9.142   23.011  -3.587  1.00 242.09 ? 45   ALA A C   1 
ATOM   340  O O   . ALA A 1 68  ? 8.632   23.038  -2.461  1.00 242.73 ? 45   ALA A O   1 
ATOM   341  C CB  . ALA A 1 68  ? 11.396  22.338  -4.512  1.00 243.19 ? 45   ALA A CB  1 
ATOM   342  N N   . VAL A 1 69  ? 8.454   22.679  -4.702  1.00 239.48 ? 46   VAL A N   1 
ATOM   343  C CA  . VAL A 1 69  ? 7.051   22.251  -4.730  1.00 238.75 ? 46   VAL A CA  1 
ATOM   344  C C   . VAL A 1 69  ? 6.995   20.848  -5.355  1.00 238.10 ? 46   VAL A C   1 
ATOM   345  O O   . VAL A 1 69  ? 7.568   20.618  -6.426  1.00 237.93 ? 46   VAL A O   1 
ATOM   346  C CB  . VAL A 1 69  ? 6.120   23.287  -5.439  1.00 239.07 ? 46   VAL A CB  1 
ATOM   347  C CG1 . VAL A 1 69  ? 4.698   22.748  -5.625  1.00 238.90 ? 46   VAL A CG1 1 
ATOM   348  C CG2 . VAL A 1 69  ? 6.090   24.616  -4.679  1.00 239.09 ? 46   VAL A CG2 1 
ATOM   349  N N   . GLN A 1 70  ? 6.325   19.916  -4.661  1.00 235.96 ? 47   GLN A N   1 
ATOM   350  C CA  . GLN A 1 70  ? 6.182   18.517  -5.055  1.00 235.30 ? 47   GLN A CA  1 
ATOM   351  C C   . GLN A 1 70  ? 5.468   18.326  -6.393  1.00 233.94 ? 47   GLN A C   1 
ATOM   352  O O   . GLN A 1 70  ? 4.622   19.142  -6.772  1.00 233.21 ? 47   GLN A O   1 
ATOM   353  C CB  . GLN A 1 70  ? 5.448   17.745  -3.945  1.00 235.96 ? 47   GLN A CB  1 
ATOM   354  C CG  . GLN A 1 70  ? 5.783   16.254  -3.871  1.00 237.16 ? 47   GLN A CG  1 
ATOM   355  C CD  . GLN A 1 70  ? 5.199   15.582  -2.651  1.00 241.86 ? 47   GLN A CD  1 
ATOM   356  O OE1 . GLN A 1 70  ? 4.165   15.984  -2.105  1.00 241.82 ? 47   GLN A OE1 1 
ATOM   357  N NE2 . GLN A 1 70  ? 5.866   14.547  -2.181  1.00 239.35 ? 47   GLN A NE2 1 
ATOM   358  N N   . ASP A 1 71  ? 5.837   17.232  -7.103  1.00 232.31 ? 48   ASP A N   1 
ATOM   359  C CA  . ASP A 1 71  ? 5.239   16.764  -8.359  1.00 231.18 ? 48   ASP A CA  1 
ATOM   360  C C   . ASP A 1 71  ? 4.353   15.564  -8.008  1.00 231.49 ? 48   ASP A C   1 
ATOM   361  O O   . ASP A 1 71  ? 4.832   14.569  -7.452  1.00 229.02 ? 48   ASP A O   1 
ATOM   362  C CB  . ASP A 1 71  ? 6.313   16.378  -9.404  1.00 231.21 ? 48   ASP A CB  1 
ATOM   363  C CG  . ASP A 1 71  ? 5.808   16.108  -10.821 1.00 231.02 ? 48   ASP A CG  1 
ATOM   364  O OD1 . ASP A 1 71  ? 4.570   16.039  -11.019 1.00 230.05 ? 48   ASP A OD1 1 
ATOM   365  O OD2 . ASP A 1 71  ? 6.652   15.964  -11.734 1.00 232.56 ? 48   ASP A OD2 1 
ATOM   366  N N   . ASN A 1 72  ? 3.050   15.700  -8.293  1.00 225.16 ? 49   ASN A N   1 
ATOM   367  C CA  . ASN A 1 72  ? 2.004   14.708  -8.031  1.00 219.07 ? 49   ASN A CA  1 
ATOM   368  C C   . ASN A 1 72  ? 2.334   13.357  -8.704  1.00 216.57 ? 49   ASN A C   1 
ATOM   369  O O   . ASN A 1 72  ? 2.226   12.299  -8.080  1.00 215.36 ? 49   ASN A O   1 
ATOM   370  C CB  . ASN A 1 72  ? 0.637   15.236  -8.510  1.00 218.43 ? 49   ASN A CB  1 
ATOM   371  C CG  . ASN A 1 72  ? 0.328   16.683  -8.167  1.00 226.80 ? 49   ASN A CG  1 
ATOM   372  O OD1 . ASN A 1 72  ? -0.259  16.991  -7.127  1.00 225.74 ? 49   ASN A OD1 1 
ATOM   373  N ND2 . ASN A 1 72  ? 0.644   17.599  -9.075  1.00 224.51 ? 49   ASN A ND2 1 
ATOM   374  N N   . VAL A 1 73  ? 2.783   13.429  -9.966  1.00 209.96 ? 50   VAL A N   1 
ATOM   375  C CA  . VAL A 1 73  ? 3.191   12.336  -10.843 1.00 204.13 ? 50   VAL A CA  1 
ATOM   376  C C   . VAL A 1 73  ? 4.393   11.569  -10.261 1.00 204.80 ? 50   VAL A C   1 
ATOM   377  O O   . VAL A 1 73  ? 4.328   10.348  -10.164 1.00 201.75 ? 50   VAL A O   1 
ATOM   378  C CB  . VAL A 1 73  ? 3.402   12.928  -12.264 1.00 205.22 ? 50   VAL A CB  1 
ATOM   379  C CG1 . VAL A 1 73  ? 4.359   12.120  -13.122 1.00 202.06 ? 50   VAL A CG1 1 
ATOM   380  C CG2 . VAL A 1 73  ? 2.069   13.097  -12.964 1.00 203.63 ? 50   VAL A CG2 1 
ATOM   381  N N   . LYS A 1 74  ? 5.440   12.292  -9.816  1.00 204.63 ? 51   LYS A N   1 
ATOM   382  C CA  . LYS A 1 74  ? 6.666   11.770  -9.198  1.00 204.71 ? 51   LYS A CA  1 
ATOM   383  C C   . LYS A 1 74  ? 6.372   10.735  -8.124  1.00 205.76 ? 51   LYS A C   1 
ATOM   384  O O   . LYS A 1 74  ? 6.874   9.621   -8.212  1.00 202.99 ? 51   LYS A O   1 
ATOM   385  C CB  . LYS A 1 74  ? 7.500   12.936  -8.628  1.00 211.19 ? 51   LYS A CB  1 
ATOM   386  C CG  . LYS A 1 74  ? 8.785   12.570  -7.887  1.00 224.48 ? 51   LYS A CG  1 
ATOM   387  C CD  . LYS A 1 74  ? 9.333   13.801  -7.147  1.00 236.08 ? 51   LYS A CD  1 
ATOM   388  C CE  . LYS A 1 74  ? 10.629  13.557  -6.403  1.00 238.37 ? 51   LYS A CE  1 
ATOM   389  N NZ  . LYS A 1 74  ? 11.226  14.825  -5.893  1.00 241.04 ? 51   LYS A NZ  1 
ATOM   390  N N   . VAL A 1 75  ? 5.530   11.088  -7.145  1.00 204.92 ? 52   VAL A N   1 
ATOM   391  C CA  . VAL A 1 75  ? 5.170   10.211  -6.030  1.00 204.44 ? 52   VAL A CA  1 
ATOM   392  C C   . VAL A 1 75  ? 4.095   9.190   -6.381  1.00 202.82 ? 52   VAL A C   1 
ATOM   393  O O   . VAL A 1 75  ? 3.838   8.277   -5.593  1.00 202.29 ? 52   VAL A O   1 
ATOM   394  C CB  . VAL A 1 75  ? 4.807   10.988  -4.753  1.00 211.47 ? 52   VAL A CB  1 
ATOM   395  C CG1 . VAL A 1 75  ? 5.312   10.246  -3.526  1.00 212.33 ? 52   VAL A CG1 1 
ATOM   396  C CG2 . VAL A 1 75  ? 5.354   12.410  -4.794  1.00 214.03 ? 52   VAL A CG2 1 
ATOM   397  N N   . SER A 1 76  ? 3.460   9.340   -7.546  1.00 197.20 ? 53   SER A N   1 
ATOM   398  C CA  . SER A 1 76  ? 2.440   8.395   -7.984  1.00 193.39 ? 53   SER A CA  1 
ATOM   399  C C   . SER A 1 76  ? 3.115   7.143   -8.583  1.00 190.58 ? 53   SER A C   1 
ATOM   400  O O   . SER A 1 76  ? 2.858   6.014   -8.143  1.00 183.33 ? 53   SER A O   1 
ATOM   401  C CB  . SER A 1 76  ? 1.494   9.060   -8.976  1.00 195.65 ? 53   SER A CB  1 
ATOM   402  O OG  . SER A 1 76  ? 0.859   10.188  -8.399  1.00 205.65 ? 53   SER A OG  1 
ATOM   403  N N   . LEU A 1 77  ? 4.017   7.375   -9.555  1.00 185.77 ? 54   LEU A N   1 
ATOM   404  C CA  . LEU A 1 77  ? 4.809   6.364   -10.223 1.00 181.49 ? 54   LEU A CA  1 
ATOM   405  C C   . LEU A 1 77  ? 5.714   5.708   -9.194  1.00 183.30 ? 54   LEU A C   1 
ATOM   406  O O   . LEU A 1 77  ? 5.555   4.523   -8.951  1.00 173.80 ? 54   LEU A O   1 
ATOM   407  C CB  . LEU A 1 77  ? 5.617   7.011   -11.352 1.00 181.18 ? 54   LEU A CB  1 
ATOM   408  C CG  . LEU A 1 77  ? 4.903   7.092   -12.686 1.00 181.79 ? 54   LEU A CG  1 
ATOM   409  C CD1 . LEU A 1 77  ? 4.219   8.418   -12.862 1.00 183.84 ? 54   LEU A CD1 1 
ATOM   410  C CD2 . LEU A 1 77  ? 5.864   6.872   -13.822 1.00 181.86 ? 54   LEU A CD2 1 
ATOM   411  N N   . ALA A 1 78  ? 6.564   6.493   -8.498  1.00 185.06 ? 55   ALA A N   1 
ATOM   412  C CA  . ALA A 1 78  ? 7.477   6.008   -7.451  1.00 186.78 ? 55   ALA A CA  1 
ATOM   413  C C   . ALA A 1 78  ? 6.838   5.042   -6.456  1.00 188.21 ? 55   ALA A C   1 
ATOM   414  O O   . ALA A 1 78  ? 7.514   4.133   -5.993  1.00 185.62 ? 55   ALA A O   1 
ATOM   415  C CB  . ALA A 1 78  ? 8.105   7.175   -6.706  1.00 191.66 ? 55   ALA A CB  1 
ATOM   416  N N   . PHE A 1 79  ? 5.554   5.248   -6.120  1.00 182.37 ? 56   PHE A N   1 
ATOM   417  C CA  . PHE A 1 79  ? 4.825   4.374   -5.210  1.00 177.30 ? 56   PHE A CA  1 
ATOM   418  C C   . PHE A 1 79  ? 4.251   3.231   -6.005  1.00 170.39 ? 56   PHE A C   1 
ATOM   419  O O   . PHE A 1 79  ? 4.377   2.080   -5.593  1.00 166.06 ? 56   PHE A O   1 
ATOM   420  C CB  . PHE A 1 79  ? 3.698   5.124   -4.489  1.00 183.30 ? 56   PHE A CB  1 
ATOM   421  C CG  . PHE A 1 79  ? 3.981   5.466   -3.043  1.00 193.09 ? 56   PHE A CG  1 
ATOM   422  C CD1 . PHE A 1 79  ? 3.719   4.549   -2.029  1.00 193.27 ? 56   PHE A CD1 1 
ATOM   423  C CD2 . PHE A 1 79  ? 4.460   6.722   -2.689  1.00 203.33 ? 56   PHE A CD2 1 
ATOM   424  C CE1 . PHE A 1 79  ? 3.949   4.877   -0.689  1.00 203.56 ? 56   PHE A CE1 1 
ATOM   425  C CE2 . PHE A 1 79  ? 4.694   7.043   -1.350  1.00 208.31 ? 56   PHE A CE2 1 
ATOM   426  C CZ  . PHE A 1 79  ? 4.443   6.117   -0.361  1.00 208.50 ? 56   PHE A CZ  1 
ATOM   427  N N   . GLY A 1 80  ? 3.633   3.562   -7.139  1.00 163.02 ? 57   GLY A N   1 
ATOM   428  C CA  . GLY A 1 80  ? 3.020   2.597   -8.039  1.00 152.54 ? 57   GLY A CA  1 
ATOM   429  C C   . GLY A 1 80  ? 4.017   1.584   -8.556  1.00 149.77 ? 57   GLY A C   1 
ATOM   430  O O   . GLY A 1 80  ? 3.918   0.406   -8.207  1.00 144.30 ? 57   GLY A O   1 
ATOM   431  N N   . LEU A 1 81  ? 5.014   2.058   -9.355  1.00 147.89 ? 58   LEU A N   1 
ATOM   432  C CA  . LEU A 1 81  ? 6.097   1.274   -9.967  1.00 144.05 ? 58   LEU A CA  1 
ATOM   433  C C   . LEU A 1 81  ? 6.848   0.449   -8.942  1.00 148.75 ? 58   LEU A C   1 
ATOM   434  O O   . LEU A 1 81  ? 7.266   -0.663  -9.268  1.00 144.08 ? 58   LEU A O   1 
ATOM   435  C CB  . LEU A 1 81  ? 7.091   2.153   -10.736 1.00 151.03 ? 58   LEU A CB  1 
ATOM   436  C CG  . LEU A 1 81  ? 6.578   2.989   -11.903 1.00 156.59 ? 58   LEU A CG  1 
ATOM   437  C CD1 . LEU A 1 81  ? 7.711   3.782   -12.518 1.00 166.26 ? 58   LEU A CD1 1 
ATOM   438  C CD2 . LEU A 1 81  ? 5.916   2.128   -12.967 1.00 149.07 ? 58   LEU A CD2 1 
ATOM   439  N N   . SER A 1 82  ? 6.990   0.972   -7.702  1.00 151.08 ? 59   SER A N   1 
ATOM   440  C CA  . SER A 1 82  ? 7.620   0.272   -6.584  1.00 153.65 ? 59   SER A CA  1 
ATOM   441  C C   . SER A 1 82  ? 6.876   -1.026  -6.263  1.00 149.35 ? 59   SER A C   1 
ATOM   442  O O   . SER A 1 82  ? 7.525   -1.991  -5.864  1.00 150.40 ? 59   SER A O   1 
ATOM   443  C CB  . SER A 1 82  ? 7.660   1.159   -5.346  1.00 167.58 ? 59   SER A CB  1 
ATOM   444  O OG  . SER A 1 82  ? 8.245   0.517   -4.224  1.00 182.73 ? 59   SER A OG  1 
ATOM   445  N N   . ILE A 1 83  ? 5.527   -1.051  -6.435  1.00 138.79 ? 60   ILE A N   1 
ATOM   446  C CA  . ILE A 1 83  ? 4.697   -2.242  -6.211  1.00 131.98 ? 60   ILE A CA  1 
ATOM   447  C C   . ILE A 1 83  ? 4.887   -3.255  -7.344  1.00 126.90 ? 60   ILE A C   1 
ATOM   448  O O   . ILE A 1 83  ? 5.210   -4.412  -7.076  1.00 123.99 ? 60   ILE A O   1 
ATOM   449  C CB  . ILE A 1 83  ? 3.222   -1.875  -5.923  1.00 133.91 ? 60   ILE A CB  1 
ATOM   450  C CG1 . ILE A 1 83  ? 3.066   -1.344  -4.484  1.00 141.94 ? 60   ILE A CG1 1 
ATOM   451  C CG2 . ILE A 1 83  ? 2.250   -3.033  -6.217  1.00 128.40 ? 60   ILE A CG2 1 
ATOM   452  C CD1 . ILE A 1 83  ? 3.592   -2.283  -3.330  1.00 154.24 ? 60   ILE A CD1 1 
ATOM   453  N N   . ALA A 1 84  ? 4.749   -2.792  -8.603  1.00 118.95 ? 61   ALA A N   1 
ATOM   454  C CA  . ALA A 1 84  ? 4.974   -3.586  -9.801  1.00 111.29 ? 61   ALA A CA  1 
ATOM   455  C C   . ALA A 1 84  ? 6.402   -4.156  -9.798  1.00 115.45 ? 61   ALA A C   1 
ATOM   456  O O   . ALA A 1 84  ? 6.602   -5.251  -10.331 1.00 111.62 ? 61   ALA A O   1 
ATOM   457  C CB  . ALA A 1 84  ? 4.748   -2.734  -11.035 1.00 110.40 ? 61   ALA A CB  1 
ATOM   458  N N   . THR A 1 85  ? 7.383   -3.445  -9.169  1.00 116.81 ? 62   THR A N   1 
ATOM   459  C CA  . THR A 1 85  ? 8.758   -3.948  -9.048  1.00 120.36 ? 62   THR A CA  1 
ATOM   460  C C   . THR A 1 85  ? 8.828   -5.082  -8.021  1.00 122.78 ? 62   THR A C   1 
ATOM   461  O O   . THR A 1 85  ? 9.311   -6.174  -8.348  1.00 121.15 ? 62   THR A O   1 
ATOM   462  C CB  . THR A 1 85  ? 9.795   -2.819  -8.911  1.00 137.97 ? 62   THR A CB  1 
ATOM   463  O OG1 . THR A 1 85  ? 10.102  -2.337  -10.222 1.00 136.97 ? 62   THR A OG1 1 
ATOM   464  C CG2 . THR A 1 85  ? 11.096  -3.267  -8.232  1.00 144.35 ? 62   THR A CG2 1 
ATOM   465  N N   . LEU A 1 86  ? 8.295   -4.844  -6.814  1.00 120.30 ? 63   LEU A N   1 
ATOM   466  C CA  . LEU A 1 86  ? 8.247   -5.857  -5.764  1.00 122.41 ? 63   LEU A CA  1 
ATOM   467  C C   . LEU A 1 86  ? 7.281   -6.974  -6.165  1.00 118.57 ? 63   LEU A C   1 
ATOM   468  O O   . LEU A 1 86  ? 7.521   -8.138  -5.847  1.00 119.30 ? 63   LEU A O   1 
ATOM   469  C CB  . LEU A 1 86  ? 7.830   -5.257  -4.391  1.00 128.61 ? 63   LEU A CB  1 
ATOM   470  C CG  . LEU A 1 86  ? 8.910   -4.928  -3.325  1.00 143.43 ? 63   LEU A CG  1 
ATOM   471  C CD1 . LEU A 1 86  ? 9.976   -6.005  -3.207  1.00 147.23 ? 63   LEU A CD1 1 
ATOM   472  C CD2 . LEU A 1 86  ? 9.538   -3.580  -3.568  1.00 150.65 ? 63   LEU A CD2 1 
ATOM   473  N N   . ALA A 1 87  ? 6.208   -6.634  -6.870  1.00 109.08 ? 64   ALA A N   1 
ATOM   474  C CA  . ALA A 1 87  ? 5.256   -7.643  -7.314  1.00 103.75 ? 64   ALA A CA  1 
ATOM   475  C C   . ALA A 1 87  ? 5.907   -8.717  -8.230  1.00 102.88 ? 64   ALA A C   1 
ATOM   476  O O   . ALA A 1 87  ? 5.742   -9.911  -7.988  1.00 102.30 ? 64   ALA A O   1 
ATOM   477  C CB  . ALA A 1 87  ? 4.075   -6.978  -7.998  1.00 99.86  ? 64   ALA A CB  1 
ATOM   478  N N   . GLN A 1 88  ? 6.710   -8.293  -9.210  1.00 97.14  ? 65   GLN A N   1 
ATOM   479  C CA  . GLN A 1 88  ? 7.422   -9.212  -10.081 1.00 94.65  ? 65   GLN A CA  1 
ATOM   480  C C   . GLN A 1 88  ? 8.542   -9.936  -9.272  1.00 107.52 ? 65   GLN A C   1 
ATOM   481  O O   . GLN A 1 88  ? 9.022   -11.006 -9.674  1.00 106.32 ? 65   GLN A O   1 
ATOM   482  C CB  . GLN A 1 88  ? 7.998   -8.433  -11.283 1.00 94.24  ? 65   GLN A CB  1 
ATOM   483  C CG  . GLN A 1 88  ? 8.626   -9.313  -12.373 1.00 107.16 ? 65   GLN A CG  1 
ATOM   484  C CD  . GLN A 1 88  ? 7.892   -9.301  -13.694 1.00 130.47 ? 65   GLN A CD  1 
ATOM   485  O OE1 . GLN A 1 88  ? 6.655   -9.407  -13.778 1.00 123.66 ? 65   GLN A OE1 1 
ATOM   486  N NE2 . GLN A 1 88  ? 8.661   -9.288  -14.771 1.00 124.94 ? 65   GLN A NE2 1 
ATOM   487  N N   . SER A 1 89  ? 8.922   -9.364  -8.119  1.00 112.89 ? 66   SER A N   1 
ATOM   488  C CA  . SER A 1 89  ? 10.015  -9.883  -7.303  1.00 122.96 ? 66   SER A CA  1 
ATOM   489  C C   . SER A 1 89  ? 9.707   -10.951 -6.247  1.00 132.67 ? 66   SER A C   1 
ATOM   490  O O   . SER A 1 89  ? 10.615  -11.697 -5.863  1.00 139.43 ? 66   SER A O   1 
ATOM   491  C CB  . SER A 1 89  ? 10.832  -8.739  -6.711  1.00 135.34 ? 66   SER A CB  1 
ATOM   492  O OG  . SER A 1 89  ? 11.392  -7.936  -7.735  1.00 143.42 ? 66   SER A OG  1 
ATOM   493  N N   . VAL A 1 90  ? 8.468   -10.995 -5.732  1.00 127.36 ? 67   VAL A N   1 
ATOM   494  C CA  . VAL A 1 90  ? 8.073   -11.945 -4.676  1.00 132.61 ? 67   VAL A CA  1 
ATOM   495  C C   . VAL A 1 90  ? 6.636   -12.459 -4.841  1.00 131.80 ? 67   VAL A C   1 
ATOM   496  O O   . VAL A 1 90  ? 6.092   -13.065 -3.905  1.00 137.40 ? 67   VAL A O   1 
ATOM   497  C CB  . VAL A 1 90  ? 8.289   -11.389 -3.249  1.00 145.01 ? 67   VAL A CB  1 
ATOM   498  C CG1 . VAL A 1 90  ? 9.763   -11.291 -2.893  1.00 153.39 ? 67   VAL A CG1 1 
ATOM   499  C CG2 . VAL A 1 90  ? 7.576   -10.059 -3.065  1.00 141.81 ? 67   VAL A CG2 1 
ATOM   500  N N   . GLY A 1 91  ? 6.039   -12.204 -6.009  1.00 118.21 ? 68   GLY A N   1 
ATOM   501  C CA  . GLY A 1 91  ? 4.683   -12.645 -6.316  1.00 112.99 ? 68   GLY A CA  1 
ATOM   502  C C   . GLY A 1 91  ? 4.576   -14.133 -6.082  1.00 119.42 ? 68   GLY A C   1 
ATOM   503  O O   . GLY A 1 91  ? 3.889   -14.570 -5.145  1.00 124.72 ? 68   GLY A O   1 
ATOM   504  N N   . HIS A 1 92  ? 5.401   -14.895 -6.852  1.00 112.48 ? 69   HIS A N   1 
ATOM   505  C CA  . HIS A 1 92  ? 5.549   -16.350 -6.794  1.00 115.16 ? 69   HIS A CA  1 
ATOM   506  C C   . HIS A 1 92  ? 5.777   -16.917 -5.371  1.00 132.24 ? 69   HIS A C   1 
ATOM   507  O O   . HIS A 1 92  ? 5.548   -18.108 -5.157  1.00 137.30 ? 69   HIS A O   1 
ATOM   508  C CB  . HIS A 1 92  ? 6.606   -16.837 -7.805  1.00 112.27 ? 69   HIS A CB  1 
ATOM   509  C CG  . HIS A 1 92  ? 7.977   -16.264 -7.616  1.00 120.04 ? 69   HIS A CG  1 
ATOM   510  N ND1 . HIS A 1 92  ? 9.089   -17.081 -7.534  1.00 129.09 ? 69   HIS A ND1 1 
ATOM   511  C CD2 . HIS A 1 92  ? 8.380   -14.976 -7.506  1.00 121.47 ? 69   HIS A CD2 1 
ATOM   512  C CE1 . HIS A 1 92  ? 10.125  -16.274 -7.360  1.00 132.35 ? 69   HIS A CE1 1 
ATOM   513  N NE2 . HIS A 1 92  ? 9.750   -14.999 -7.351  1.00 128.34 ? 69   HIS A NE2 1 
ATOM   514  N N   . ILE A 1 93  ? 6.157   -16.062 -4.389  1.00 134.80 ? 70   ILE A N   1 
ATOM   515  C CA  . ILE A 1 93  ? 6.379   -16.512 -3.018  1.00 147.49 ? 70   ILE A CA  1 
ATOM   516  C C   . ILE A 1 93  ? 5.225   -16.250 -2.073  1.00 156.87 ? 70   ILE A C   1 
ATOM   517  O O   . ILE A 1 93  ? 4.781   -17.186 -1.414  1.00 164.24 ? 70   ILE A O   1 
ATOM   518  C CB  . ILE A 1 93  ? 7.792   -16.205 -2.458  1.00 158.36 ? 70   ILE A CB  1 
ATOM   519  C CG1 . ILE A 1 93  ? 8.855   -16.896 -3.336  1.00 158.84 ? 70   ILE A CG1 1 
ATOM   520  C CG2 . ILE A 1 93  ? 7.948   -16.677 -1.005  1.00 166.24 ? 70   ILE A CG2 1 
ATOM   521  C CD1 . ILE A 1 93  ? 9.718   -15.987 -4.061  1.00 161.48 ? 70   ILE A CD1 1 
ATOM   522  N N   . SER A 1 94  ? 4.718   -15.015 -2.015  1.00 151.40 ? 71   SER A N   1 
ATOM   523  C CA  . SER A 1 94  ? 3.600   -14.693 -1.113  1.00 156.71 ? 71   SER A CA  1 
ATOM   524  C C   . SER A 1 94  ? 2.276   -14.501 -1.858  1.00 155.88 ? 71   SER A C   1 
ATOM   525  O O   . SER A 1 94  ? 1.241   -15.074 -1.500  1.00 159.86 ? 71   SER A O   1 
ATOM   526  C CB  . SER A 1 94  ? 3.923   -13.464 -0.255  1.00 162.87 ? 71   SER A CB  1 
ATOM   527  O OG  . SER A 1 94  ? 3.675   -12.227 -0.908  1.00 159.52 ? 71   SER A OG  1 
ATOM   528  N N   . GLY A 1 95  ? 2.352   -13.715 -2.909  1.00 144.28 ? 72   GLY A N   1 
ATOM   529  C CA  . GLY A 1 95  ? 1.223   -13.299 -3.714  1.00 137.98 ? 72   GLY A CA  1 
ATOM   530  C C   . GLY A 1 95  ? 1.338   -11.799 -3.834  1.00 141.03 ? 72   GLY A C   1 
ATOM   531  O O   . GLY A 1 95  ? 0.448   -11.130 -4.388  1.00 137.00 ? 72   GLY A O   1 
ATOM   532  N N   . ALA A 1 96  ? 2.491   -11.282 -3.312  1.00 140.73 ? 73   ALA A N   1 
ATOM   533  C CA  . ALA A 1 96  ? 2.892   -9.882  -3.271  1.00 139.34 ? 73   ALA A CA  1 
ATOM   534  C C   . ALA A 1 96  ? 1.681   -9.015  -2.982  1.00 142.78 ? 73   ALA A C   1 
ATOM   535  O O   . ALA A 1 96  ? 1.149   -8.335  -3.883  1.00 136.95 ? 73   ALA A O   1 
ATOM   536  C CB  . ALA A 1 96  ? 3.586   -9.471  -4.565  1.00 132.64 ? 73   ALA A CB  1 
ATOM   537  N N   . HIS A 1 97  ? 1.177   -9.158  -1.727  1.00 145.22 ? 74   HIS A N   1 
ATOM   538  C CA  . HIS A 1 97  ? 0.052   -8.397  -1.193  1.00 146.40 ? 74   HIS A CA  1 
ATOM   539  C C   . HIS A 1 97  ? 0.586   -7.042  -0.840  1.00 149.98 ? 74   HIS A C   1 
ATOM   540  O O   . HIS A 1 97  ? 0.149   -6.052  -1.425  1.00 145.04 ? 74   HIS A O   1 
ATOM   541  C CB  . HIS A 1 97  ? -0.535  -9.066  0.052   1.00 156.24 ? 74   HIS A CB  1 
ATOM   542  C CG  . HIS A 1 97  ? -1.399  -10.245 -0.237  1.00 159.66 ? 74   HIS A CG  1 
ATOM   543  N ND1 . HIS A 1 97  ? -1.825  -11.079 0.775   1.00 171.26 ? 74   HIS A ND1 1 
ATOM   544  C CD2 . HIS A 1 97  ? -1.912  -10.682 -1.410  1.00 153.86 ? 74   HIS A CD2 1 
ATOM   545  C CE1 . HIS A 1 97  ? -2.569  -12.000 0.189   1.00 169.46 ? 74   HIS A CE1 1 
ATOM   546  N NE2 . HIS A 1 97  ? -2.644  -11.804 -1.127  1.00 159.18 ? 74   HIS A NE2 1 
ATOM   547  N N   . LEU A 1 98  ? 1.580   -7.010  0.080   1.00 153.35 ? 75   LEU A N   1 
ATOM   548  C CA  . LEU A 1 98  ? 2.263   -5.817  0.580   1.00 158.09 ? 75   LEU A CA  1 
ATOM   549  C C   . LEU A 1 98  ? 1.311   -4.785  1.238   1.00 168.50 ? 75   LEU A C   1 
ATOM   550  O O   . LEU A 1 98  ? 1.772   -3.850  1.901   1.00 174.06 ? 75   LEU A O   1 
ATOM   551  C CB  . LEU A 1 98  ? 3.119   -5.150  -0.517  1.00 152.57 ? 75   LEU A CB  1 
ATOM   552  C CG  . LEU A 1 98  ? 4.154   -6.014  -1.238  1.00 153.82 ? 75   LEU A CG  1 
ATOM   553  C CD1 . LEU A 1 98  ? 3.839   -6.105  -2.721  1.00 144.27 ? 75   LEU A CD1 1 
ATOM   554  C CD2 . LEU A 1 98  ? 5.519   -5.417  -1.101  1.00 161.35 ? 75   LEU A CD2 1 
ATOM   555  N N   . ASN A 1 99  ? -0.010  -4.977  1.071   1.00 163.75 ? 76   ASN A N   1 
ATOM   556  C CA  . ASN A 1 99  ? -1.059  -4.091  1.557   1.00 167.21 ? 76   ASN A CA  1 
ATOM   557  C C   . ASN A 1 99  ? -2.111  -4.868  2.346   1.00 176.04 ? 76   ASN A C   1 
ATOM   558  O O   . ASN A 1 99  ? -2.682  -5.825  1.811   1.00 171.39 ? 76   ASN A O   1 
ATOM   559  C CB  . ASN A 1 99  ? -1.699  -3.370  0.361   1.00 162.29 ? 76   ASN A CB  1 
ATOM   560  C CG  . ASN A 1 99  ? -2.830  -2.417  0.664   1.00 195.34 ? 76   ASN A CG  1 
ATOM   561  O OD1 . ASN A 1 99  ? -2.990  -1.896  1.770   1.00 192.32 ? 76   ASN A OD1 1 
ATOM   562  N ND2 . ASN A 1 99  ? -3.616  -2.131  -0.353  1.00 188.03 ? 76   ASN A ND2 1 
ATOM   563  N N   . PRO A 1 100 ? -2.410  -4.439  3.607   1.00 182.48 ? 77   PRO A N   1 
ATOM   564  C CA  . PRO A 1 100 ? -3.435  -5.142  4.407   1.00 190.09 ? 77   PRO A CA  1 
ATOM   565  C C   . PRO A 1 100 ? -4.850  -5.004  3.840   1.00 192.46 ? 77   PRO A C   1 
ATOM   566  O O   . PRO A 1 100 ? -5.712  -5.825  4.163   1.00 196.39 ? 77   PRO A O   1 
ATOM   567  C CB  . PRO A 1 100 ? -3.309  -4.505  5.794   1.00 200.40 ? 77   PRO A CB  1 
ATOM   568  C CG  . PRO A 1 100 ? -1.997  -3.803  5.788   1.00 203.61 ? 77   PRO A CG  1 
ATOM   569  C CD  . PRO A 1 100 ? -1.813  -3.335  4.383   1.00 188.90 ? 77   PRO A CD  1 
ATOM   570  N N   . ALA A 1 101 ? -5.077  -3.979  2.981   1.00 183.26 ? 78   ALA A N   1 
ATOM   571  C CA  . ALA A 1 101 ? -6.339  -3.756  2.271   1.00 181.89 ? 78   ALA A CA  1 
ATOM   572  C C   . ALA A 1 101 ? -6.496  -4.876  1.235   1.00 178.31 ? 78   ALA A C   1 
ATOM   573  O O   . ALA A 1 101 ? -7.577  -5.470  1.143   1.00 181.56 ? 78   ALA A O   1 
ATOM   574  C CB  . ALA A 1 101 ? -6.328  -2.397  1.584   1.00 178.98 ? 78   ALA A CB  1 
ATOM   575  N N   . VAL A 1 102 ? -5.385  -5.190  0.509   1.00 165.37 ? 79   VAL A N   1 
ATOM   576  C CA  . VAL A 1 102 ? -5.268  -6.251  -0.498  1.00 158.16 ? 79   VAL A CA  1 
ATOM   577  C C   . VAL A 1 102 ? -5.499  -7.606  0.182   1.00 168.10 ? 79   VAL A C   1 
ATOM   578  O O   . VAL A 1 102 ? -6.367  -8.376  -0.249  1.00 168.13 ? 79   VAL A O   1 
ATOM   579  C CB  . VAL A 1 102 ? -3.903  -6.166  -1.252  1.00 153.49 ? 79   VAL A CB  1 
ATOM   580  C CG1 . VAL A 1 102 ? -3.537  -7.476  -1.946  1.00 147.98 ? 79   VAL A CG1 1 
ATOM   581  C CG2 . VAL A 1 102 ? -3.902  -5.024  -2.254  1.00 147.93 ? 79   VAL A CG2 1 
ATOM   582  N N   . THR A 1 103 ? -4.754  -7.854  1.276   1.00 170.72 ? 80   THR A N   1 
ATOM   583  C CA  . THR A 1 103 ? -4.811  -9.055  2.110   1.00 179.10 ? 80   THR A CA  1 
ATOM   584  C C   . THR A 1 103 ? -6.267  -9.374  2.523   1.00 189.03 ? 80   THR A C   1 
ATOM   585  O O   . THR A 1 103 ? -6.669  -10.534 2.444   1.00 188.70 ? 80   THR A O   1 
ATOM   586  C CB  . THR A 1 103 ? -3.856  -8.881  3.313   1.00 194.86 ? 80   THR A CB  1 
ATOM   587  O OG1 . THR A 1 103 ? -2.584  -8.420  2.847   1.00 191.49 ? 80   THR A OG1 1 
ATOM   588  C CG2 . THR A 1 103 ? -3.672  -10.156 4.121   1.00 195.12 ? 80   THR A CG2 1 
ATOM   589  N N   . LEU A 1 104 ? -7.054  -8.337  2.912   1.00 188.50 ? 81   LEU A N   1 
ATOM   590  C CA  . LEU A 1 104 ? -8.458  -8.463  3.324   1.00 190.81 ? 81   LEU A CA  1 
ATOM   591  C C   . LEU A 1 104 ? -9.386  -8.805  2.166   1.00 190.56 ? 81   LEU A C   1 
ATOM   592  O O   . LEU A 1 104 ? -10.400 -9.480  2.374   1.00 191.20 ? 81   LEU A O   1 
ATOM   593  C CB  . LEU A 1 104 ? -8.937  -7.180  4.024   1.00 194.53 ? 81   LEU A CB  1 
ATOM   594  C CG  . LEU A 1 104 ? -9.875  -7.291  5.267   1.00 202.42 ? 81   LEU A CG  1 
ATOM   595  C CD1 . LEU A 1 104 ? -11.188 -6.595  5.029   1.00 203.56 ? 81   LEU A CD1 1 
ATOM   596  C CD2 . LEU A 1 104 ? -10.070 -8.722  5.777   1.00 203.82 ? 81   LEU A CD2 1 
ATOM   597  N N   . GLY A 1 105 ? -9.026  -8.338  0.969   1.00 185.14 ? 82   GLY A N   1 
ATOM   598  C CA  . GLY A 1 105 ? -9.754  -8.587  -0.270  1.00 180.63 ? 82   GLY A CA  1 
ATOM   599  C C   . GLY A 1 105 ? -9.797  -10.062 -0.598  1.00 182.89 ? 82   GLY A C   1 
ATOM   600  O O   . GLY A 1 105 ? -10.881 -10.646 -0.709  1.00 183.48 ? 82   GLY A O   1 
ATOM   601  N N   . LEU A 1 106 ? -8.609  -10.688 -0.674  1.00 175.05 ? 83   LEU A N   1 
ATOM   602  C CA  . LEU A 1 106 ? -8.473  -12.117 -0.964  1.00 175.81 ? 83   LEU A CA  1 
ATOM   603  C C   . LEU A 1 106 ? -9.045  -13.015 0.140   1.00 183.24 ? 83   LEU A C   1 
ATOM   604  O O   . LEU A 1 106 ? -9.681  -14.025 -0.164  1.00 182.45 ? 83   LEU A O   1 
ATOM   605  C CB  . LEU A 1 106 ? -7.015  -12.482 -1.300  1.00 167.75 ? 83   LEU A CB  1 
ATOM   606  C CG  . LEU A 1 106 ? -6.396  -11.950 -2.634  1.00 158.76 ? 83   LEU A CG  1 
ATOM   607  C CD1 . LEU A 1 106 ? -7.437  -11.762 -3.757  1.00 154.94 ? 83   LEU A CD1 1 
ATOM   608  C CD2 . LEU A 1 106 ? -5.586  -10.688 -2.423  1.00 156.29 ? 83   LEU A CD2 1 
ATOM   609  N N   . LEU A 1 107 ? -8.863  -12.611 1.414   1.00 184.95 ? 84   LEU A N   1 
ATOM   610  C CA  . LEU A 1 107 ? -9.373  -13.304 2.604   1.00 188.93 ? 84   LEU A CA  1 
ATOM   611  C C   . LEU A 1 107 ? -10.891 -13.408 2.538   1.00 193.82 ? 84   LEU A C   1 
ATOM   612  O O   . LEU A 1 107 ? -11.440 -14.475 2.812   1.00 195.21 ? 84   LEU A O   1 
ATOM   613  C CB  . LEU A 1 107 ? -8.929  -12.566 3.897   1.00 192.36 ? 84   LEU A CB  1 
ATOM   614  C CG  . LEU A 1 107 ? -8.943  -13.319 5.252   1.00 199.67 ? 84   LEU A CG  1 
ATOM   615  C CD1 . LEU A 1 107 ? -10.314 -13.345 5.880   1.00 203.57 ? 84   LEU A CD1 1 
ATOM   616  C CD2 . LEU A 1 107 ? -8.333  -14.715 5.167   1.00 200.23 ? 84   LEU A CD2 1 
ATOM   617  N N   . LEU A 1 108 ? -11.565 -12.307 2.156   1.00 191.45 ? 85   LEU A N   1 
ATOM   618  C CA  . LEU A 1 108 ? -13.017 -12.285 2.019   1.00 193.05 ? 85   LEU A CA  1 
ATOM   619  C C   . LEU A 1 108 ? -13.477 -13.053 0.786   1.00 192.89 ? 85   LEU A C   1 
ATOM   620  O O   . LEU A 1 108 ? -14.587 -13.590 0.771   1.00 193.58 ? 85   LEU A O   1 
ATOM   621  C CB  . LEU A 1 108 ? -13.554 -10.859 2.048   1.00 194.40 ? 85   LEU A CB  1 
ATOM   622  C CG  . LEU A 1 108 ? -14.127 -10.461 3.401   1.00 202.20 ? 85   LEU A CG  1 
ATOM   623  C CD1 . LEU A 1 108 ? -13.435 -9.247  3.950   1.00 202.86 ? 85   LEU A CD1 1 
ATOM   624  C CD2 . LEU A 1 108 ? -15.636 -10.291 3.335   1.00 204.82 ? 85   LEU A CD2 1 
ATOM   625  N N   . SER A 1 109 ? -12.591 -13.171 -0.215  1.00 187.29 ? 86   SER A N   1 
ATOM   626  C CA  . SER A 1 109 ? -12.865 -13.965 -1.406  1.00 184.79 ? 86   SER A CA  1 
ATOM   627  C C   . SER A 1 109 ? -12.555 -15.442 -1.118  1.00 189.46 ? 86   SER A C   1 
ATOM   628  O O   . SER A 1 109 ? -12.752 -16.298 -1.988  1.00 187.66 ? 86   SER A O   1 
ATOM   629  C CB  . SER A 1 109 ? -12.048 -13.460 -2.585  1.00 182.35 ? 86   SER A CB  1 
ATOM   630  O OG  . SER A 1 109 ? -12.899 -12.767 -3.481  1.00 185.90 ? 86   SER A OG  1 
ATOM   631  N N   . CYS A 1 110 ? -12.091 -15.730 0.125   1.00 190.50 ? 87   CYS A N   1 
ATOM   632  C CA  . CYS A 1 110 ? -11.705 -17.042 0.646   1.00 191.88 ? 87   CYS A CA  1 
ATOM   633  C C   . CYS A 1 110 ? -10.522 -17.673 -0.074  1.00 190.18 ? 87   CYS A C   1 
ATOM   634  O O   . CYS A 1 110 ? -10.313 -18.888 0.002   1.00 190.12 ? 87   CYS A O   1 
ATOM   635  C CB  . CYS A 1 110 ? -12.896 -17.987 0.762   1.00 195.14 ? 87   CYS A CB  1 
ATOM   636  S SG  . CYS A 1 110 ? -13.923 -17.685 2.223   1.00 204.08 ? 87   CYS A SG  1 
ATOM   637  N N   . GLN A 1 111 ? -9.713  -16.814 -0.732  1.00 184.06 ? 88   GLN A N   1 
ATOM   638  C CA  . GLN A 1 111 ? -8.497  -17.171 -1.446  1.00 180.05 ? 88   GLN A CA  1 
ATOM   639  C C   . GLN A 1 111 ? -7.451  -17.595 -0.398  1.00 184.32 ? 88   GLN A C   1 
ATOM   640  O O   . GLN A 1 111 ? -7.238  -18.796 -0.232  1.00 184.94 ? 88   GLN A O   1 
ATOM   641  C CB  . GLN A 1 111 ? -8.004  -15.996 -2.320  1.00 177.69 ? 88   GLN A CB  1 
ATOM   642  C CG  . GLN A 1 111 ? -9.007  -15.556 -3.395  1.00 184.01 ? 88   GLN A CG  1 
ATOM   643  C CD  . GLN A 1 111 ? -8.392  -15.187 -4.738  1.00 194.65 ? 88   GLN A CD  1 
ATOM   644  O OE1 . GLN A 1 111 ? -7.360  -15.727 -5.177  1.00 186.95 ? 88   GLN A OE1 1 
ATOM   645  N NE2 . GLN A 1 111 ? -9.071  -14.308 -5.467  1.00 186.91 ? 88   GLN A NE2 1 
ATOM   646  N N   . ILE A 1 112 ? -6.888  -16.635 0.377   1.00 182.95 ? 89   ILE A N   1 
ATOM   647  C CA  . ILE A 1 112 ? -5.891  -16.902 1.431   1.00 184.64 ? 89   ILE A CA  1 
ATOM   648  C C   . ILE A 1 112 ? -6.465  -17.588 2.684   1.00 192.43 ? 89   ILE A C   1 
ATOM   649  O O   . ILE A 1 112 ? -7.684  -17.740 2.816   1.00 193.62 ? 89   ILE A O   1 
ATOM   650  C CB  . ILE A 1 112 ? -5.011  -15.661 1.782   1.00 186.69 ? 89   ILE A CB  1 
ATOM   651  C CG1 . ILE A 1 112 ? -5.851  -14.405 2.078   1.00 188.45 ? 89   ILE A CG1 1 
ATOM   652  C CG2 . ILE A 1 112 ? -3.990  -15.385 0.697   1.00 183.93 ? 89   ILE A CG2 1 
ATOM   653  C CD1 . ILE A 1 112 ? -5.204  -13.428 3.037   1.00 196.26 ? 89   ILE A CD1 1 
ATOM   654  N N   . SER A 1 113 ? -5.565  -18.003 3.598   1.00 192.79 ? 90   SER A N   1 
ATOM   655  C CA  . SER A 1 113 ? -5.886  -18.636 4.879   1.00 197.12 ? 90   SER A CA  1 
ATOM   656  C C   . SER A 1 113 ? -6.196  -17.597 5.961   1.00 202.91 ? 90   SER A C   1 
ATOM   657  O O   . SER A 1 113 ? -5.564  -16.543 6.028   1.00 201.47 ? 90   SER A O   1 
ATOM   658  C CB  . SER A 1 113 ? -4.740  -19.540 5.333   1.00 200.45 ? 90   SER A CB  1 
ATOM   659  O OG  . SER A 1 113 ? -4.877  -19.964 6.681   1.00 211.87 ? 90   SER A OG  1 
ATOM   660  N N   . ILE A 1 114 ? -7.151  -17.939 6.829   1.00 204.51 ? 91   ILE A N   1 
ATOM   661  C CA  . ILE A 1 114 ? -7.632  -17.175 7.987   1.00 207.42 ? 91   ILE A CA  1 
ATOM   662  C C   . ILE A 1 114 ? -6.499  -16.599 8.844   1.00 211.93 ? 91   ILE A C   1 
ATOM   663  O O   . ILE A 1 114 ? -6.600  -15.465 9.319   1.00 213.07 ? 91   ILE A O   1 
ATOM   664  C CB  . ILE A 1 114 ? -8.577  -18.045 8.853   1.00 211.96 ? 91   ILE A CB  1 
ATOM   665  C CG1 . ILE A 1 114 ? -8.733  -19.504 8.321   1.00 211.18 ? 91   ILE A CG1 1 
ATOM   666  C CG2 . ILE A 1 114 ? -9.920  -17.354 9.031   1.00 219.80 ? 91   ILE A CG2 1 
ATOM   667  C CD1 . ILE A 1 114 ? -7.588  -20.528 8.718   1.00 216.86 ? 91   ILE A CD1 1 
ATOM   668  N N   . PHE A 1 115 ? -5.428  -17.394 9.031   1.00 209.86 ? 92   PHE A N   1 
ATOM   669  C CA  . PHE A 1 115 ? -4.231  -17.066 9.805   1.00 210.84 ? 92   PHE A CA  1 
ATOM   670  C C   . PHE A 1 115 ? -3.121  -16.417 8.953   1.00 210.50 ? 92   PHE A C   1 
ATOM   671  O O   . PHE A 1 115 ? -2.336  -15.629 9.488   1.00 210.57 ? 92   PHE A O   1 
ATOM   672  C CB  . PHE A 1 115 ? -3.764  -18.312 10.580  1.00 212.45 ? 92   PHE A CB  1 
ATOM   673  C CG  . PHE A 1 115 ? -2.285  -18.593 10.668  1.00 212.47 ? 92   PHE A CG  1 
ATOM   674  C CD1 . PHE A 1 115 ? -1.513  -18.025 11.675  1.00 222.19 ? 92   PHE A CD1 1 
ATOM   675  C CD2 . PHE A 1 115 ? -1.676  -19.482 9.790   1.00 212.76 ? 92   PHE A CD2 1 
ATOM   676  C CE1 . PHE A 1 115 ? -0.153  -18.328 11.787  1.00 222.07 ? 92   PHE A CE1 1 
ATOM   677  C CE2 . PHE A 1 115 ? -0.317  -19.789 9.909   1.00 213.92 ? 92   PHE A CE2 1 
ATOM   678  C CZ  . PHE A 1 115 ? 0.441   -19.188 10.890  1.00 214.21 ? 92   PHE A CZ  1 
ATOM   679  N N   . ARG A 1 116 ? -3.074  -16.727 7.634   1.00 205.58 ? 93   ARG A N   1 
ATOM   680  C CA  . ARG A 1 116 ? -2.110  -16.145 6.685   1.00 202.09 ? 93   ARG A CA  1 
ATOM   681  C C   . ARG A 1 116 ? -2.323  -14.629 6.609   1.00 206.21 ? 93   ARG A C   1 
ATOM   682  O O   . ARG A 1 116 ? -1.352  -13.875 6.486   1.00 205.23 ? 93   ARG A O   1 
ATOM   683  C CB  . ARG A 1 116 ? -2.271  -16.770 5.288   1.00 197.47 ? 93   ARG A CB  1 
ATOM   684  C CG  . ARG A 1 116 ? -1.163  -16.413 4.276   1.00 196.85 ? 93   ARG A CG  1 
ATOM   685  C CD  . ARG A 1 116 ? -1.475  -16.819 2.835   1.00 190.24 ? 93   ARG A CD  1 
ATOM   686  N NE  . ARG A 1 116 ? -2.005  -18.182 2.756   1.00 190.32 ? 93   ARG A NE  1 
ATOM   687  C CZ  . ARG A 1 116 ? -1.272  -19.269 2.537   1.00 196.30 ? 93   ARG A CZ  1 
ATOM   688  N NH1 . ARG A 1 116 ? 0.033   -19.164 2.308   1.00 181.36 ? 93   ARG A NH1 1 
ATOM   689  N NH2 . ARG A 1 116 ? -1.840  -20.466 2.527   1.00 189.54 ? 93   ARG A NH2 1 
ATOM   690  N N   . ALA A 1 117 ? -3.608  -14.196 6.704   1.00 205.69 ? 94   ALA A N   1 
ATOM   691  C CA  . ALA A 1 117 ? -4.031  -12.799 6.709   1.00 206.14 ? 94   ALA A CA  1 
ATOM   692  C C   . ALA A 1 117 ? -3.397  -12.108 7.902   1.00 211.29 ? 94   ALA A C   1 
ATOM   693  O O   . ALA A 1 117 ? -2.811  -11.043 7.746   1.00 210.88 ? 94   ALA A O   1 
ATOM   694  C CB  . ALA A 1 117 ? -5.546  -12.711 6.801   1.00 208.24 ? 94   ALA A CB  1 
ATOM   695  N N   . LEU A 1 118 ? -3.441  -12.759 9.072   1.00 211.24 ? 95   LEU A N   1 
ATOM   696  C CA  . LEU A 1 118 ? -2.847  -12.228 10.295  1.00 213.75 ? 95   LEU A CA  1 
ATOM   697  C C   . LEU A 1 118 ? -1.326  -12.176 10.210  1.00 216.35 ? 95   LEU A C   1 
ATOM   698  O O   . LEU A 1 118 ? -0.739  -11.171 10.615  1.00 216.25 ? 95   LEU A O   1 
ATOM   699  C CB  . LEU A 1 118 ? -3.310  -13.009 11.540  1.00 217.11 ? 95   LEU A CB  1 
ATOM   700  C CG  . LEU A 1 118 ? -4.797  -12.906 11.836  1.00 224.04 ? 95   LEU A CG  1 
ATOM   701  C CD1 . LEU A 1 118 ? -5.363  -14.241 12.230  1.00 226.32 ? 95   LEU A CD1 1 
ATOM   702  C CD2 . LEU A 1 118 ? -5.089  -11.809 12.840  1.00 225.34 ? 95   LEU A CD2 1 
ATOM   703  N N   . MET A 1 119 ? -0.692  -13.231 9.652   1.00 212.63 ? 96   MET A N   1 
ATOM   704  C CA  . MET A 1 119 ? 0.766   -13.274 9.523   1.00 211.57 ? 96   MET A CA  1 
ATOM   705  C C   . MET A 1 119 ? 1.308   -12.270 8.516   1.00 211.21 ? 96   MET A C   1 
ATOM   706  O O   . MET A 1 119 ? 2.356   -11.672 8.763   1.00 211.16 ? 96   MET A O   1 
ATOM   707  C CB  . MET A 1 119 ? 1.293   -14.697 9.291   1.00 212.04 ? 96   MET A CB  1 
ATOM   708  C CG  . MET A 1 119 ? 1.299   -15.550 10.554  1.00 217.07 ? 96   MET A CG  1 
ATOM   709  S SD  . MET A 1 119 ? 2.413   -15.016 11.897  1.00 220.42 ? 96   MET A SD  1 
ATOM   710  C CE  . MET A 1 119 ? 3.956   -15.743 11.332  1.00 217.22 ? 96   MET A CE  1 
ATOM   711  N N   . TYR A 1 120 ? 0.566   -12.027 7.422   1.00 205.80 ? 97   TYR A N   1 
ATOM   712  C CA  . TYR A 1 120 ? 0.985   -11.042 6.436   1.00 203.10 ? 97   TYR A CA  1 
ATOM   713  C C   . TYR A 1 120 ? 0.788   -9.636  7.016   1.00 207.21 ? 97   TYR A C   1 
ATOM   714  O O   . TYR A 1 120 ? 1.793   -8.985  7.291   1.00 207.93 ? 97   TYR A O   1 
ATOM   715  C CB  . TYR A 1 120 ? 0.261   -11.223 5.086   1.00 200.59 ? 97   TYR A CB  1 
ATOM   716  C CG  . TYR A 1 120 ? 0.731   -12.354 4.176   1.00 198.99 ? 97   TYR A CG  1 
ATOM   717  C CD1 . TYR A 1 120 ? 1.393   -13.473 4.691   1.00 201.20 ? 97   TYR A CD1 1 
ATOM   718  C CD2 . TYR A 1 120 ? 0.414   -12.358 2.816   1.00 195.62 ? 97   TYR A CD2 1 
ATOM   719  C CE1 . TYR A 1 120 ? 1.776   -14.533 3.865   1.00 198.88 ? 97   TYR A CE1 1 
ATOM   720  C CE2 . TYR A 1 120 ? 0.772   -13.423 1.987   1.00 193.23 ? 97   TYR A CE2 1 
ATOM   721  C CZ  . TYR A 1 120 ? 1.445   -14.511 2.517   1.00 197.18 ? 97   TYR A CZ  1 
ATOM   722  O OH  . TYR A 1 120 ? 1.779   -15.561 1.698   1.00 191.09 ? 97   TYR A OH  1 
ATOM   723  N N   . ILE A 1 121 ? -0.480  -9.210  7.300   1.00 205.17 ? 98   ILE A N   1 
ATOM   724  C CA  . ILE A 1 121 ? -0.820  -7.885  7.866   1.00 206.89 ? 98   ILE A CA  1 
ATOM   725  C C   . ILE A 1 121 ? 0.162   -7.442  8.942   1.00 210.71 ? 98   ILE A C   1 
ATOM   726  O O   . ILE A 1 121 ? 0.772   -6.388  8.794   1.00 210.37 ? 98   ILE A O   1 
ATOM   727  C CB  . ILE A 1 121 ? -2.298  -7.751  8.371   1.00 210.15 ? 98   ILE A CB  1 
ATOM   728  C CG1 . ILE A 1 121 ? -3.332  -7.981  7.250   1.00 208.50 ? 98   ILE A CG1 1 
ATOM   729  C CG2 . ILE A 1 121 ? -2.530  -6.379  9.023   1.00 212.82 ? 98   ILE A CG2 1 
ATOM   730  C CD1 . ILE A 1 121 ? -4.781  -8.340  7.750   1.00 212.84 ? 98   ILE A CD1 1 
ATOM   731  N N   . ILE A 1 122 ? 0.312   -8.256  10.010  1.00 210.22 ? 99   ILE A N   1 
ATOM   732  C CA  . ILE A 1 122 ? 1.158   -7.968  11.179  1.00 209.97 ? 99   ILE A CA  1 
ATOM   733  C C   . ILE A 1 122 ? 2.656   -7.788  10.892  1.00 211.90 ? 99   ILE A C   1 
ATOM   734  O O   . ILE A 1 122 ? 3.257   -6.838  11.406  1.00 215.86 ? 99   ILE A O   1 
ATOM   735  C CB  . ILE A 1 122 ? 0.795   -8.831  12.435  1.00 219.23 ? 99   ILE A CB  1 
ATOM   736  C CG1 . ILE A 1 122 ? 0.331   -7.953  13.613  1.00 226.84 ? 99   ILE A CG1 1 
ATOM   737  C CG2 . ILE A 1 122 ? 1.865   -9.861  12.844  1.00 220.06 ? 99   ILE A CG2 1 
ATOM   738  C CD1 . ILE A 1 122 ? -1.170  -7.523  13.569  1.00 228.71 ? 99   ILE A CD1 1 
ATOM   739  N N   . ALA A 1 123 ? 3.237   -8.667  10.049  1.00 210.58 ? 100  ALA A N   1 
ATOM   740  C CA  . ALA A 1 123 ? 4.640   -8.573  9.659   1.00 209.83 ? 100  ALA A CA  1 
ATOM   741  C C   . ALA A 1 123 ? 4.822   -7.444  8.635   1.00 212.12 ? 100  ALA A C   1 
ATOM   742  O O   . ALA A 1 123 ? 5.911   -6.869  8.558   1.00 212.28 ? 100  ALA A O   1 
ATOM   743  C CB  . ALA A 1 123 ? 5.117   -9.893  9.085   1.00 208.44 ? 100  ALA A CB  1 
ATOM   744  N N   . GLN A 1 124 ? 3.747   -7.116  7.868   1.00 209.45 ? 101  GLN A N   1 
ATOM   745  C CA  . GLN A 1 124 ? 3.718   -6.033  6.874   1.00 208.73 ? 101  GLN A CA  1 
ATOM   746  C C   . GLN A 1 124 ? 3.895   -4.682  7.560   1.00 213.91 ? 101  GLN A C   1 
ATOM   747  O O   . GLN A 1 124 ? 4.625   -3.831  7.051   1.00 213.83 ? 101  GLN A O   1 
ATOM   748  C CB  . GLN A 1 124 ? 2.403   -6.037  6.077   1.00 207.66 ? 101  GLN A CB  1 
ATOM   749  C CG  . GLN A 1 124 ? 2.470   -6.798  4.752   1.00 211.04 ? 101  GLN A CG  1 
ATOM   750  C CD  . GLN A 1 124 ? 1.116   -7.007  4.105   1.00 215.45 ? 101  GLN A CD  1 
ATOM   751  O OE1 . GLN A 1 124 ? 0.811   -8.082  3.582   1.00 208.44 ? 101  GLN A OE1 1 
ATOM   752  N NE2 . GLN A 1 124 ? 0.273   -5.993  4.117   1.00 208.46 ? 101  GLN A NE2 1 
ATOM   753  N N   . CYS A 1 125 ? 3.243   -4.501  8.728   1.00 213.95 ? 102  CYS A N   1 
ATOM   754  C CA  . CYS A 1 125 ? 3.329   -3.288  9.535   1.00 214.39 ? 102  CYS A CA  1 
ATOM   755  C C   . CYS A 1 125 ? 4.750   -3.074  10.038  1.00 222.72 ? 102  CYS A C   1 
ATOM   756  O O   . CYS A 1 125 ? 5.195   -1.930  10.070  1.00 225.36 ? 102  CYS A O   1 
ATOM   757  C CB  . CYS A 1 125 ? 2.321   -3.326  10.677  1.00 220.87 ? 102  CYS A CB  1 
ATOM   758  S SG  . CYS A 1 125 ? 0.596   -3.359  10.130  1.00 220.83 ? 102  CYS A SG  1 
ATOM   759  N N   . VAL A 1 126 ? 5.479   -4.181  10.358  1.00 218.98 ? 103  VAL A N   1 
ATOM   760  C CA  . VAL A 1 126 ? 6.884   -4.201  10.819  1.00 221.07 ? 103  VAL A CA  1 
ATOM   761  C C   . VAL A 1 126 ? 7.823   -3.607  9.750   1.00 221.21 ? 103  VAL A C   1 
ATOM   762  O O   . VAL A 1 126 ? 8.703   -2.810  10.089  1.00 223.66 ? 103  VAL A O   1 
ATOM   763  C CB  . VAL A 1 126 ? 7.344   -5.615  11.285  1.00 223.22 ? 103  VAL A CB  1 
ATOM   764  C CG1 . VAL A 1 126 ? 8.783   -5.602  11.803  1.00 225.31 ? 103  VAL A CG1 1 
ATOM   765  C CG2 . VAL A 1 126 ? 6.404   -6.179  12.343  1.00 227.53 ? 103  VAL A CG2 1 
ATOM   766  N N   . GLY A 1 127 ? 7.603   -3.987  8.484   1.00 214.47 ? 104  GLY A N   1 
ATOM   767  C CA  . GLY A 1 127 ? 8.363   -3.501  7.334   1.00 216.41 ? 104  GLY A CA  1 
ATOM   768  C C   . GLY A 1 127 ? 8.383   -1.986  7.259   1.00 217.27 ? 104  GLY A C   1 
ATOM   769  O O   . GLY A 1 127 ? 9.446   -1.385  7.083   1.00 218.55 ? 104  GLY A O   1 
ATOM   770  N N   . ALA A 1 128 ? 7.203   -1.367  7.478   1.00 215.87 ? 105  ALA A N   1 
ATOM   771  C CA  . ALA A 1 128 ? 6.982   0.081   7.487   1.00 218.55 ? 105  ALA A CA  1 
ATOM   772  C C   . ALA A 1 128 ? 7.661   0.762   8.673   1.00 225.45 ? 105  ALA A C   1 
ATOM   773  O O   . ALA A 1 128 ? 8.026   1.932   8.577   1.00 226.03 ? 105  ALA A O   1 
ATOM   774  C CB  . ALA A 1 128 ? 5.494   0.374   7.497   1.00 219.90 ? 105  ALA A CB  1 
ATOM   775  N N   . ILE A 1 129 ? 7.820   0.029   9.788   1.00 224.06 ? 106  ILE A N   1 
ATOM   776  C CA  . ILE A 1 129 ? 8.482   0.517   10.998  1.00 224.06 ? 106  ILE A CA  1 
ATOM   777  C C   . ILE A 1 129 ? 10.003  0.492   10.752  1.00 225.44 ? 106  ILE A C   1 
ATOM   778  O O   . ILE A 1 129 ? 10.663  1.499   11.019  1.00 225.35 ? 106  ILE A O   1 
ATOM   779  C CB  . ILE A 1 129 ? 8.064   -0.298  12.269  1.00 224.27 ? 106  ILE A CB  1 
ATOM   780  C CG1 . ILE A 1 129 ? 6.536   -0.243  12.516  1.00 224.73 ? 106  ILE A CG1 1 
ATOM   781  C CG2 . ILE A 1 129 ? 8.844   0.148   13.520  1.00 223.58 ? 106  ILE A CG2 1 
ATOM   782  C CD1 . ILE A 1 129 ? 5.940   -1.480  13.256  1.00 228.61 ? 106  ILE A CD1 1 
ATOM   783  N N   . VAL A 1 130 ? 10.544  -0.646  10.226  1.00 224.90 ? 107  VAL A N   1 
ATOM   784  C CA  . VAL A 1 130 ? 11.981  -0.844  9.971   1.00 224.61 ? 107  VAL A CA  1 
ATOM   785  C C   . VAL A 1 130 ? 12.533  0.102   8.896   1.00 225.27 ? 107  VAL A C   1 
ATOM   786  O O   . VAL A 1 130 ? 13.648  0.603   9.043   1.00 225.85 ? 107  VAL A O   1 
ATOM   787  C CB  . VAL A 1 130 ? 12.397  -2.334  9.771   1.00 222.94 ? 107  VAL A CB  1 
ATOM   788  C CG1 . VAL A 1 130 ? 13.915  -2.493  9.782   1.00 223.60 ? 107  VAL A CG1 1 
ATOM   789  C CG2 . VAL A 1 130 ? 11.783  -3.232  10.839  1.00 224.65 ? 107  VAL A CG2 1 
ATOM   790  N N   . ALA A 1 131 ? 11.746  0.377   7.847   1.00 219.77 ? 108  ALA A N   1 
ATOM   791  C CA  . ALA A 1 131 ? 12.157  1.282   6.767   1.00 218.62 ? 108  ALA A CA  1 
ATOM   792  C C   . ALA A 1 131 ? 12.240  2.718   7.272   1.00 225.98 ? 108  ALA A C   1 
ATOM   793  O O   . ALA A 1 131 ? 13.236  3.399   7.017   1.00 225.81 ? 108  ALA A O   1 
ATOM   794  C CB  . ALA A 1 131 ? 11.191  1.184   5.597   1.00 214.05 ? 108  ALA A CB  1 
ATOM   795  N N   . THR A 1 132 ? 11.211  3.155   8.032   1.00 225.96 ? 109  THR A N   1 
ATOM   796  C CA  . THR A 1 132 ? 11.137  4.475   8.656   1.00 226.27 ? 109  THR A CA  1 
ATOM   797  C C   . THR A 1 132 ? 12.377  4.638   9.532   1.00 227.11 ? 109  THR A C   1 
ATOM   798  O O   . THR A 1 132 ? 13.011  5.689   9.486   1.00 226.27 ? 109  THR A O   1 
ATOM   799  C CB  . THR A 1 132 ? 9.824   4.614   9.455   1.00 229.50 ? 109  THR A CB  1 
ATOM   800  O OG1 . THR A 1 132 ? 8.717   4.376   8.583   1.00 230.04 ? 109  THR A OG1 1 
ATOM   801  C CG2 . THR A 1 132 ? 9.669   5.981   10.115  1.00 228.49 ? 109  THR A CG2 1 
ATOM   802  N N   . ALA A 1 133 ? 12.750  3.559   10.264  1.00 226.91 ? 110  ALA A N   1 
ATOM   803  C CA  . ALA A 1 133 ? 13.916  3.484   11.144  1.00 226.86 ? 110  ALA A CA  1 
ATOM   804  C C   . ALA A 1 133 ? 15.223  3.663   10.377  1.00 228.15 ? 110  ALA A C   1 
ATOM   805  O O   . ALA A 1 133 ? 16.115  4.361   10.869  1.00 228.15 ? 110  ALA A O   1 
ATOM   806  C CB  . ALA A 1 133 ? 13.922  2.166   11.911  1.00 226.75 ? 110  ALA A CB  1 
ATOM   807  N N   . ILE A 1 134 ? 15.336  3.074   9.172   1.00 227.62 ? 111  ILE A N   1 
ATOM   808  C CA  . ILE A 1 134 ? 16.541  3.235   8.359   1.00 227.40 ? 111  ILE A CA  1 
ATOM   809  C C   . ILE A 1 134 ? 16.555  4.645   7.744   1.00 228.74 ? 111  ILE A C   1 
ATOM   810  O O   . ILE A 1 134 ? 17.607  5.286   7.707   1.00 228.52 ? 111  ILE A O   1 
ATOM   811  C CB  . ILE A 1 134 ? 16.736  2.083   7.328   1.00 227.96 ? 111  ILE A CB  1 
ATOM   812  C CG1 . ILE A 1 134 ? 16.840  0.714   8.047   1.00 227.72 ? 111  ILE A CG1 1 
ATOM   813  C CG2 . ILE A 1 134 ? 17.977  2.314   6.435   1.00 227.87 ? 111  ILE A CG2 1 
ATOM   814  C CD1 . ILE A 1 134 ? 16.492  -0.536  7.178   1.00 229.38 ? 111  ILE A CD1 1 
ATOM   815  N N   . LEU A 1 135 ? 15.380  5.145   7.330   1.00 228.26 ? 112  LEU A N   1 
ATOM   816  C CA  . LEU A 1 135 ? 15.248  6.479   6.746   1.00 228.46 ? 112  LEU A CA  1 
ATOM   817  C C   . LEU A 1 135 ? 15.525  7.606   7.732   1.00 230.78 ? 112  LEU A C   1 
ATOM   818  O O   . LEU A 1 135 ? 16.134  8.604   7.348   1.00 230.63 ? 112  LEU A O   1 
ATOM   819  C CB  . LEU A 1 135 ? 13.873  6.662   6.116   1.00 228.78 ? 112  LEU A CB  1 
ATOM   820  C CG  . LEU A 1 135 ? 13.857  6.679   4.601   1.00 229.49 ? 112  LEU A CG  1 
ATOM   821  C CD1 . LEU A 1 135 ? 12.540  6.178   4.084   1.00 229.91 ? 112  LEU A CD1 1 
ATOM   822  C CD2 . LEU A 1 135 ? 14.168  8.073   4.052   1.00 228.89 ? 112  LEU A CD2 1 
ATOM   823  N N   . SER A 1 136 ? 15.105  7.429   9.003   1.00 231.30 ? 113  SER A N   1 
ATOM   824  C CA  . SER A 1 136 ? 15.269  8.379   10.112  1.00 231.96 ? 113  SER A CA  1 
ATOM   825  C C   . SER A 1 136 ? 16.702  8.909   10.298  1.00 233.68 ? 113  SER A C   1 
ATOM   826  O O   . SER A 1 136 ? 16.883  10.018  10.817  1.00 233.79 ? 113  SER A O   1 
ATOM   827  C CB  . SER A 1 136 ? 14.755  7.776   11.415  1.00 233.04 ? 113  SER A CB  1 
ATOM   828  O OG  . SER A 1 136 ? 13.367  7.493   11.348  1.00 234.82 ? 113  SER A OG  1 
ATOM   829  N N   . GLY A 1 137 ? 17.691  8.113   9.878   1.00 233.37 ? 114  GLY A N   1 
ATOM   830  C CA  . GLY A 1 137 ? 19.106  8.464   9.954   1.00 233.18 ? 114  GLY A CA  1 
ATOM   831  C C   . GLY A 1 137 ? 19.569  9.300   8.777   1.00 234.29 ? 114  GLY A C   1 
ATOM   832  O O   . GLY A 1 137 ? 20.318  10.270  8.944   1.00 234.07 ? 114  GLY A O   1 
ATOM   833  N N   . ILE A 1 138 ? 19.103  8.927   7.577   1.00 233.83 ? 115  ILE A N   1 
ATOM   834  C CA  . ILE A 1 138 ? 19.444  9.602   6.329   1.00 233.79 ? 115  ILE A CA  1 
ATOM   835  C C   . ILE A 1 138 ? 18.665  10.896  6.035   1.00 235.39 ? 115  ILE A C   1 
ATOM   836  O O   . ILE A 1 138 ? 19.171  11.734  5.284   1.00 235.27 ? 115  ILE A O   1 
ATOM   837  C CB  . ILE A 1 138 ? 19.560  8.632   5.126   1.00 234.13 ? 115  ILE A CB  1 
ATOM   838  C CG1 . ILE A 1 138 ? 18.548  7.472   5.233   1.00 234.18 ? 115  ILE A CG1 1 
ATOM   839  C CG2 . ILE A 1 138 ? 20.987  8.108   5.036   1.00 233.78 ? 115  ILE A CG2 1 
ATOM   840  C CD1 . ILE A 1 138 ? 18.189  6.811   3.965   1.00 234.79 ? 115  ILE A CD1 1 
ATOM   841  N N   . THR A 1 139 ? 17.466  11.078  6.639   1.00 234.95 ? 116  THR A N   1 
ATOM   842  C CA  . THR A 1 139 ? 16.657  12.291  6.444   1.00 235.05 ? 116  THR A CA  1 
ATOM   843  C C   . THR A 1 139 ? 17.284  13.511  7.126   1.00 235.96 ? 116  THR A C   1 
ATOM   844  O O   . THR A 1 139 ? 18.199  14.101  6.554   1.00 235.52 ? 116  THR A O   1 
ATOM   845  C CB  . THR A 1 139 ? 15.137  12.063  6.663   1.00 236.11 ? 116  THR A CB  1 
ATOM   846  O OG1 . THR A 1 139 ? 14.448  13.304  6.502   1.00 236.00 ? 116  THR A OG1 1 
ATOM   847  C CG2 . THR A 1 139 ? 14.805  11.479  8.026   1.00 235.76 ? 116  THR A CG2 1 
ATOM   848  N N   . SER A 1 140 ? 16.826  13.865  8.352   1.00 235.86 ? 117  SER A N   1 
ATOM   849  C CA  . SER A 1 140 ? 17.279  14.984  9.195   1.00 236.13 ? 117  SER A CA  1 
ATOM   850  C C   . SER A 1 140 ? 17.170  16.408  8.614   1.00 237.32 ? 117  SER A C   1 
ATOM   851  O O   . SER A 1 140 ? 16.576  17.273  9.264   1.00 237.26 ? 117  SER A O   1 
ATOM   852  C CB  . SER A 1 140 ? 18.650  14.713  9.819   1.00 237.14 ? 117  SER A CB  1 
ATOM   853  O OG  . SER A 1 140 ? 19.637  14.357  8.863   1.00 239.37 ? 117  SER A OG  1 
ATOM   854  N N   . SER A 1 141 ? 17.733  16.648  7.404   1.00 236.75 ? 118  SER A N   1 
ATOM   855  C CA  . SER A 1 141 ? 17.760  17.944  6.705   1.00 236.90 ? 118  SER A CA  1 
ATOM   856  C C   . SER A 1 141 ? 16.393  18.564  6.406   1.00 238.21 ? 118  SER A C   1 
ATOM   857  O O   . SER A 1 141 ? 16.318  19.778  6.195   1.00 238.23 ? 118  SER A O   1 
ATOM   858  C CB  . SER A 1 141 ? 18.583  17.848  5.425   1.00 237.89 ? 118  SER A CB  1 
ATOM   859  O OG  . SER A 1 141 ? 18.649  19.105  4.770   1.00 240.23 ? 118  SER A OG  1 
ATOM   860  N N   . LEU A 1 142 ? 15.330  17.735  6.364   1.00 237.35 ? 119  LEU A N   1 
ATOM   861  C CA  . LEU A 1 142 ? 13.952  18.157  6.103   1.00 237.35 ? 119  LEU A CA  1 
ATOM   862  C C   . LEU A 1 142 ? 13.532  19.240  7.116   1.00 238.78 ? 119  LEU A C   1 
ATOM   863  O O   . LEU A 1 142 ? 13.711  19.060  8.324   1.00 239.00 ? 119  LEU A O   1 
ATOM   864  C CB  . LEU A 1 142 ? 13.003  16.934  6.135   1.00 237.42 ? 119  LEU A CB  1 
ATOM   865  C CG  . LEU A 1 142 ? 11.933  16.849  5.042   1.00 238.20 ? 119  LEU A CG  1 
ATOM   866  C CD1 . LEU A 1 142 ? 12.516  16.375  3.742   1.00 237.92 ? 119  LEU A CD1 1 
ATOM   867  C CD2 . LEU A 1 142 ? 10.864  15.888  5.427   1.00 238.73 ? 119  LEU A CD2 1 
ATOM   868  N N   . THR A 1 143 ? 13.059  20.391  6.600   1.00 238.27 ? 120  THR A N   1 
ATOM   869  C CA  . THR A 1 143 ? 12.656  21.571  7.380   1.00 238.27 ? 120  THR A CA  1 
ATOM   870  C C   . THR A 1 143 ? 11.547  21.349  8.426   1.00 238.78 ? 120  THR A C   1 
ATOM   871  O O   . THR A 1 143 ? 11.554  22.020  9.464   1.00 238.80 ? 120  THR A O   1 
ATOM   872  C CB  . THR A 1 143 ? 12.500  22.827  6.487   1.00 241.01 ? 120  THR A CB  1 
ATOM   873  O OG1 . THR A 1 143 ? 12.129  23.957  7.286   1.00 241.31 ? 120  THR A OG1 1 
ATOM   874  C CG2 . THR A 1 143 ? 11.502  22.632  5.348   1.00 240.82 ? 120  THR A CG2 1 
ATOM   875  N N   . GLY A 1 144 ? 10.629  20.421  8.149   1.00 237.98 ? 121  GLY A N   1 
ATOM   876  C CA  . GLY A 1 144 ? 9.530   20.083  9.049   1.00 238.10 ? 121  GLY A CA  1 
ATOM   877  C C   . GLY A 1 144 ? 9.654   18.708  9.674   1.00 238.78 ? 121  GLY A C   1 
ATOM   878  O O   . GLY A 1 144 ? 8.968   18.408  10.657  1.00 238.80 ? 121  GLY A O   1 
ATOM   879  N N   . ASN A 1 145 ? 10.551  17.870  9.101   1.00 237.81 ? 122  ASN A N   1 
ATOM   880  C CA  . ASN A 1 145 ? 10.849  16.479  9.475   1.00 237.90 ? 122  ASN A CA  1 
ATOM   881  C C   . ASN A 1 145 ? 9.605   15.569  9.415   1.00 238.20 ? 122  ASN A C   1 
ATOM   882  O O   . ASN A 1 145 ? 9.110   15.089  10.441  1.00 238.40 ? 122  ASN A O   1 
ATOM   883  C CB  . ASN A 1 145 ? 11.657  16.385  10.780  1.00 239.28 ? 122  ASN A CB  1 
ATOM   884  C CG  . ASN A 1 145 ? 13.096  16.824  10.612  1.00 252.42 ? 122  ASN A CG  1 
ATOM   885  O OD1 . ASN A 1 145 ? 13.961  16.057  10.174  1.00 251.24 ? 122  ASN A OD1 1 
ATOM   886  N ND2 . ASN A 1 145 ? 13.381  18.078  10.942  1.00 252.02 ? 122  ASN A ND2 1 
ATOM   887  N N   . SER A 1 146 ? 9.097   15.373  8.183   1.00 236.67 ? 123  SER A N   1 
ATOM   888  C CA  . SER A 1 146 ? 7.897   14.603  7.858   1.00 236.59 ? 123  SER A CA  1 
ATOM   889  C C   . SER A 1 146 ? 8.059   13.100  8.093   1.00 237.44 ? 123  SER A C   1 
ATOM   890  O O   . SER A 1 146 ? 7.172   12.491  8.693   1.00 237.58 ? 123  SER A O   1 
ATOM   891  C CB  . SER A 1 146 ? 7.452   14.877  6.423   1.00 237.08 ? 123  SER A CB  1 
ATOM   892  O OG  . SER A 1 146 ? 7.526   16.253  6.086   1.00 237.89 ? 123  SER A OG  1 
ATOM   893  N N   . LEU A 1 147 ? 9.182   12.505  7.610   1.00 236.20 ? 124  LEU A N   1 
ATOM   894  C CA  . LEU A 1 147 ? 9.525   11.074  7.712   1.00 236.14 ? 124  LEU A CA  1 
ATOM   895  C C   . LEU A 1 147 ? 8.368   10.132  7.340   1.00 237.17 ? 124  LEU A C   1 
ATOM   896  O O   . LEU A 1 147 ? 8.131   9.128   8.021   1.00 237.33 ? 124  LEU A O   1 
ATOM   897  C CB  . LEU A 1 147 ? 10.081  10.732  9.105   1.00 236.19 ? 124  LEU A CB  1 
ATOM   898  C CG  . LEU A 1 147 ? 11.527  10.271  9.160   1.00 236.91 ? 124  LEU A CG  1 
ATOM   899  C CD1 . LEU A 1 147 ? 12.092  10.469  10.540  1.00 236.78 ? 124  LEU A CD1 1 
ATOM   900  C CD2 . LEU A 1 147 ? 11.678  8.825   8.722   1.00 237.09 ? 124  LEU A CD2 1 
ATOM   901  N N   . GLY A 1 148 ? 7.663   10.481  6.267   1.00 236.43 ? 125  GLY A N   1 
ATOM   902  C CA  . GLY A 1 148 ? 6.511   9.733   5.785   1.00 236.61 ? 125  GLY A CA  1 
ATOM   903  C C   . GLY A 1 148 ? 5.278   9.999   6.619   1.00 238.03 ? 125  GLY A C   1 
ATOM   904  O O   . GLY A 1 148 ? 5.171   9.507   7.744   1.00 238.03 ? 125  GLY A O   1 
ATOM   905  N N   . ARG A 1 149 ? 4.353   10.810  6.079   1.00 237.79 ? 126  ARG A N   1 
ATOM   906  C CA  . ARG A 1 149 ? 3.104   11.173  6.743   1.00 238.03 ? 126  ARG A CA  1 
ATOM   907  C C   . ARG A 1 149 ? 2.013   11.556  5.757   1.00 239.05 ? 126  ARG A C   1 
ATOM   908  O O   . ARG A 1 149 ? 2.268   12.294  4.799   1.00 238.70 ? 126  ARG A O   1 
ATOM   909  C CB  . ARG A 1 149 ? 3.323   12.309  7.757   1.00 238.03 ? 126  ARG A CB  1 
ATOM   910  C CG  . ARG A 1 149 ? 3.165   11.844  9.197   1.00 242.10 ? 126  ARG A CG  1 
ATOM   911  C CD  . ARG A 1 149 ? 2.900   12.981  10.170  1.00 246.41 ? 126  ARG A CD  1 
ATOM   912  N NE  . ARG A 1 149 ? 4.109   13.743  10.489  1.00 250.88 ? 126  ARG A NE  1 
ATOM   913  C CZ  . ARG A 1 149 ? 5.003   13.389  11.409  1.00 256.60 ? 126  ARG A CZ  1 
ATOM   914  N NH1 . ARG A 1 149 ? 4.847   12.266  12.100  1.00 252.68 ? 126  ARG A NH1 1 
ATOM   915  N NH2 . ARG A 1 149 ? 6.067   14.147  11.633  1.00 252.02 ? 126  ARG A NH2 1 
ATOM   916  N N   . ASN A 1 150 ? 0.794   11.061  6.006   1.00 238.68 ? 127  ASN A N   1 
ATOM   917  C CA  . ASN A 1 150 ? -0.387  11.365  5.202   1.00 238.56 ? 127  ASN A CA  1 
ATOM   918  C C   . ASN A 1 150 ? -1.336  12.185  6.081   1.00 239.97 ? 127  ASN A C   1 
ATOM   919  O O   . ASN A 1 150 ? -1.954  11.631  6.995   1.00 240.10 ? 127  ASN A O   1 
ATOM   920  C CB  . ASN A 1 150 ? -1.068  10.081  4.703   1.00 238.99 ? 127  ASN A CB  1 
ATOM   921  C CG  . ASN A 1 150 ? -0.140  9.036   4.131   1.00 245.24 ? 127  ASN A CG  1 
ATOM   922  O OD1 . ASN A 1 150 ? 0.596   9.266   3.163   1.00 244.14 ? 127  ASN A OD1 1 
ATOM   923  N ND2 . ASN A 1 150 ? -0.197  7.847   4.703   1.00 244.78 ? 127  ASN A ND2 1 
ATOM   924  N N   . ASP A 1 151 ? -1.411  13.509  5.846   1.00 239.29 ? 128  ASP A N   1 
ATOM   925  C CA  . ASP A 1 151 ? -2.237  14.415  6.648   1.00 239.42 ? 128  ASP A CA  1 
ATOM   926  C C   . ASP A 1 151 ? -3.408  14.996  5.849   1.00 240.79 ? 128  ASP A C   1 
ATOM   927  O O   . ASP A 1 151 ? -3.228  15.356  4.683   1.00 240.19 ? 128  ASP A O   1 
ATOM   928  C CB  . ASP A 1 151 ? -1.357  15.542  7.233   1.00 239.82 ? 128  ASP A CB  1 
ATOM   929  C CG  . ASP A 1 151 ? -1.813  16.123  8.560   1.00 240.76 ? 128  ASP A CG  1 
ATOM   930  O OD1 . ASP A 1 151 ? -1.933  15.352  9.539   1.00 241.73 ? 128  ASP A OD1 1 
ATOM   931  O OD2 . ASP A 1 151 ? -1.974  17.357  8.640   1.00 240.22 ? 128  ASP A OD2 1 
ATOM   932  N N   . LEU A 1 152 ? -4.602  15.106  6.490   1.00 241.04 ? 129  LEU A N   1 
ATOM   933  C CA  . LEU A 1 152 ? -5.833  15.674  5.911   1.00 240.95 ? 129  LEU A CA  1 
ATOM   934  C C   . LEU A 1 152 ? -5.562  17.155  5.585   1.00 242.71 ? 129  LEU A C   1 
ATOM   935  O O   . LEU A 1 152 ? -5.735  18.023  6.446   1.00 242.67 ? 129  LEU A O   1 
ATOM   936  C CB  . LEU A 1 152 ? -7.022  15.536  6.906   1.00 241.02 ? 129  LEU A CB  1 
ATOM   937  C CG  . LEU A 1 152 ? -7.824  14.217  6.987   1.00 242.13 ? 129  LEU A CG  1 
ATOM   938  C CD1 . LEU A 1 152 ? -8.647  13.976  5.747   1.00 241.43 ? 129  LEU A CD1 1 
ATOM   939  C CD2 . LEU A 1 152 ? -6.959  13.019  7.340   1.00 243.43 ? 129  LEU A CD2 1 
ATOM   940  N N   . ALA A 1 153 ? -5.068  17.420  4.351   1.00 242.47 ? 130  ALA A N   1 
ATOM   941  C CA  . ALA A 1 153 ? -4.646  18.738  3.849   1.00 242.35 ? 130  ALA A CA  1 
ATOM   942  C C   . ALA A 1 153 ? -5.641  19.889  4.013   1.00 242.71 ? 130  ALA A C   1 
ATOM   943  O O   . ALA A 1 153 ? -6.833  19.651  4.227   1.00 242.36 ? 130  ALA A O   1 
ATOM   944  C CB  . ALA A 1 153 ? -4.179  18.632  2.404   1.00 242.27 ? 130  ALA A CB  1 
ATOM   945  N N   . ASP A 1 154 ? -5.133  21.141  3.936   1.00 242.08 ? 131  ASP A N   1 
ATOM   946  C CA  . ASP A 1 154 ? -5.930  22.361  4.073   1.00 241.73 ? 131  ASP A CA  1 
ATOM   947  C C   . ASP A 1 154 ? -7.066  22.414  3.042   1.00 241.94 ? 131  ASP A C   1 
ATOM   948  O O   . ASP A 1 154 ? -6.841  22.706  1.861   1.00 241.09 ? 131  ASP A O   1 
ATOM   949  C CB  . ASP A 1 154 ? -5.046  23.624  4.035   1.00 242.20 ? 131  ASP A CB  1 
ATOM   950  C CG  . ASP A 1 154 ? -4.631  24.150  5.399   1.00 245.31 ? 131  ASP A CG  1 
ATOM   951  O OD1 . ASP A 1 154 ? -3.695  23.575  5.999   1.00 248.36 ? 131  ASP A OD1 1 
ATOM   952  O OD2 . ASP A 1 154 ? -5.222  25.153  5.853   1.00 245.26 ? 131  ASP A OD2 1 
ATOM   953  N N   . GLY A 1 155 ? -8.261  22.060  3.515   1.00 241.15 ? 132  GLY A N   1 
ATOM   954  C CA  . GLY A 1 155 ? -9.489  22.006  2.732   1.00 240.18 ? 132  GLY A CA  1 
ATOM   955  C C   . GLY A 1 155 ? -10.167 20.649  2.735   1.00 240.78 ? 132  GLY A C   1 
ATOM   956  O O   . GLY A 1 155 ? -11.397 20.569  2.659   1.00 240.03 ? 132  GLY A O   1 
ATOM   957  N N   . VAL A 1 156 ? -9.357  19.571  2.822   1.00 240.60 ? 133  VAL A N   1 
ATOM   958  C CA  . VAL A 1 156 ? -9.778  18.163  2.818   1.00 240.88 ? 133  VAL A CA  1 
ATOM   959  C C   . VAL A 1 156 ? -10.630 17.838  4.048   1.00 242.14 ? 133  VAL A C   1 
ATOM   960  O O   . VAL A 1 156 ? -10.231 18.152  5.171   1.00 242.81 ? 133  VAL A O   1 
ATOM   961  C CB  . VAL A 1 156 ? -8.568  17.205  2.670   1.00 242.34 ? 133  VAL A CB  1 
ATOM   962  C CG1 . VAL A 1 156 ? -9.023  15.774  2.401   1.00 242.49 ? 133  VAL A CG1 1 
ATOM   963  C CG2 . VAL A 1 156 ? -7.634  17.684  1.566   1.00 242.05 ? 133  VAL A CG2 1 
ATOM   964  N N   . ASN A 1 157 ? -11.809 17.219  3.811   1.00 241.19 ? 134  ASN A N   1 
ATOM   965  C CA  . ASN A 1 157 ? -12.814 16.836  4.808   1.00 241.31 ? 134  ASN A CA  1 
ATOM   966  C C   . ASN A 1 157 ? -12.266 16.018  5.989   1.00 243.01 ? 134  ASN A C   1 
ATOM   967  O O   . ASN A 1 157 ? -11.713 14.932  5.794   1.00 243.34 ? 134  ASN A O   1 
ATOM   968  C CB  . ASN A 1 157 ? -14.005 16.126  4.143   1.00 240.96 ? 134  ASN A CB  1 
ATOM   969  C CG  . ASN A 1 157 ? -15.044 17.040  3.529   1.00 246.56 ? 134  ASN A CG  1 
ATOM   970  O OD1 . ASN A 1 157 ? -14.742 17.946  2.738   1.00 242.43 ? 134  ASN A OD1 1 
ATOM   971  N ND2 . ASN A 1 157 ? -16.308 16.777  3.831   1.00 242.39 ? 134  ASN A ND2 1 
ATOM   972  N N   . SER A 1 158 ? -12.427 16.573  7.218   1.00 242.49 ? 135  SER A N   1 
ATOM   973  C CA  . SER A 1 158 ? -12.004 15.987  8.499   1.00 243.16 ? 135  SER A CA  1 
ATOM   974  C C   . SER A 1 158 ? -12.862 14.752  8.814   1.00 242.97 ? 135  SER A C   1 
ATOM   975  O O   . SER A 1 158 ? -14.086 14.874  8.957   1.00 242.74 ? 135  SER A O   1 
ATOM   976  C CB  . SER A 1 158 ? -12.117 17.016  9.628   1.00 244.64 ? 135  SER A CB  1 
ATOM   977  O OG  . SER A 1 158 ? -11.255 18.128  9.445   1.00 247.74 ? 135  SER A OG  1 
ATOM   978  N N   . GLY A 1 159 ? -12.228 13.575  8.862   1.00 241.34 ? 136  GLY A N   1 
ATOM   979  C CA  . GLY A 1 159 ? -12.913 12.313  9.129   1.00 240.76 ? 136  GLY A CA  1 
ATOM   980  C C   . GLY A 1 159 ? -13.661 11.805  7.917   1.00 239.11 ? 136  GLY A C   1 
ATOM   981  O O   . GLY A 1 159 ? -13.588 10.617  7.598   1.00 238.89 ? 136  GLY A O   1 
ATOM   982  N N   . GLN A 1 160 ? -14.365 12.716  7.216   1.00 236.59 ? 137  GLN A N   1 
ATOM   983  C CA  . GLN A 1 160 ? -15.088 12.430  5.983   1.00 235.49 ? 137  GLN A CA  1 
ATOM   984  C C   . GLN A 1 160 ? -14.119 12.253  4.806   1.00 235.10 ? 137  GLN A C   1 
ATOM   985  O O   . GLN A 1 160 ? -14.561 12.020  3.680   1.00 234.03 ? 137  GLN A O   1 
ATOM   986  C CB  . GLN A 1 160 ? -16.145 13.500  5.691   1.00 235.09 ? 137  GLN A CB  1 
ATOM   987  C CG  . GLN A 1 160 ? -17.479 13.222  6.360   1.00 241.96 ? 137  GLN A CG  1 
ATOM   988  C CD  . GLN A 1 160 ? -17.611 13.909  7.693   1.00 248.65 ? 137  GLN A CD  1 
ATOM   989  O OE1 . GLN A 1 160 ? -17.415 15.123  7.820   1.00 246.85 ? 137  GLN A OE1 1 
ATOM   990  N NE2 . GLN A 1 160 ? -18.009 13.155  8.705   1.00 244.74 ? 137  GLN A NE2 1 
ATOM   991  N N   . GLY A 1 161 ? -12.811 12.305  5.098   1.00 234.50 ? 138  GLY A N   1 
ATOM   992  C CA  . GLY A 1 161 ? -11.729 12.054  4.149   1.00 234.33 ? 138  GLY A CA  1 
ATOM   993  C C   . GLY A 1 161 ? -11.711 10.599  3.707   1.00 234.85 ? 138  GLY A C   1 
ATOM   994  O O   . GLY A 1 161 ? -10.901 10.196  2.862   1.00 234.92 ? 138  GLY A O   1 
ATOM   995  N N   . LEU A 1 162 ? -12.618 9.802   4.305   1.00 233.62 ? 139  LEU A N   1 
ATOM   996  C CA  . LEU A 1 162 ? -12.892 8.404   4.010   1.00 233.49 ? 139  LEU A CA  1 
ATOM   997  C C   . LEU A 1 162 ? -13.692 8.371   2.700   1.00 232.31 ? 139  LEU A C   1 
ATOM   998  O O   . LEU A 1 162 ? -13.527 7.432   1.922   1.00 232.16 ? 139  LEU A O   1 
ATOM   999  C CB  . LEU A 1 162 ? -13.721 7.798   5.157   1.00 233.94 ? 139  LEU A CB  1 
ATOM   1000 C CG  . LEU A 1 162 ? -14.086 6.319   5.049   1.00 235.56 ? 139  LEU A CG  1 
ATOM   1001 C CD1 . LEU A 1 162 ? -13.070 5.448   5.754   1.00 236.52 ? 139  LEU A CD1 1 
ATOM   1002 C CD2 . LEU A 1 162 ? -15.474 6.067   5.604   1.00 236.59 ? 139  LEU A CD2 1 
ATOM   1003 N N   . GLY A 1 163 ? -14.511 9.415   2.471   1.00 230.00 ? 140  GLY A N   1 
ATOM   1004 C CA  . GLY A 1 163 ? -15.340 9.613   1.282   1.00 228.69 ? 140  GLY A CA  1 
ATOM   1005 C C   . GLY A 1 163 ? -14.629 9.350   -0.034  1.00 229.06 ? 140  GLY A C   1 
ATOM   1006 O O   . GLY A 1 163 ? -15.243 8.852   -0.984  1.00 228.29 ? 140  GLY A O   1 
ATOM   1007 N N   . ILE A 1 164 ? -13.311 9.663   -0.085  1.00 228.61 ? 141  ILE A N   1 
ATOM   1008 C CA  . ILE A 1 164 ? -12.453 9.391   -1.239  1.00 228.32 ? 141  ILE A CA  1 
ATOM   1009 C C   . ILE A 1 164 ? -12.028 7.929   -1.123  1.00 229.47 ? 141  ILE A C   1 
ATOM   1010 O O   . ILE A 1 164 ? -12.504 7.096   -1.887  1.00 229.25 ? 141  ILE A O   1 
ATOM   1011 C CB  . ILE A 1 164 ? -11.189 10.311  -1.384  1.00 229.18 ? 141  ILE A CB  1 
ATOM   1012 C CG1 . ILE A 1 164 ? -10.989 11.381  -0.259  1.00 229.53 ? 141  ILE A CG1 1 
ATOM   1013 C CG2 . ILE A 1 164 ? -10.970 10.812  -2.820  1.00 228.60 ? 141  ILE A CG2 1 
ATOM   1014 C CD1 . ILE A 1 164 ? -11.861 12.676  -0.278  1.00 230.78 ? 141  ILE A CD1 1 
ATOM   1015 N N   . GLU A 1 165 ? -11.191 7.627   -0.108  1.00 228.98 ? 142  GLU A N   1 
ATOM   1016 C CA  . GLU A 1 165 ? -10.556 6.337   0.190   1.00 229.44 ? 142  GLU A CA  1 
ATOM   1017 C C   . GLU A 1 165 ? -11.426 5.076   0.246   1.00 229.87 ? 142  GLU A C   1 
ATOM   1018 O O   . GLU A 1 165 ? -10.974 4.027   -0.227  1.00 227.77 ? 142  GLU A O   1 
ATOM   1019 C CB  . GLU A 1 165 ? -9.603  6.444   1.398   1.00 230.57 ? 142  GLU A CB  1 
ATOM   1020 C CG  . GLU A 1 165 ? -8.679  7.659   1.384   1.00 232.57 ? 142  GLU A CG  1 
ATOM   1021 C CD  . GLU A 1 165 ? -7.841  7.868   0.134   1.00 229.66 ? 142  GLU A CD  1 
ATOM   1022 O OE1 . GLU A 1 165 ? -6.721  7.311   0.068   1.00 195.90 ? 142  GLU A OE1 1 
ATOM   1023 O OE2 . GLU A 1 165 ? -8.289  8.619   -0.763  1.00 214.16 ? 142  GLU A OE2 1 
ATOM   1024 N N   . ILE A 1 166 ? -12.661 5.166   0.803   1.00 228.07 ? 143  ILE A N   1 
ATOM   1025 C CA  . ILE A 1 166 ? -13.584 4.021   0.889   1.00 227.65 ? 143  ILE A CA  1 
ATOM   1026 C C   . ILE A 1 166 ? -14.100 3.571   -0.500  1.00 227.87 ? 143  ILE A C   1 
ATOM   1027 O O   . ILE A 1 166 ? -14.575 2.444   -0.656  1.00 226.52 ? 143  ILE A O   1 
ATOM   1028 C CB  . ILE A 1 166 ? -14.662 4.151   2.012   1.00 227.97 ? 143  ILE A CB  1 
ATOM   1029 C CG1 . ILE A 1 166 ? -15.120 2.775   2.536   1.00 228.17 ? 143  ILE A CG1 1 
ATOM   1030 C CG2 . ILE A 1 166 ? -15.835 5.056   1.629   1.00 227.17 ? 143  ILE A CG2 1 
ATOM   1031 C CD1 . ILE A 1 166 ? -14.967 2.601   3.999   1.00 231.62 ? 143  ILE A CD1 1 
ATOM   1032 N N   . ILE A 1 167 ? -13.955 4.457   -1.507  1.00 219.03 ? 144  ILE A N   1 
ATOM   1033 C CA  . ILE A 1 167 ? -14.255 4.227   -2.927  1.00 212.54 ? 144  ILE A CA  1 
ATOM   1034 C C   . ILE A 1 167 ? -13.016 4.641   -3.772  1.00 210.56 ? 144  ILE A C   1 
ATOM   1035 O O   . ILE A 1 167 ? -13.118 4.848   -4.986  1.00 208.32 ? 144  ILE A O   1 
ATOM   1036 C CB  . ILE A 1 167 ? -15.615 4.841   -3.423  1.00 216.42 ? 144  ILE A CB  1 
ATOM   1037 C CG1 . ILE A 1 167 ? -16.027 6.174   -2.689  1.00 223.57 ? 144  ILE A CG1 1 
ATOM   1038 C CG2 . ILE A 1 167 ? -16.733 3.779   -3.530  1.00 216.04 ? 144  ILE A CG2 1 
ATOM   1039 C CD1 . ILE A 1 167 ? -17.179 6.159   -1.616  1.00 224.75 ? 144  ILE A CD1 1 
ATOM   1040 N N   . GLY A 1 168 ? -11.868 4.740   -3.086  1.00 206.64 ? 145  GLY A N   1 
ATOM   1041 C CA  . GLY A 1 168 ? -10.565 5.103   -3.638  1.00 204.44 ? 145  GLY A CA  1 
ATOM   1042 C C   . GLY A 1 168 ? -9.644  3.904   -3.728  1.00 200.16 ? 145  GLY A C   1 
ATOM   1043 O O   . GLY A 1 168 ? -9.315  3.466   -4.834  1.00 192.06 ? 145  GLY A O   1 
ATOM   1044 N N   . THR A 1 169 ? -9.258  3.332   -2.558  1.00 194.57 ? 146  THR A N   1 
ATOM   1045 C CA  . THR A 1 169 ? -8.425  2.119   -2.456  1.00 185.03 ? 146  THR A CA  1 
ATOM   1046 C C   . THR A 1 169 ? -9.182  0.947   -3.128  1.00 184.66 ? 146  THR A C   1 
ATOM   1047 O O   . THR A 1 169 ? -8.549  0.000   -3.597  1.00 176.06 ? 146  THR A O   1 
ATOM   1048 C CB  . THR A 1 169 ? -8.010  1.874   -0.977  1.00 190.35 ? 146  THR A CB  1 
ATOM   1049 O OG1 . THR A 1 169 ? -7.214  2.964   -0.534  1.00 190.38 ? 146  THR A OG1 1 
ATOM   1050 C CG2 . THR A 1 169 ? -7.206  0.603   -0.769  1.00 180.41 ? 146  THR A CG2 1 
ATOM   1051 N N   . LEU A 1 170 ? -10.531 1.071   -3.234  1.00 187.54 ? 147  LEU A N   1 
ATOM   1052 C CA  . LEU A 1 170 ? -11.458 0.127   -3.860  1.00 186.61 ? 147  LEU A CA  1 
ATOM   1053 C C   . LEU A 1 170 ? -11.028 -0.260  -5.255  1.00 180.01 ? 147  LEU A C   1 
ATOM   1054 O O   . LEU A 1 170 ? -11.205 -1.421  -5.602  1.00 177.10 ? 147  LEU A O   1 
ATOM   1055 C CB  . LEU A 1 170 ? -12.886 0.697   -3.909  1.00 196.40 ? 147  LEU A CB  1 
ATOM   1056 C CG  . LEU A 1 170 ? -14.043 -0.314  -4.034  1.00 198.98 ? 147  LEU A CG  1 
ATOM   1057 C CD1 . LEU A 1 170 ? -15.285 0.175   -3.284  1.00 202.54 ? 147  LEU A CD1 1 
ATOM   1058 C CD2 . LEU A 1 170 ? -14.400 -0.580  -5.485  1.00 196.81 ? 147  LEU A CD2 1 
ATOM   1059 N N   . GLN A 1 171 ? -10.485 0.680   -6.063  1.00 171.75 ? 148  GLN A N   1 
ATOM   1060 C CA  . GLN A 1 171 ? -10.044 0.344   -7.430  1.00 162.27 ? 148  GLN A CA  1 
ATOM   1061 C C   . GLN A 1 171 ? -8.907  -0.675  -7.493  1.00 153.86 ? 148  GLN A C   1 
ATOM   1062 O O   . GLN A 1 171 ? -8.899  -1.531  -8.378  1.00 146.14 ? 148  GLN A O   1 
ATOM   1063 C CB  . GLN A 1 171 ? -9.733  1.585   -8.282  1.00 164.68 ? 148  GLN A CB  1 
ATOM   1064 C CG  . GLN A 1 171 ? -8.756  2.588   -7.674  1.00 179.93 ? 148  GLN A CG  1 
ATOM   1065 C CD  . GLN A 1 171 ? -7.305  2.220   -7.800  1.00 185.44 ? 148  GLN A CD  1 
ATOM   1066 O OE1 . GLN A 1 171 ? -6.879  1.522   -8.723  1.00 167.01 ? 148  GLN A OE1 1 
ATOM   1067 N NE2 . GLN A 1 171 ? -6.512  2.691   -6.856  1.00 186.51 ? 148  GLN A NE2 1 
ATOM   1068 N N   . LEU A 1 172 ? -7.962  -0.576  -6.544  1.00 149.67 ? 149  LEU A N   1 
ATOM   1069 C CA  . LEU A 1 172 ? -6.804  -1.459  -6.450  1.00 142.46 ? 149  LEU A CA  1 
ATOM   1070 C C   . LEU A 1 172 ? -7.184  -2.896  -6.112  1.00 144.17 ? 149  LEU A C   1 
ATOM   1071 O O   . LEU A 1 172 ? -6.665  -3.804  -6.762  1.00 137.61 ? 149  LEU A O   1 
ATOM   1072 C CB  . LEU A 1 172 ? -5.710  -0.875  -5.523  1.00 144.69 ? 149  LEU A CB  1 
ATOM   1073 C CG  . LEU A 1 172 ? -4.956  -1.818  -4.579  1.00 148.29 ? 149  LEU A CG  1 
ATOM   1074 C CD1 . LEU A 1 172 ? -3.486  -1.541  -4.602  1.00 145.73 ? 149  LEU A CD1 1 
ATOM   1075 C CD2 . LEU A 1 172 ? -5.499  -1.720  -3.171  1.00 157.62 ? 149  LEU A CD2 1 
ATOM   1076 N N   . VAL A 1 173 ? -8.089  -3.106  -5.127  1.00 146.43 ? 150  VAL A N   1 
ATOM   1077 C CA  . VAL A 1 173 ? -8.541  -4.452  -4.771  1.00 147.71 ? 150  VAL A CA  1 
ATOM   1078 C C   . VAL A 1 173 ? -9.481  -5.004  -5.865  1.00 153.26 ? 150  VAL A C   1 
ATOM   1079 O O   . VAL A 1 173 ? -9.563  -6.220  -6.049  1.00 151.85 ? 150  VAL A O   1 
ATOM   1080 C CB  . VAL A 1 173 ? -9.028  -4.593  -3.301  1.00 160.81 ? 150  VAL A CB  1 
ATOM   1081 C CG1 . VAL A 1 173 ? -9.714  -5.934  -3.027  1.00 164.54 ? 150  VAL A CG1 1 
ATOM   1082 C CG2 . VAL A 1 173 ? -7.865  -4.404  -2.341  1.00 160.69 ? 150  VAL A CG2 1 
ATOM   1083 N N   . LEU A 1 174 ? -10.090 -4.107  -6.663  1.00 152.09 ? 151  LEU A N   1 
ATOM   1084 C CA  . LEU A 1 174 ? -10.911 -4.481  -7.818  1.00 151.53 ? 151  LEU A CA  1 
ATOM   1085 C C   . LEU A 1 174 ? -9.958  -5.067  -8.929  1.00 147.01 ? 151  LEU A C   1 
ATOM   1086 O O   . LEU A 1 174 ? -10.257 -6.103  -9.536  1.00 143.23 ? 151  LEU A O   1 
ATOM   1087 C CB  . LEU A 1 174 ? -11.689 -3.236  -8.286  1.00 156.99 ? 151  LEU A CB  1 
ATOM   1088 C CG  . LEU A 1 174 ? -12.050 -3.123  -9.746  1.00 158.92 ? 151  LEU A CG  1 
ATOM   1089 C CD1 . LEU A 1 174 ? -13.507 -3.447  -9.969  1.00 167.85 ? 151  LEU A CD1 1 
ATOM   1090 C CD2 . LEU A 1 174 ? -11.684 -1.760  -10.282 1.00 160.88 ? 151  LEU A CD2 1 
ATOM   1091 N N   . CYS A 1 175 ? -8.787  -4.420  -9.129  1.00 140.29 ? 152  CYS A N   1 
ATOM   1092 C CA  . CYS A 1 175 ? -7.742  -4.843  -10.069 1.00 131.27 ? 152  CYS A CA  1 
ATOM   1093 C C   . CYS A 1 175 ? -7.203  -6.213  -9.614  1.00 129.23 ? 152  CYS A C   1 
ATOM   1094 O O   . CYS A 1 175 ? -7.415  -7.209  -10.308 1.00 125.14 ? 152  CYS A O   1 
ATOM   1095 C CB  . CYS A 1 175 ? -6.632  -3.790  -10.139 1.00 130.44 ? 152  CYS A CB  1 
ATOM   1096 S SG  . CYS A 1 175 ? -5.352  -4.123  -11.382 1.00 125.35 ? 152  CYS A SG  1 
ATOM   1097 N N   . VAL A 1 176 ? -6.601  -6.256  -8.397  1.00 125.91 ? 153  VAL A N   1 
ATOM   1098 C CA  . VAL A 1 176 ? -6.018  -7.436  -7.753  1.00 123.66 ? 153  VAL A CA  1 
ATOM   1099 C C   . VAL A 1 176 ? -6.939  -8.655  -7.852  1.00 128.11 ? 153  VAL A C   1 
ATOM   1100 O O   . VAL A 1 176 ? -6.493  -9.713  -8.278  1.00 123.99 ? 153  VAL A O   1 
ATOM   1101 C CB  . VAL A 1 176 ? -5.533  -7.159  -6.303  1.00 132.32 ? 153  VAL A CB  1 
ATOM   1102 C CG1 . VAL A 1 176 ? -4.854  -8.388  -5.709  1.00 132.61 ? 153  VAL A CG1 1 
ATOM   1103 C CG2 . VAL A 1 176 ? -4.585  -5.963  -6.248  1.00 130.63 ? 153  VAL A CG2 1 
ATOM   1104 N N   . LEU A 1 177 ? -8.217  -8.498  -7.537  1.00 130.52 ? 154  LEU A N   1 
ATOM   1105 C CA  . LEU A 1 177 ? -9.159  -9.611  -7.627  1.00 134.52 ? 154  LEU A CA  1 
ATOM   1106 C C   . LEU A 1 177 ? -9.440  -10.054 -9.063  1.00 131.17 ? 154  LEU A C   1 
ATOM   1107 O O   . LEU A 1 177 ? -9.672  -11.238 -9.302  1.00 131.25 ? 154  LEU A O   1 
ATOM   1108 C CB  . LEU A 1 177 ? -10.474 -9.239  -6.941  1.00 145.66 ? 154  LEU A CB  1 
ATOM   1109 C CG  . LEU A 1 177 ? -10.866 -10.088 -5.764  1.00 159.93 ? 154  LEU A CG  1 
ATOM   1110 C CD1 . LEU A 1 177 ? -10.427 -9.442  -4.463  1.00 164.36 ? 154  LEU A CD1 1 
ATOM   1111 C CD2 . LEU A 1 177 ? -12.350 -10.299 -5.757  1.00 173.18 ? 154  LEU A CD2 1 
ATOM   1112 N N   . ALA A 1 178 ? -9.453  -9.114  -10.006 1.00 123.07 ? 155  ALA A N   1 
ATOM   1113 C CA  . ALA A 1 178 ? -9.753  -9.450  -11.390 1.00 118.68 ? 155  ALA A CA  1 
ATOM   1114 C C   . ALA A 1 178 ? -8.542  -10.011 -12.108 1.00 113.57 ? 155  ALA A C   1 
ATOM   1115 O O   . ALA A 1 178 ? -8.679  -10.927 -12.919 1.00 109.88 ? 155  ALA A O   1 
ATOM   1116 C CB  . ALA A 1 178 ? -10.270 -8.231  -12.111 1.00 120.37 ? 155  ALA A CB  1 
ATOM   1117 N N   . THR A 1 179 ? -7.347  -9.472  -11.793 1.00 106.90 ? 156  THR A N   1 
ATOM   1118 C CA  . THR A 1 179 ? -6.059  -9.885  -12.367 1.00 98.84  ? 156  THR A CA  1 
ATOM   1119 C C   . THR A 1 179 ? -5.677  -11.293 -11.842 1.00 102.12 ? 156  THR A C   1 
ATOM   1120 O O   . THR A 1 179 ? -4.646  -11.833 -12.230 1.00 96.59  ? 156  THR A O   1 
ATOM   1121 C CB  . THR A 1 179 ? -4.982  -8.760  -12.152 1.00 103.83 ? 156  THR A CB  1 
ATOM   1122 O OG1 . THR A 1 179 ? -5.495  -7.498  -12.570 1.00 106.14 ? 156  THR A OG1 1 
ATOM   1123 C CG2 . THR A 1 179 ? -3.689  -9.006  -12.903 1.00 93.01  ? 156  THR A CG2 1 
ATOM   1124 N N   . THR A 1 180 ? -6.501  -11.889 -10.970 1.00 106.41 ? 157  THR A N   1 
ATOM   1125 C CA  . THR A 1 180 ? -6.191  -13.220 -10.450 1.00 110.08 ? 157  THR A CA  1 
ATOM   1126 C C   . THR A 1 180 ? -7.285  -14.285 -10.704 1.00 123.00 ? 157  THR A C   1 
ATOM   1127 O O   . THR A 1 180 ? -7.163  -15.369 -10.130 1.00 128.38 ? 157  THR A O   1 
ATOM   1128 C CB  . THR A 1 180 ? -5.766  -13.183 -8.952  1.00 117.68 ? 157  THR A CB  1 
ATOM   1129 O OG1 . THR A 1 180 ? -6.873  -12.836 -8.126  1.00 123.26 ? 157  THR A OG1 1 
ATOM   1130 C CG2 . THR A 1 180 ? -4.569  -12.290 -8.676  1.00 111.21 ? 157  THR A CG2 1 
ATOM   1131 N N   . ASP A 1 181 ? -8.330  -14.012 -11.547 1.00 120.60 ? 158  ASP A N   1 
ATOM   1132 C CA  . ASP A 1 181 ? -9.448  -14.950 -11.750 1.00 126.92 ? 158  ASP A CA  1 
ATOM   1133 C C   . ASP A 1 181 ? -9.129  -16.417 -11.959 1.00 132.61 ? 158  ASP A C   1 
ATOM   1134 O O   . ASP A 1 181 ? -9.801  -17.258 -11.365 1.00 142.96 ? 158  ASP A O   1 
ATOM   1135 C CB  . ASP A 1 181 ? -10.523 -14.448 -12.714 1.00 128.94 ? 158  ASP A CB  1 
ATOM   1136 C CG  . ASP A 1 181 ? -11.949 -14.838 -12.316 1.00 149.35 ? 158  ASP A CG  1 
ATOM   1137 O OD1 . ASP A 1 181 ? -12.273 -14.750 -11.115 1.00 157.32 ? 158  ASP A OD1 1 
ATOM   1138 O OD2 . ASP A 1 181 ? -12.745 -15.215 -13.216 1.00 155.48 ? 158  ASP A OD2 1 
ATOM   1139 N N   . ARG A 1 182 ? -8.097  -16.730 -12.758 1.00 120.26 ? 159  ARG A N   1 
ATOM   1140 C CA  . ARG A 1 182 ? -7.634  -18.109 -13.060 1.00 119.55 ? 159  ARG A CA  1 
ATOM   1141 C C   . ARG A 1 182 ? -8.651  -18.997 -13.745 1.00 122.54 ? 159  ARG A C   1 
ATOM   1142 O O   . ARG A 1 182 ? -8.320  -20.082 -14.232 1.00 120.18 ? 159  ARG A O   1 
ATOM   1143 C CB  . ARG A 1 182 ? -6.878  -18.792 -11.892 1.00 129.70 ? 159  ARG A CB  1 
ATOM   1144 C CG  . ARG A 1 182 ? -5.661  -17.972 -11.364 1.00 150.88 ? 159  ARG A CG  1 
ATOM   1145 C CD  . ARG A 1 182 ? -4.328  -18.046 -12.150 1.00 162.84 ? 159  ARG A CD  1 
ATOM   1146 N NE  . ARG A 1 182 ? -4.378  -17.496 -13.513 1.00 165.89 ? 159  ARG A NE  1 
ATOM   1147 C CZ  . ARG A 1 182 ? -4.237  -16.210 -13.832 1.00 169.45 ? 159  ARG A CZ  1 
ATOM   1148 N NH1 . ARG A 1 182 ? -4.052  -15.298 -12.881 1.00 156.40 ? 159  ARG A NH1 1 
ATOM   1149 N NH2 . ARG A 1 182 ? -4.292  -15.826 -15.101 1.00 142.98 ? 159  ARG A NH2 1 
ATOM   1150 N N   . ARG A 1 183 ? -9.884  -18.482 -13.819 1.00 122.64 ? 160  ARG A N   1 
ATOM   1151 C CA  . ARG A 1 183 ? -11.046 -19.006 -14.523 1.00 127.46 ? 160  ARG A CA  1 
ATOM   1152 C C   . ARG A 1 183 ? -10.898 -18.351 -15.887 1.00 121.17 ? 160  ARG A C   1 
ATOM   1153 O O   . ARG A 1 183 ? -11.288 -18.892 -16.927 1.00 118.15 ? 160  ARG A O   1 
ATOM   1154 C CB  . ARG A 1 183 ? -12.343 -18.516 -13.828 1.00 137.57 ? 160  ARG A CB  1 
ATOM   1155 C CG  . ARG A 1 183 ? -12.544 -19.107 -12.435 1.00 159.14 ? 160  ARG A CG  1 
ATOM   1156 C CD  . ARG A 1 183 ? -13.037 -18.092 -11.406 1.00 176.86 ? 160  ARG A CD  1 
ATOM   1157 N NE  . ARG A 1 183 ? -14.466 -18.252 -11.119 1.00 187.55 ? 160  ARG A NE  1 
ATOM   1158 C CZ  . ARG A 1 183 ? -15.395 -17.335 -11.375 1.00 193.42 ? 160  ARG A CZ  1 
ATOM   1159 N NH1 . ARG A 1 183 ? -15.055 -16.164 -11.902 1.00 185.43 ? 160  ARG A NH1 1 
ATOM   1160 N NH2 . ARG A 1 183 ? -16.670 -17.580 -11.107 1.00 179.46 ? 160  ARG A NH2 1 
ATOM   1161 N N   . ARG A 1 184 ? -10.249 -17.184 -15.844 1.00 113.14 ? 161  ARG A N   1 
ATOM   1162 C CA  . ARG A 1 184 ? -9.964  -16.284 -16.937 1.00 105.22 ? 161  ARG A CA  1 
ATOM   1163 C C   . ARG A 1 184 ? -8.807  -16.726 -17.790 1.00 99.36  ? 161  ARG A C   1 
ATOM   1164 O O   . ARG A 1 184 ? -7.680  -16.808 -17.276 1.00 93.74  ? 161  ARG A O   1 
ATOM   1165 C CB  . ARG A 1 184 ? -9.678  -14.886 -16.377 1.00 103.69 ? 161  ARG A CB  1 
ATOM   1166 C CG  . ARG A 1 184 ? -10.907 -14.024 -16.228 1.00 114.08 ? 161  ARG A CG  1 
ATOM   1167 C CD  . ARG A 1 184 ? -10.507 -12.643 -15.778 1.00 115.97 ? 161  ARG A CD  1 
ATOM   1168 N NE  . ARG A 1 184 ? -10.237 -11.755 -16.905 1.00 106.72 ? 161  ARG A NE  1 
ATOM   1169 C CZ  . ARG A 1 184 ? -9.886  -10.480 -16.792 1.00 112.16 ? 161  ARG A CZ  1 
ATOM   1170 N NH1 . ARG A 1 184 ? -9.757  -9.919  -15.589 1.00 89.33  ? 161  ARG A NH1 1 
ATOM   1171 N NH2 . ARG A 1 184 ? -9.678  -9.748  -17.880 1.00 97.52  ? 161  ARG A NH2 1 
ATOM   1172 N N   . ARG A 1 185 ? -9.101  -16.944 -19.119 1.00 94.08  ? 162  ARG A N   1 
ATOM   1173 C CA  . ARG A 1 185 ? -8.162  -17.294 -20.196 1.00 86.18  ? 162  ARG A CA  1 
ATOM   1174 C C   . ARG A 1 185 ? -7.689  -16.067 -20.985 1.00 89.68  ? 162  ARG A C   1 
ATOM   1175 O O   . ARG A 1 185 ? -6.710  -16.165 -21.705 1.00 82.61  ? 162  ARG A O   1 
ATOM   1176 C CB  . ARG A 1 185 ? -8.751  -18.290 -21.200 1.00 84.41  ? 162  ARG A CB  1 
ATOM   1177 C CG  . ARG A 1 185 ? -9.640  -19.394 -20.657 1.00 99.38  ? 162  ARG A CG  1 
ATOM   1178 C CD  . ARG A 1 185 ? -9.396  -20.715 -21.378 1.00 101.43 ? 162  ARG A CD  1 
ATOM   1179 N NE  . ARG A 1 185 ? -10.011 -20.772 -22.705 1.00 110.09 ? 162  ARG A NE  1 
ATOM   1180 C CZ  . ARG A 1 185 ? -9.456  -21.342 -23.770 1.00 113.62 ? 162  ARG A CZ  1 
ATOM   1181 N NH1 . ARG A 1 185 ? -8.262  -21.913 -23.680 1.00 94.05  ? 162  ARG A NH1 1 
ATOM   1182 N NH2 . ARG A 1 185 ? -10.091 -21.340 -24.938 1.00 96.80  ? 162  ARG A NH2 1 
ATOM   1183 N N   . ASP A 1 186 ? -8.375  -14.914 -20.840 1.00 94.80  ? 163  ASP A N   1 
ATOM   1184 C CA  . ASP A 1 186 ? -8.118  -13.637 -21.539 1.00 93.12  ? 163  ASP A CA  1 
ATOM   1185 C C   . ASP A 1 186 ? -7.078  -12.697 -20.939 1.00 96.56  ? 163  ASP A C   1 
ATOM   1186 O O   . ASP A 1 186 ? -7.035  -11.542 -21.336 1.00 97.56  ? 163  ASP A O   1 
ATOM   1187 C CB  . ASP A 1 186 ? -9.428  -12.852 -21.685 1.00 102.45 ? 163  ASP A CB  1 
ATOM   1188 C CG  . ASP A 1 186 ? -10.192 -12.715 -20.385 1.00 125.69 ? 163  ASP A CG  1 
ATOM   1189 O OD1 . ASP A 1 186 ? -9.662  -12.078 -19.448 1.00 124.18 ? 163  ASP A OD1 1 
ATOM   1190 O OD2 . ASP A 1 186 ? -11.305 -13.290 -20.289 1.00 146.61 ? 163  ASP A OD2 1 
ATOM   1191 N N   . LEU A 1 187 ? -6.283  -13.110 -19.971 1.00 93.19  ? 164  LEU A N   1 
ATOM   1192 C CA  . LEU A 1 187 ? -5.321  -12.129 -19.468 1.00 91.81  ? 164  LEU A CA  1 
ATOM   1193 C C   . LEU A 1 187 ? -4.054  -12.064 -20.314 1.00 89.02  ? 164  LEU A C   1 
ATOM   1194 O O   . LEU A 1 187 ? -3.727  -13.021 -21.014 1.00 85.90  ? 164  LEU A O   1 
ATOM   1195 C CB  . LEU A 1 187 ? -4.998  -12.329 -17.974 1.00 94.96  ? 164  LEU A CB  1 
ATOM   1196 C CG  . LEU A 1 187 ? -5.897  -11.615 -16.956 1.00 105.58 ? 164  LEU A CG  1 
ATOM   1197 C CD1 . LEU A 1 187 ? -6.378  -10.272 -17.461 1.00 107.52 ? 164  LEU A CD1 1 
ATOM   1198 C CD2 . LEU A 1 187 ? -7.018  -12.488 -16.531 1.00 111.50 ? 164  LEU A CD2 1 
ATOM   1199 N N   . GLY A 1 188 ? -3.386  -10.920 -20.267 1.00 83.99  ? 165  GLY A N   1 
ATOM   1200 C CA  . GLY A 1 188 ? -2.154  -10.669 -20.996 1.00 79.48  ? 165  GLY A CA  1 
ATOM   1201 C C   . GLY A 1 188 ? -1.332  -9.562  -20.383 1.00 85.63  ? 165  GLY A C   1 
ATOM   1202 O O   . GLY A 1 188 ? -1.826  -8.804  -19.529 1.00 90.42  ? 165  GLY A O   1 
ATOM   1203 N N   . GLY A 1 189 ? -0.080  -9.475  -20.836 1.00 79.37  ? 166  GLY A N   1 
ATOM   1204 C CA  . GLY A 1 189 ? 0.889   -8.504  -20.342 1.00 82.46  ? 166  GLY A CA  1 
ATOM   1205 C C   . GLY A 1 189 ? 1.364   -8.874  -18.953 1.00 87.14  ? 166  GLY A C   1 
ATOM   1206 O O   . GLY A 1 189 ? 1.223   -10.037 -18.520 1.00 86.32  ? 166  GLY A O   1 
ATOM   1207 N N   . SER A 1 190 ? 1.932   -7.887  -18.241 1.00 84.06  ? 167  SER A N   1 
ATOM   1208 C CA  . SER A 1 190 ? 2.422   -8.101  -16.884 1.00 84.73  ? 167  SER A CA  1 
ATOM   1209 C C   . SER A 1 190 ? 1.303   -7.898  -15.906 1.00 85.74  ? 167  SER A C   1 
ATOM   1210 O O   . SER A 1 190 ? 0.643   -6.850  -15.931 1.00 88.21  ? 167  SER A O   1 
ATOM   1211 C CB  . SER A 1 190 ? 3.581   -7.152  -16.576 1.00 93.60  ? 167  SER A CB  1 
ATOM   1212 O OG  . SER A 1 190 ? 3.852   -6.947  -15.199 1.00 102.86 ? 167  SER A OG  1 
ATOM   1213 N N   . ALA A 1 191 ? 1.089   -8.898  -15.035 1.00 78.21  ? 168  ALA A N   1 
ATOM   1214 C CA  . ALA A 1 191 ? 0.128   -8.781  -13.941 1.00 79.56  ? 168  ALA A CA  1 
ATOM   1215 C C   . ALA A 1 191 ? 0.636   -7.755  -12.933 1.00 85.80  ? 168  ALA A C   1 
ATOM   1216 O O   . ALA A 1 191 ? -0.176  -6.927  -12.545 1.00 88.04  ? 168  ALA A O   1 
ATOM   1217 C CB  . ALA A 1 191 ? -0.089  -10.107 -13.273 1.00 80.83  ? 168  ALA A CB  1 
ATOM   1218 N N   . PRO A 1 192 ? 1.960   -7.680  -12.572 1.00 83.88  ? 169  PRO A N   1 
ATOM   1219 C CA  . PRO A 1 192 ? 2.395   -6.639  -11.639 1.00 89.24  ? 169  PRO A CA  1 
ATOM   1220 C C   . PRO A 1 192 ? 2.129   -5.286  -12.220 1.00 91.90  ? 169  PRO A C   1 
ATOM   1221 O O   . PRO A 1 192 ? 1.301   -4.610  -11.660 1.00 95.43  ? 169  PRO A O   1 
ATOM   1222 C CB  . PRO A 1 192 ? 3.900   -6.870  -11.509 1.00 93.62  ? 169  PRO A CB  1 
ATOM   1223 C CG  . PRO A 1 192 ? 4.110   -8.243  -11.871 1.00 94.97  ? 169  PRO A CG  1 
ATOM   1224 C CD  . PRO A 1 192 ? 3.107   -8.537  -12.933 1.00 84.31  ? 169  PRO A CD  1 
ATOM   1225 N N   . LEU A 1 193 ? 2.716   -4.948  -13.392 1.00 84.59  ? 170  LEU A N   1 
ATOM   1226 C CA  . LEU A 1 193 ? 2.558   -3.649  -14.055 1.00 85.85  ? 170  LEU A CA  1 
ATOM   1227 C C   . LEU A 1 193 ? 1.120   -3.247  -14.058 1.00 87.60  ? 170  LEU A C   1 
ATOM   1228 O O   . LEU A 1 193 ? 0.832   -2.056  -13.961 1.00 91.40  ? 170  LEU A O   1 
ATOM   1229 C CB  . LEU A 1 193 ? 3.122   -3.654  -15.490 1.00 83.22  ? 170  LEU A CB  1 
ATOM   1230 C CG  . LEU A 1 193 ? 3.526   -2.306  -16.118 1.00 93.33  ? 170  LEU A CG  1 
ATOM   1231 C CD1 . LEU A 1 193 ? 2.442   -1.730  -16.999 1.00 92.56  ? 170  LEU A CD1 1 
ATOM   1232 C CD2 . LEU A 1 193 ? 3.955   -1.316  -15.100 1.00 104.11 ? 170  LEU A CD2 1 
ATOM   1233 N N   . ALA A 1 194 ? 0.214   -4.250  -14.092 1.00 79.41  ? 171  ALA A N   1 
ATOM   1234 C CA  . ALA A 1 194 ? -1.219  -4.016  -14.044 1.00 82.00  ? 171  ALA A CA  1 
ATOM   1235 C C   . ALA A 1 194 ? -1.595  -3.388  -12.695 1.00 94.55  ? 171  ALA A C   1 
ATOM   1236 O O   . ALA A 1 194 ? -1.924  -2.180  -12.606 1.00 98.90  ? 171  ALA A O   1 
ATOM   1237 C CB  . ALA A 1 194 ? -1.955  -5.328  -14.233 1.00 78.29  ? 171  ALA A CB  1 
ATOM   1238 N N   . ILE A 1 195 ? -1.469  -4.239  -11.643 1.00 92.01  ? 172  ILE A N   1 
ATOM   1239 C CA  . ILE A 1 195 ? -1.720  -3.988  -10.220 1.00 97.28  ? 172  ILE A CA  1 
ATOM   1240 C C   . ILE A 1 195 ? -0.872  -2.821  -9.661  1.00 105.15 ? 172  ILE A C   1 
ATOM   1241 O O   . ILE A 1 195 ? -1.383  -2.017  -8.902  1.00 110.43 ? 172  ILE A O   1 
ATOM   1242 C CB  . ILE A 1 195 ? -1.562  -5.324  -9.443  1.00 99.50  ? 172  ILE A CB  1 
ATOM   1243 C CG1 . ILE A 1 195 ? -2.770  -6.292  -9.766  1.00 97.53  ? 172  ILE A CG1 1 
ATOM   1244 C CG2 . ILE A 1 195 ? -1.384  -5.075  -7.931  1.00 107.82 ? 172  ILE A CG2 1 
ATOM   1245 C CD1 . ILE A 1 195 ? -2.582  -7.824  -9.460  1.00 98.81  ? 172  ILE A CD1 1 
ATOM   1246 N N   . GLY A 1 196 ? 0.395   -2.751  -10.057 1.00 100.49 ? 173  GLY A N   1 
ATOM   1247 C CA  . GLY A 1 196 ? 1.328   -1.694  -9.706  1.00 106.03 ? 173  GLY A CA  1 
ATOM   1248 C C   . GLY A 1 196 ? 0.886   -0.380  -10.322 1.00 116.00 ? 173  GLY A C   1 
ATOM   1249 O O   . GLY A 1 196 ? 1.115   0.675   -9.719  1.00 124.79 ? 173  GLY A O   1 
ATOM   1250 N N   . LEU A 1 197 ? 0.206   -0.412  -11.510 1.00 107.42 ? 174  LEU A N   1 
ATOM   1251 C CA  . LEU A 1 197 ? -0.298  0.830   -12.125 1.00 111.20 ? 174  LEU A CA  1 
ATOM   1252 C C   . LEU A 1 197 ? -1.553  1.311   -11.414 1.00 119.80 ? 174  LEU A C   1 
ATOM   1253 O O   . LEU A 1 197 ? -1.836  2.511   -11.386 1.00 125.03 ? 174  LEU A O   1 
ATOM   1254 C CB  . LEU A 1 197 ? -0.552  0.687   -13.619 1.00 106.60 ? 174  LEU A CB  1 
ATOM   1255 C CG  . LEU A 1 197 ? 0.626   0.930   -14.520 1.00 109.00 ? 174  LEU A CG  1 
ATOM   1256 C CD1 . LEU A 1 197 ? 0.226   0.684   -15.913 1.00 105.43 ? 174  LEU A CD1 1 
ATOM   1257 C CD2 . LEU A 1 197 ? 1.199   2.312   -14.353 1.00 114.58 ? 174  LEU A CD2 1 
ATOM   1258 N N   . SER A 1 198 ? -2.280  0.356   -10.810 1.00 115.49 ? 175  SER A N   1 
ATOM   1259 C CA  . SER A 1 198 ? -3.473  0.591   -9.993  1.00 121.11 ? 175  SER A CA  1 
ATOM   1260 C C   . SER A 1 198 ? -3.084  1.148   -8.599  1.00 127.66 ? 175  SER A C   1 
ATOM   1261 O O   . SER A 1 198 ? -3.962  1.547   -7.841  1.00 132.32 ? 175  SER A O   1 
ATOM   1262 C CB  . SER A 1 198 ? -4.319  -0.686  -9.892  1.00 124.47 ? 175  SER A CB  1 
ATOM   1263 O OG  . SER A 1 198 ? -4.305  -1.300  -8.609  1.00 141.79 ? 175  SER A OG  1 
ATOM   1264 N N   . VAL A 1 199 ? -1.774  1.130   -8.267  1.00 122.27 ? 176  VAL A N   1 
ATOM   1265 C CA  . VAL A 1 199 ? -1.190  1.687   -7.048  1.00 127.96 ? 176  VAL A CA  1 
ATOM   1266 C C   . VAL A 1 199 ? -0.813  3.133   -7.398  1.00 137.30 ? 176  VAL A C   1 
ATOM   1267 O O   . VAL A 1 199 ? -0.925  4.025   -6.555  1.00 144.31 ? 176  VAL A O   1 
ATOM   1268 C CB  . VAL A 1 199 ? -0.024  0.836   -6.452  1.00 129.75 ? 176  VAL A CB  1 
ATOM   1269 C CG1 . VAL A 1 199 ? 0.718   1.581   -5.336  1.00 137.70 ? 176  VAL A CG1 1 
ATOM   1270 C CG2 . VAL A 1 199 ? -0.551  -0.490  -5.916  1.00 125.83 ? 176  VAL A CG2 1 
ATOM   1271 N N   . ALA A 1 200 ? -0.464  3.376   -8.669  1.00 131.32 ? 177  ALA A N   1 
ATOM   1272 C CA  . ALA A 1 200 ? -0.207  4.729   -9.131  1.00 138.88 ? 177  ALA A CA  1 
ATOM   1273 C C   . ALA A 1 200 ? -1.548  5.419   -9.393  1.00 147.79 ? 177  ALA A C   1 
ATOM   1274 O O   . ALA A 1 200 ? -1.561  6.627   -9.585  1.00 157.66 ? 177  ALA A O   1 
ATOM   1275 C CB  . ALA A 1 200 ? 0.650   4.731   -10.385 1.00 137.72 ? 177  ALA A CB  1 
ATOM   1276 N N   . LEU A 1 201 ? -2.675  4.682   -9.361  1.00 139.05 ? 178  LEU A N   1 
ATOM   1277 C CA  . LEU A 1 201 ? -3.988  5.297   -9.542  1.00 144.76 ? 178  LEU A CA  1 
ATOM   1278 C C   . LEU A 1 201 ? -4.432  5.947   -8.235  1.00 159.75 ? 178  LEU A C   1 
ATOM   1279 O O   . LEU A 1 201 ? -4.876  7.100   -8.235  1.00 168.60 ? 178  LEU A O   1 
ATOM   1280 C CB  . LEU A 1 201 ? -5.008  4.273   -10.013 1.00 138.80 ? 178  LEU A CB  1 
ATOM   1281 C CG  . LEU A 1 201 ? -6.322  4.809   -10.576 1.00 148.94 ? 178  LEU A CG  1 
ATOM   1282 C CD1 . LEU A 1 201 ? -6.107  6.008   -11.527 1.00 154.80 ? 178  LEU A CD1 1 
ATOM   1283 C CD2 . LEU A 1 201 ? -7.099  3.677   -11.252 1.00 145.54 ? 178  LEU A CD2 1 
ATOM   1284 N N   . GLY A 1 202 ? -4.269  5.214   -7.135  1.00 155.95 ? 179  GLY A N   1 
ATOM   1285 C CA  . GLY A 1 202 ? -4.546  5.705   -5.793  1.00 163.86 ? 179  GLY A CA  1 
ATOM   1286 C C   . GLY A 1 202 ? -3.689  6.924   -5.529  1.00 177.69 ? 179  GLY A C   1 
ATOM   1287 O O   . GLY A 1 202 ? -4.209  7.977   -5.153  1.00 186.60 ? 179  GLY A O   1 
ATOM   1288 N N   . HIS A 1 203 ? -2.378  6.811   -5.825  1.00 173.69 ? 180  HIS A N   1 
ATOM   1289 C CA  . HIS A 1 203 ? -1.409  7.893   -5.689  1.00 182.66 ? 180  HIS A CA  1 
ATOM   1290 C C   . HIS A 1 203 ? -1.648  9.056   -6.640  1.00 190.31 ? 180  HIS A C   1 
ATOM   1291 O O   . HIS A 1 203 ? -1.327  10.192  -6.282  1.00 193.24 ? 180  HIS A O   1 
ATOM   1292 C CB  . HIS A 1 203 ? 0.034   7.385   -5.682  1.00 180.80 ? 180  HIS A CB  1 
ATOM   1293 C CG  . HIS A 1 203 ? 0.416   6.814   -4.358  1.00 184.59 ? 180  HIS A CG  1 
ATOM   1294 N ND1 . HIS A 1 203 ? 0.111   5.503   -4.022  1.00 179.18 ? 180  HIS A ND1 1 
ATOM   1295 C CD2 . HIS A 1 203 ? 1.003   7.414   -3.294  1.00 194.56 ? 180  HIS A CD2 1 
ATOM   1296 C CE1 . HIS A 1 203 ? 0.527   5.349   -2.774  1.00 182.33 ? 180  HIS A CE1 1 
ATOM   1297 N NE2 . HIS A 1 203 ? 1.058   6.476   -2.287  1.00 191.54 ? 180  HIS A NE2 1 
ATOM   1298 N N   . LEU A 1 204 ? -2.284  8.806   -7.805  1.00 185.70 ? 181  LEU A N   1 
ATOM   1299 C CA  . LEU A 1 204 ? -2.631  9.914   -8.687  1.00 186.66 ? 181  LEU A CA  1 
ATOM   1300 C C   . LEU A 1 204 ? -3.925  10.587  -8.235  1.00 194.39 ? 181  LEU A C   1 
ATOM   1301 O O   . LEU A 1 204 ? -4.170  11.728  -8.620  1.00 195.83 ? 181  LEU A O   1 
ATOM   1302 C CB  . LEU A 1 204 ? -2.677  9.534   -10.172 1.00 182.88 ? 181  LEU A CB  1 
ATOM   1303 C CG  . LEU A 1 204 ? -1.383  9.741   -10.964 1.00 184.23 ? 181  LEU A CG  1 
ATOM   1304 C CD1 . LEU A 1 204 ? -1.500  9.178   -12.332 1.00 180.39 ? 181  LEU A CD1 1 
ATOM   1305 C CD2 . LEU A 1 204 ? -1.000  11.216  -11.062 1.00 190.18 ? 181  LEU A CD2 1 
ATOM   1306 N N   . LEU A 1 205 ? -4.722  9.906   -7.379  1.00 194.57 ? 182  LEU A N   1 
ATOM   1307 C CA  . LEU A 1 205 ? -5.981  10.424  -6.833  1.00 198.21 ? 182  LEU A CA  1 
ATOM   1308 C C   . LEU A 1 205 ? -5.835  11.221  -5.508  1.00 206.03 ? 182  LEU A C   1 
ATOM   1309 O O   . LEU A 1 205 ? -6.105  12.427  -5.488  1.00 207.15 ? 182  LEU A O   1 
ATOM   1310 C CB  . LEU A 1 205 ? -7.060  9.303   -6.744  1.00 197.41 ? 182  LEU A CB  1 
ATOM   1311 C CG  . LEU A 1 205 ? -8.296  9.523   -5.829  1.00 203.74 ? 182  LEU A CG  1 
ATOM   1312 C CD1 . LEU A 1 205 ? -9.295  10.493  -6.439  1.00 204.55 ? 182  LEU A CD1 1 
ATOM   1313 C CD2 . LEU A 1 205 ? -8.980  8.214   -5.495  1.00 204.29 ? 182  LEU A CD2 1 
ATOM   1314 N N   . ALA A 1 206 ? -5.428  10.540  -4.412  1.00 206.11 ? 183  ALA A N   1 
ATOM   1315 C CA  . ALA A 1 206 ? -5.311  11.113  -3.064  1.00 209.45 ? 183  ALA A CA  1 
ATOM   1316 C C   . ALA A 1 206 ? -4.008  11.860  -2.812  1.00 212.00 ? 183  ALA A C   1 
ATOM   1317 O O   . ALA A 1 206 ? -3.599  12.014  -1.660  1.00 217.95 ? 183  ALA A O   1 
ATOM   1318 C CB  . ALA A 1 206 ? -5.519  10.027  -2.016  1.00 210.58 ? 183  ALA A CB  1 
ATOM   1319 N N   . ILE A 1 207 ? -3.376  12.352  -3.886  1.00 211.31 ? 184  ILE A N   1 
ATOM   1320 C CA  . ILE A 1 207 ? -2.127  13.101  -3.813  1.00 211.29 ? 184  ILE A CA  1 
ATOM   1321 C C   . ILE A 1 207 ? -2.284  14.450  -3.084  1.00 222.51 ? 184  ILE A C   1 
ATOM   1322 O O   . ILE A 1 207 ? -1.531  14.712  -2.144  1.00 223.32 ? 184  ILE A O   1 
ATOM   1323 C CB  . ILE A 1 207 ? -1.399  13.185  -5.190  1.00 212.83 ? 184  ILE A CB  1 
ATOM   1324 C CG1 . ILE A 1 207 ? 0.048   13.715  -5.060  1.00 213.39 ? 184  ILE A CG1 1 
ATOM   1325 C CG2 . ILE A 1 207 ? -2.212  13.916  -6.273  1.00 212.77 ? 184  ILE A CG2 1 
ATOM   1326 C CD1 . ILE A 1 207 ? 1.118   12.642  -4.864  1.00 216.97 ? 184  ILE A CD1 1 
ATOM   1327 N N   . ASP A 1 208 ? -3.265  15.283  -3.490  1.00 221.19 ? 185  ASP A N   1 
ATOM   1328 C CA  . ASP A 1 208 ? -3.524  16.579  -2.852  1.00 221.25 ? 185  ASP A CA  1 
ATOM   1329 C C   . ASP A 1 208 ? -4.268  16.418  -1.525  1.00 223.63 ? 185  ASP A C   1 
ATOM   1330 O O   . ASP A 1 208 ? -4.117  17.262  -0.641  1.00 223.84 ? 185  ASP A O   1 
ATOM   1331 C CB  . ASP A 1 208 ? -4.273  17.544  -3.796  1.00 220.72 ? 185  ASP A CB  1 
ATOM   1332 C CG  . ASP A 1 208 ? -5.461  16.944  -4.520  1.00 222.01 ? 185  ASP A CG  1 
ATOM   1333 O OD1 . ASP A 1 208 ? -5.241  16.195  -5.492  1.00 223.31 ? 185  ASP A OD1 1 
ATOM   1334 O OD2 . ASP A 1 208 ? -6.609  17.253  -4.136  1.00 221.87 ? 185  ASP A OD2 1 
ATOM   1335 N N   . TYR A 1 209 ? -5.043  15.317  -1.388  1.00 223.82 ? 186  TYR A N   1 
ATOM   1336 C CA  . TYR A 1 209 ? -5.865  14.978  -0.224  1.00 224.31 ? 186  TYR A CA  1 
ATOM   1337 C C   . TYR A 1 209 ? -5.110  14.689  1.067   1.00 226.30 ? 186  TYR A C   1 
ATOM   1338 O O   . TYR A 1 209 ? -5.202  15.472  2.020   1.00 227.01 ? 186  TYR A O   1 
ATOM   1339 C CB  . TYR A 1 209 ? -6.839  13.833  -0.546  1.00 224.26 ? 186  TYR A CB  1 
ATOM   1340 C CG  . TYR A 1 209 ? -7.849  14.202  -1.604  1.00 222.82 ? 186  TYR A CG  1 
ATOM   1341 C CD1 . TYR A 1 209 ? -9.018  14.874  -1.271  1.00 222.39 ? 186  TYR A CD1 1 
ATOM   1342 C CD2 . TYR A 1 209 ? -7.632  13.886  -2.940  1.00 222.30 ? 186  TYR A CD2 1 
ATOM   1343 C CE1 . TYR A 1 209 ? -9.945  15.233  -2.246  1.00 220.97 ? 186  TYR A CE1 1 
ATOM   1344 C CE2 . TYR A 1 209 ? -8.553  14.237  -3.924  1.00 221.31 ? 186  TYR A CE2 1 
ATOM   1345 C CZ  . TYR A 1 209 ? -9.706  14.920  -3.572  1.00 221.53 ? 186  TYR A CZ  1 
ATOM   1346 O OH  . TYR A 1 209 ? -10.625 15.262  -4.533  1.00 219.53 ? 186  TYR A OH  1 
ATOM   1347 N N   . THR A 1 210 ? -4.406  13.546  1.126   1.00 225.73 ? 187  THR A N   1 
ATOM   1348 C CA  . THR A 1 210 ? -3.705  13.148  2.346   1.00 226.17 ? 187  THR A CA  1 
ATOM   1349 C C   . THR A 1 210 ? -2.164  13.250  2.242   1.00 226.32 ? 187  THR A C   1 
ATOM   1350 O O   . THR A 1 210 ? -1.504  13.798  3.132   1.00 226.26 ? 187  THR A O   1 
ATOM   1351 C CB  . THR A 1 210 ? -4.227  11.776  2.865   1.00 226.81 ? 187  THR A CB  1 
ATOM   1352 O OG1 . THR A 1 210 ? -3.550  10.715  2.205   1.00 226.44 ? 187  THR A OG1 1 
ATOM   1353 C CG2 . THR A 1 210 ? -5.748  11.594  2.707   1.00 225.30 ? 187  THR A CG2 1 
ATOM   1354 N N   . GLY A 1 211 ? -1.645  12.773  1.118   1.00 224.93 ? 188  GLY A N   1 
ATOM   1355 C CA  . GLY A 1 211 ? -0.233  12.615  0.780   1.00 225.06 ? 188  GLY A CA  1 
ATOM   1356 C C   . GLY A 1 211 ? -0.139  11.156  0.395   1.00 225.09 ? 188  GLY A C   1 
ATOM   1357 O O   . GLY A 1 211 ? 0.917   10.521  0.451   1.00 221.94 ? 188  GLY A O   1 
ATOM   1358 N N   . CYS A 1 212 ? -1.326  10.650  0.024   1.00 217.62 ? 189  CYS A N   1 
ATOM   1359 C CA  . CYS A 1 212 ? -1.756  9.312   -0.309  1.00 215.59 ? 189  CYS A CA  1 
ATOM   1360 C C   . CYS A 1 212 ? -1.294  8.162   0.557   1.00 216.82 ? 189  CYS A C   1 
ATOM   1361 O O   . CYS A 1 212 ? -0.147  7.713   0.480   1.00 216.34 ? 189  CYS A O   1 
ATOM   1362 C CB  . CYS A 1 212 ? -1.687  9.000   -1.793  1.00 213.70 ? 189  CYS A CB  1 
ATOM   1363 S SG  . CYS A 1 212 ? -2.619  7.519   -2.255  1.00 214.08 ? 189  CYS A SG  1 
ATOM   1364 N N   . GLY A 1 213 ? -2.240  7.699   1.367   1.00 214.09 ? 190  GLY A N   1 
ATOM   1365 C CA  . GLY A 1 213 ? -2.096  6.573   2.273   1.00 214.45 ? 190  GLY A CA  1 
ATOM   1366 C C   . GLY A 1 213 ? -3.136  5.526   1.952   1.00 214.96 ? 190  GLY A C   1 
ATOM   1367 O O   . GLY A 1 213 ? -4.114  5.379   2.692   1.00 213.30 ? 190  GLY A O   1 
ATOM   1368 N N   . ILE A 1 214 ? -2.943  4.827   0.807   1.00 206.86 ? 191  ILE A N   1 
ATOM   1369 C CA  . ILE A 1 214 ? -3.834  3.773   0.299   1.00 200.40 ? 191  ILE A CA  1 
ATOM   1370 C C   . ILE A 1 214 ? -3.538  2.390   0.892   1.00 201.15 ? 191  ILE A C   1 
ATOM   1371 O O   . ILE A 1 214 ? -4.284  1.435   0.637   1.00 196.83 ? 191  ILE A O   1 
ATOM   1372 C CB  . ILE A 1 214 ? -3.934  3.752   -1.252  1.00 196.58 ? 191  ILE A CB  1 
ATOM   1373 C CG1 . ILE A 1 214 ? -2.543  3.813   -1.925  1.00 192.38 ? 191  ILE A CG1 1 
ATOM   1374 C CG2 . ILE A 1 214 ? -4.860  4.856   -1.744  1.00 202.55 ? 191  ILE A CG2 1 
ATOM   1375 C CD1 . ILE A 1 214 ? -2.456  3.246   -3.357  1.00 189.53 ? 191  ILE A CD1 1 
ATOM   1376 N N   . ASN A 1 215 ? -2.452  2.295   1.696   1.00 201.08 ? 192  ASN A N   1 
ATOM   1377 C CA  . ASN A 1 215 ? -2.013  1.069   2.368   1.00 200.79 ? 192  ASN A CA  1 
ATOM   1378 C C   . ASN A 1 215 ? -2.012  1.280   3.899   1.00 212.99 ? 192  ASN A C   1 
ATOM   1379 O O   . ASN A 1 215 ? -1.174  2.048   4.382   1.00 214.41 ? 192  ASN A O   1 
ATOM   1380 C CB  . ASN A 1 215 ? -0.605  0.626   1.886   1.00 199.78 ? 192  ASN A CB  1 
ATOM   1381 C CG  . ASN A 1 215 ? -0.454  0.095   0.464   1.00 224.10 ? 192  ASN A CG  1 
ATOM   1382 O OD1 . ASN A 1 215 ? 0.326   -0.831  0.217   1.00 216.62 ? 192  ASN A OD1 1 
ATOM   1383 N ND2 . ASN A 1 215 ? -1.086  0.718   -0.524  1.00 214.95 ? 192  ASN A ND2 1 
ATOM   1384 N N   . PRO A 1 216 ? -2.921  0.614   4.673   1.00 212.40 ? 193  PRO A N   1 
ATOM   1385 C CA  . PRO A 1 216 ? -2.939  0.798   6.135   1.00 213.94 ? 193  PRO A CA  1 
ATOM   1386 C C   . PRO A 1 216 ? -1.613  0.587   6.870   1.00 216.16 ? 193  PRO A C   1 
ATOM   1387 O O   . PRO A 1 216 ? -1.332  1.359   7.783   1.00 224.64 ? 193  PRO A O   1 
ATOM   1388 C CB  . PRO A 1 216 ? -4.013  -0.190  6.603   1.00 213.39 ? 193  PRO A CB  1 
ATOM   1389 C CG  . PRO A 1 216 ? -4.920  -0.311  5.459   1.00 217.07 ? 193  PRO A CG  1 
ATOM   1390 C CD  . PRO A 1 216 ? -4.009  -0.296  4.261   1.00 212.17 ? 193  PRO A CD  1 
ATOM   1391 N N   . ALA A 1 217 ? -0.804  -0.429  6.486   1.00 215.97 ? 194  ALA A N   1 
ATOM   1392 C CA  . ALA A 1 217 ? 0.497   -0.718  7.118   1.00 214.97 ? 194  ALA A CA  1 
ATOM   1393 C C   . ALA A 1 217 ? 1.541   0.356   6.820   1.00 216.02 ? 194  ALA A C   1 
ATOM   1394 O O   . ALA A 1 217 ? 2.361   0.654   7.684   1.00 222.38 ? 194  ALA A O   1 
ATOM   1395 C CB  . ALA A 1 217 ? 1.016   -2.077  6.679   1.00 215.62 ? 194  ALA A CB  1 
ATOM   1396 N N   . ARG A 1 218 ? 1.508   0.920   5.595   1.00 215.01 ? 195  ARG A N   1 
ATOM   1397 C CA  . ARG A 1 218 ? 2.398   1.979   5.112   1.00 212.08 ? 195  ARG A CA  1 
ATOM   1398 C C   . ARG A 1 218 ? 2.151   3.268   5.912   1.00 223.06 ? 195  ARG A C   1 
ATOM   1399 O O   . ARG A 1 218 ? 3.108   3.935   6.306   1.00 224.75 ? 195  ARG A O   1 
ATOM   1400 C CB  . ARG A 1 218 ? 2.179   2.179   3.592   1.00 211.95 ? 195  ARG A CB  1 
ATOM   1401 C CG  . ARG A 1 218 ? 2.717   3.463   2.962   1.00 219.67 ? 195  ARG A CG  1 
ATOM   1402 C CD  . ARG A 1 218 ? 1.563   4.323   2.468   1.00 224.13 ? 195  ARG A CD  1 
ATOM   1403 N NE  . ARG A 1 218 ? 1.995   5.588   1.863   1.00 227.31 ? 195  ARG A NE  1 
ATOM   1404 C CZ  . ARG A 1 218 ? 2.285   6.695   2.543   1.00 235.03 ? 195  ARG A CZ  1 
ATOM   1405 N NH1 . ARG A 1 218 ? 2.225   6.705   3.869   1.00 229.46 ? 195  ARG A NH1 1 
ATOM   1406 N NH2 . ARG A 1 218 ? 2.650   7.798   1.903   1.00 229.43 ? 195  ARG A NH2 1 
ATOM   1407 N N   . SER A 1 219 ? 0.867   3.577   6.179   1.00 219.95 ? 196  SER A N   1 
ATOM   1408 C CA  . SER A 1 219 ? 0.406   4.749   6.929   1.00 223.56 ? 196  SER A CA  1 
ATOM   1409 C C   . SER A 1 219 ? 0.625   4.627   8.463   1.00 225.92 ? 196  SER A C   1 
ATOM   1410 O O   . SER A 1 219 ? 0.900   5.632   9.123   1.00 226.27 ? 196  SER A O   1 
ATOM   1411 C CB  . SER A 1 219 ? -1.061  5.029   6.607   1.00 223.57 ? 196  SER A CB  1 
ATOM   1412 O OG  . SER A 1 219 ? -1.251  5.278   5.222   1.00 225.02 ? 196  SER A OG  1 
ATOM   1413 N N   . PHE A 1 220 ? 0.497   3.397   9.010   1.00 225.67 ? 197  PHE A N   1 
ATOM   1414 C CA  . PHE A 1 220 ? 0.680   3.030   10.421  1.00 225.88 ? 197  PHE A CA  1 
ATOM   1415 C C   . PHE A 1 220 ? 2.145   3.197   10.812  1.00 228.07 ? 197  PHE A C   1 
ATOM   1416 O O   . PHE A 1 220 ? 2.452   4.000   11.690  1.00 228.01 ? 197  PHE A O   1 
ATOM   1417 C CB  . PHE A 1 220 ? 0.236   1.572   10.618  1.00 226.09 ? 197  PHE A CB  1 
ATOM   1418 C CG  . PHE A 1 220 ? 0.385   0.948   11.984  1.00 225.94 ? 197  PHE A CG  1 
ATOM   1419 C CD1 . PHE A 1 220 ? -0.604  1.103   12.948  1.00 226.28 ? 197  PHE A CD1 1 
ATOM   1420 C CD2 . PHE A 1 220 ? 1.458   0.111   12.270  1.00 225.81 ? 197  PHE A CD2 1 
ATOM   1421 C CE1 . PHE A 1 220 ? -0.496  0.475   14.192  1.00 226.35 ? 197  PHE A CE1 1 
ATOM   1422 C CE2 . PHE A 1 220 ? 1.568   -0.513  13.516  1.00 226.23 ? 197  PHE A CE2 1 
ATOM   1423 C CZ  . PHE A 1 220 ? 0.590   -0.327  14.468  1.00 225.96 ? 197  PHE A CZ  1 
ATOM   1424 N N   . GLY A 1 221 ? 3.028   2.465   10.128  1.00 228.58 ? 198  GLY A N   1 
ATOM   1425 C CA  . GLY A 1 221 ? 4.471   2.506   10.336  1.00 228.87 ? 198  GLY A CA  1 
ATOM   1426 C C   . GLY A 1 221 ? 5.113   3.809   9.907   1.00 230.54 ? 198  GLY A C   1 
ATOM   1427 O O   . GLY A 1 221 ? 6.326   3.972   10.064  1.00 230.31 ? 198  GLY A O   1 
ATOM   1428 N N   . SER A 1 222 ? 4.299   4.743   9.356   1.00 231.18 ? 199  SER A N   1 
ATOM   1429 C CA  . SER A 1 222 ? 4.709   6.085   8.929   1.00 231.92 ? 199  SER A CA  1 
ATOM   1430 C C   . SER A 1 222 ? 4.914   6.988   10.159  1.00 234.72 ? 199  SER A C   1 
ATOM   1431 O O   . SER A 1 222 ? 5.842   7.802   10.165  1.00 234.63 ? 199  SER A O   1 
ATOM   1432 C CB  . SER A 1 222 ? 3.695   6.674   7.945   1.00 233.02 ? 199  SER A CB  1 
ATOM   1433 O OG  . SER A 1 222 ? 3.062   7.876   8.356   1.00 235.21 ? 199  SER A OG  1 
ATOM   1434 N N   . ALA A 1 223 ? 4.056   6.822   11.205  1.00 235.36 ? 200  ALA A N   1 
ATOM   1435 C CA  . ALA A 1 223 ? 4.115   7.556   12.476  1.00 235.94 ? 200  ALA A CA  1 
ATOM   1436 C C   . ALA A 1 223 ? 3.772   6.655   13.664  1.00 237.85 ? 200  ALA A C   1 
ATOM   1437 O O   . ALA A 1 223 ? 2.600   6.477   13.994  1.00 238.36 ? 200  ALA A O   1 
ATOM   1438 C CB  . ALA A 1 223 ? 3.218   8.790   12.440  1.00 236.09 ? 200  ALA A CB  1 
ATOM   1439 N N   . VAL A 1 224 ? 4.813   6.043   14.258  1.00 237.19 ? 201  VAL A N   1 
ATOM   1440 C CA  . VAL A 1 224 ? 4.770   5.153   15.434  1.00 237.45 ? 201  VAL A CA  1 
ATOM   1441 C C   . VAL A 1 224 ? 5.973   5.416   16.345  1.00 238.71 ? 201  VAL A C   1 
ATOM   1442 O O   . VAL A 1 224 ? 5.871   5.279   17.568  1.00 238.60 ? 201  VAL A O   1 
ATOM   1443 C CB  . VAL A 1 224 ? 4.602   3.645   15.117  1.00 238.32 ? 201  VAL A CB  1 
ATOM   1444 C CG1 . VAL A 1 224 ? 3.137   3.284   14.901  1.00 238.60 ? 201  VAL A CG1 1 
ATOM   1445 C CG2 . VAL A 1 224 ? 5.469   3.203   13.941  1.00 238.20 ? 201  VAL A CG2 1 
ATOM   1446 N N   . ILE A 1 225 ? 7.120   5.768   15.727  1.00 238.33 ? 202  ILE A N   1 
ATOM   1447 C CA  . ILE A 1 225 ? 8.368   6.171   16.387  1.00 238.17 ? 202  ILE A CA  1 
ATOM   1448 C C   . ILE A 1 225 ? 8.610   7.675   16.122  1.00 238.93 ? 202  ILE A C   1 
ATOM   1449 O O   . ILE A 1 225 ? 9.234   8.358   16.945  1.00 238.62 ? 202  ILE A O   1 
ATOM   1450 C CB  . ILE A 1 225 ? 9.611   5.264   16.101  1.00 238.52 ? 202  ILE A CB  1 
ATOM   1451 C CG1 . ILE A 1 225 ? 9.914   5.043   14.576  1.00 238.29 ? 202  ILE A CG1 1 
ATOM   1452 C CG2 . ILE A 1 225 ? 9.610   3.979   16.952  1.00 238.84 ? 202  ILE A CG2 1 
ATOM   1453 C CD1 . ILE A 1 225 ? 9.123   3.952   13.784  1.00 237.15 ? 202  ILE A CD1 1 
ATOM   1454 N N   . THR A 1 226 ? 8.060   8.182   14.981  1.00 238.06 ? 203  THR A N   1 
ATOM   1455 C CA  . THR A 1 226 ? 8.088   9.591   14.557  1.00 237.72 ? 203  THR A CA  1 
ATOM   1456 C C   . THR A 1 226 ? 7.029   10.354  15.381  1.00 238.47 ? 203  THR A C   1 
ATOM   1457 O O   . THR A 1 226 ? 7.201   11.542  15.668  1.00 238.40 ? 203  THR A O   1 
ATOM   1458 C CB  . THR A 1 226 ? 7.883   9.722   13.024  1.00 237.53 ? 203  THR A CB  1 
ATOM   1459 O OG1 . THR A 1 226 ? 6.582   9.273   12.663  1.00 236.90 ? 203  THR A OG1 1 
ATOM   1460 C CG2 . THR A 1 226 ? 8.930   8.967   12.212  1.00 235.99 ? 203  THR A CG2 1 
ATOM   1461 N N   . HIS A 1 227 ? 5.948   9.629   15.769  1.00 237.66 ? 204  HIS A N   1 
ATOM   1462 C CA  . HIS A 1 227 ? 4.814   10.026  16.617  1.00 237.66 ? 204  HIS A CA  1 
ATOM   1463 C C   . HIS A 1 227 ? 3.906   11.171  16.131  1.00 237.60 ? 204  HIS A C   1 
ATOM   1464 O O   . HIS A 1 227 ? 4.301   12.339  16.177  1.00 237.45 ? 204  HIS A O   1 
ATOM   1465 C CB  . HIS A 1 227 ? 5.228   10.175  18.100  1.00 238.02 ? 204  HIS A CB  1 
ATOM   1466 C CG  . HIS A 1 227 ? 5.760   8.914   18.716  1.00 238.84 ? 204  HIS A CG  1 
ATOM   1467 N ND1 . HIS A 1 227 ? 7.121   8.706   18.880  1.00 239.09 ? 204  HIS A ND1 1 
ATOM   1468 C CD2 . HIS A 1 227 ? 5.096   7.834   19.189  1.00 239.48 ? 204  HIS A CD2 1 
ATOM   1469 C CE1 . HIS A 1 227 ? 7.238   7.512   19.444  1.00 239.00 ? 204  HIS A CE1 1 
ATOM   1470 N NE2 . HIS A 1 227 ? 6.047   6.946   19.642  1.00 239.34 ? 204  HIS A NE2 1 
ATOM   1471 N N   . ASN A 1 228 ? 2.674   10.807  15.684  1.00 236.07 ? 205  ASN A N   1 
ATOM   1472 C CA  . ASN A 1 228 ? 1.566   11.657  15.202  1.00 235.56 ? 205  ASN A CA  1 
ATOM   1473 C C   . ASN A 1 228 ? 0.426   10.737  14.734  1.00 235.20 ? 205  ASN A C   1 
ATOM   1474 O O   . ASN A 1 228 ? 0.366   10.371  13.557  1.00 234.94 ? 205  ASN A O   1 
ATOM   1475 C CB  . ASN A 1 228 ? 2.003   12.626  14.080  1.00 236.65 ? 205  ASN A CB  1 
ATOM   1476 C CG  . ASN A 1 228 ? 1.945   14.086  14.474  1.00 248.45 ? 205  ASN A CG  1 
ATOM   1477 O OD1 . ASN A 1 228 ? 0.974   14.791  14.182  1.00 248.13 ? 205  ASN A OD1 1 
ATOM   1478 N ND2 . ASN A 1 228 ? 2.991   14.580  15.127  1.00 247.98 ? 205  ASN A ND2 1 
ATOM   1479 N N   . PHE A 1 229 ? -0.452  10.336  15.673  1.00 233.83 ? 206  PHE A N   1 
ATOM   1480 C CA  . PHE A 1 229 ? -1.565  9.403   15.438  1.00 233.71 ? 206  PHE A CA  1 
ATOM   1481 C C   . PHE A 1 229 ? -2.903  10.118  15.199  1.00 234.30 ? 206  PHE A C   1 
ATOM   1482 O O   . PHE A 1 229 ? -3.980  9.566   15.455  1.00 234.18 ? 206  PHE A O   1 
ATOM   1483 C CB  . PHE A 1 229 ? -1.648  8.366   16.576  1.00 234.35 ? 206  PHE A CB  1 
ATOM   1484 C CG  . PHE A 1 229 ? -0.313  7.778   16.981  1.00 234.87 ? 206  PHE A CG  1 
ATOM   1485 C CD1 . PHE A 1 229 ? 0.471   8.391   17.955  1.00 235.51 ? 206  PHE A CD1 1 
ATOM   1486 C CD2 . PHE A 1 229 ? 0.160   6.613   16.391  1.00 235.30 ? 206  PHE A CD2 1 
ATOM   1487 C CE1 . PHE A 1 229 ? 1.709   7.856   18.318  1.00 235.72 ? 206  PHE A CE1 1 
ATOM   1488 C CE2 . PHE A 1 229 ? 1.392   6.068   16.769  1.00 236.02 ? 206  PHE A CE2 1 
ATOM   1489 C CZ  . PHE A 1 229 ? 2.162   6.700   17.721  1.00 235.69 ? 206  PHE A CZ  1 
ATOM   1490 N N   . SER A 1 230 ? -2.809  11.344  14.666  1.00 233.89 ? 207  SER A N   1 
ATOM   1491 C CA  . SER A 1 230 ? -3.923  12.225  14.333  1.00 233.92 ? 207  SER A CA  1 
ATOM   1492 C C   . SER A 1 230 ? -4.554  11.787  13.012  1.00 234.78 ? 207  SER A C   1 
ATOM   1493 O O   . SER A 1 230 ? -3.923  11.945  11.964  1.00 235.10 ? 207  SER A O   1 
ATOM   1494 C CB  . SER A 1 230 ? -3.425  13.666  14.226  1.00 235.27 ? 207  SER A CB  1 
ATOM   1495 O OG  . SER A 1 230 ? -2.379  13.776  13.272  1.00 237.86 ? 207  SER A OG  1 
ATOM   1496 N N   . ASN A 1 231 ? -5.794  11.237  13.066  1.00 234.36 ? 208  ASN A N   1 
ATOM   1497 C CA  . ASN A 1 231 ? -6.593  10.732  11.924  1.00 234.41 ? 208  ASN A CA  1 
ATOM   1498 C C   . ASN A 1 231 ? -6.118  9.373   11.309  1.00 234.81 ? 208  ASN A C   1 
ATOM   1499 O O   . ASN A 1 231 ? -6.562  8.994   10.222  1.00 234.17 ? 208  ASN A O   1 
ATOM   1500 C CB  . ASN A 1 231 ? -6.834  11.820  10.852  1.00 236.46 ? 208  ASN A CB  1 
ATOM   1501 C CG  . ASN A 1 231 ? -8.286  12.129  10.588  1.00 246.43 ? 208  ASN A CG  1 
ATOM   1502 O OD1 . ASN A 1 231 ? -8.910  11.588  9.664   1.00 244.65 ? 208  ASN A OD1 1 
ATOM   1503 N ND2 . ASN A 1 231 ? -8.845  13.036  11.377  1.00 243.14 ? 208  ASN A ND2 1 
ATOM   1504 N N   . HIS A 1 232 ? -5.263  8.631   12.051  1.00 233.84 ? 209  HIS A N   1 
ATOM   1505 C CA  . HIS A 1 232 ? -4.682  7.322   11.706  1.00 233.74 ? 209  HIS A CA  1 
ATOM   1506 C C   . HIS A 1 232 ? -5.716  6.184   11.689  1.00 234.14 ? 209  HIS A C   1 
ATOM   1507 O O   . HIS A 1 232 ? -5.460  5.136   11.095  1.00 233.84 ? 209  HIS A O   1 
ATOM   1508 C CB  . HIS A 1 232 ? -3.581  6.974   12.721  1.00 234.20 ? 209  HIS A CB  1 
ATOM   1509 C CG  . HIS A 1 232 ? -2.181  7.033   12.191  1.00 234.99 ? 209  HIS A CG  1 
ATOM   1510 N ND1 . HIS A 1 232 ? -1.282  6.009   12.435  1.00 235.52 ? 209  HIS A ND1 1 
ATOM   1511 C CD2 . HIS A 1 232 ? -1.556  8.004   11.486  1.00 235.23 ? 209  HIS A CD2 1 
ATOM   1512 C CE1 . HIS A 1 232 ? -0.148  6.386   11.870  1.00 235.36 ? 209  HIS A CE1 1 
ATOM   1513 N NE2 . HIS A 1 232 ? -0.267  7.574   11.277  1.00 235.37 ? 209  HIS A NE2 1 
ATOM   1514 N N   . TRP A 1 233 ? -6.849  6.373   12.376  1.00 233.47 ? 210  TRP A N   1 
ATOM   1515 C CA  . TRP A 1 233 ? -7.937  5.398   12.461  1.00 233.52 ? 210  TRP A CA  1 
ATOM   1516 C C   . TRP A 1 233 ? -8.716  5.297   11.153  1.00 233.72 ? 210  TRP A C   1 
ATOM   1517 O O   . TRP A 1 233 ? -9.336  4.261   10.904  1.00 233.45 ? 210  TRP A O   1 
ATOM   1518 C CB  . TRP A 1 233 ? -8.875  5.719   13.632  1.00 233.33 ? 210  TRP A CB  1 
ATOM   1519 C CG  . TRP A 1 233 ? -8.938  7.178   13.975  1.00 233.40 ? 210  TRP A CG  1 
ATOM   1520 C CD1 . TRP A 1 233 ? -8.260  7.816   14.973  1.00 234.37 ? 210  TRP A CD1 1 
ATOM   1521 C CD2 . TRP A 1 233 ? -9.673  8.190   13.275  1.00 233.00 ? 210  TRP A CD2 1 
ATOM   1522 N NE1 . TRP A 1 233 ? -8.557  9.160   14.964  1.00 233.87 ? 210  TRP A NE1 1 
ATOM   1523 C CE2 . TRP A 1 233 ? -9.424  9.418   13.933  1.00 233.86 ? 210  TRP A CE2 1 
ATOM   1524 C CE3 . TRP A 1 233 ? -10.557 8.177   12.182  1.00 232.86 ? 210  TRP A CE3 1 
ATOM   1525 C CZ2 . TRP A 1 233 ? -10.010 10.623  13.519  1.00 233.18 ? 210  TRP A CZ2 1 
ATOM   1526 C CZ3 . TRP A 1 233 ? -11.122 9.371   11.762  1.00 232.61 ? 210  TRP A CZ3 1 
ATOM   1527 C CH2 . TRP A 1 233 ? -10.860 10.574  12.436  1.00 232.81 ? 210  TRP A CH2 1 
ATOM   1528 N N   . ILE A 1 234 ? -8.683  6.367   10.318  1.00 232.79 ? 211  ILE A N   1 
ATOM   1529 C CA  . ILE A 1 234 ? -9.348  6.411   9.011   1.00 232.30 ? 211  ILE A CA  1 
ATOM   1530 C C   . ILE A 1 234 ? -8.485  5.740   7.930   1.00 233.64 ? 211  ILE A C   1 
ATOM   1531 O O   . ILE A 1 234 ? -9.030  5.158   6.991   1.00 233.38 ? 211  ILE A O   1 
ATOM   1532 C CB  . ILE A 1 234 ? -9.868  7.834   8.639   1.00 232.29 ? 211  ILE A CB  1 
ATOM   1533 C CG1 . ILE A 1 234 ? -11.232 7.781   7.936   1.00 231.40 ? 211  ILE A CG1 1 
ATOM   1534 C CG2 . ILE A 1 234 ? -8.862  8.671   7.850   1.00 232.45 ? 211  ILE A CG2 1 
ATOM   1535 C CD1 . ILE A 1 234 ? -12.445 7.661   8.858   1.00 230.55 ? 211  ILE A CD1 1 
ATOM   1536 N N   . PHE A 1 235 ? -7.138  5.783   8.111   1.00 233.53 ? 212  PHE A N   1 
ATOM   1537 C CA  . PHE A 1 235 ? -6.130  5.157   7.247   1.00 234.03 ? 212  PHE A CA  1 
ATOM   1538 C C   . PHE A 1 235 ? -5.941  3.697   7.676   1.00 235.04 ? 212  PHE A C   1 
ATOM   1539 O O   . PHE A 1 235 ? -4.822  3.180   7.664   1.00 235.34 ? 212  PHE A O   1 
ATOM   1540 C CB  . PHE A 1 235 ? -4.778  5.905   7.327   1.00 234.81 ? 212  PHE A CB  1 
ATOM   1541 C CG  . PHE A 1 235 ? -4.778  7.360   6.923   1.00 234.89 ? 212  PHE A CG  1 
ATOM   1542 C CD1 . PHE A 1 235 ? -4.944  7.731   5.593   1.00 234.97 ? 212  PHE A CD1 1 
ATOM   1543 C CD2 . PHE A 1 235 ? -4.557  8.359   7.864   1.00 235.63 ? 212  PHE A CD2 1 
ATOM   1544 C CE1 . PHE A 1 235 ? -4.935  9.076   5.219   1.00 235.38 ? 212  PHE A CE1 1 
ATOM   1545 C CE2 . PHE A 1 235 ? -4.551  9.706   7.490   1.00 235.49 ? 212  PHE A CE2 1 
ATOM   1546 C CZ  . PHE A 1 235 ? -4.732  10.055  6.168   1.00 235.20 ? 212  PHE A CZ  1 
ATOM   1547 N N   . TRP A 1 236 ? -7.048  3.046   8.068   1.00 234.20 ? 213  TRP A N   1 
ATOM   1548 C CA  . TRP A 1 236 ? -7.095  1.666   8.526   1.00 234.55 ? 213  TRP A CA  1 
ATOM   1549 C C   . TRP A 1 236 ? -8.478  1.077   8.296   1.00 233.97 ? 213  TRP A C   1 
ATOM   1550 O O   . TRP A 1 236 ? -8.580  0.038   7.654   1.00 233.88 ? 213  TRP A O   1 
ATOM   1551 C CB  . TRP A 1 236 ? -6.709  1.567   10.011  1.00 234.91 ? 213  TRP A CB  1 
ATOM   1552 C CG  . TRP A 1 236 ? -5.259  1.276   10.244  1.00 235.64 ? 213  TRP A CG  1 
ATOM   1553 C CD1 . TRP A 1 236 ? -4.269  2.178   10.503  1.00 236.51 ? 213  TRP A CD1 1 
ATOM   1554 C CD2 . TRP A 1 236 ? -4.642  -0.015  10.272  1.00 235.82 ? 213  TRP A CD2 1 
ATOM   1555 N NE1 . TRP A 1 236 ? -3.069  1.531   10.662  1.00 236.64 ? 213  TRP A NE1 1 
ATOM   1556 C CE2 . TRP A 1 236 ? -3.270  0.179   10.533  1.00 237.16 ? 213  TRP A CE2 1 
ATOM   1557 C CE3 . TRP A 1 236 ? -5.118  -1.326  10.084  1.00 236.29 ? 213  TRP A CE3 1 
ATOM   1558 C CZ2 . TRP A 1 236 ? -2.363  -0.887  10.606  1.00 237.14 ? 213  TRP A CZ2 1 
ATOM   1559 C CZ3 . TRP A 1 236 ? -4.219  -2.382  10.156  1.00 236.64 ? 213  TRP A CZ3 1 
ATOM   1560 C CH2 . TRP A 1 236 ? -2.860  -2.159  10.416  1.00 237.09 ? 213  TRP A CH2 1 
ATOM   1561 N N   . VAL A 1 237 ? -9.538  1.743   8.802   1.00 231.83 ? 214  VAL A N   1 
ATOM   1562 C CA  . VAL A 1 237 ? -10.928 1.288   8.694   1.00 231.12 ? 214  VAL A CA  1 
ATOM   1563 C C   . VAL A 1 237 ? -11.495 1.300   7.253   1.00 232.08 ? 214  VAL A C   1 
ATOM   1564 O O   . VAL A 1 237 ? -12.331 0.463   6.905   1.00 232.60 ? 214  VAL A O   1 
ATOM   1565 C CB  . VAL A 1 237 ? -11.841 1.958   9.756   1.00 231.34 ? 214  VAL A CB  1 
ATOM   1566 C CG1 . VAL A 1 237 ? -12.266 3.366   9.342   1.00 230.79 ? 214  VAL A CG1 1 
ATOM   1567 C CG2 . VAL A 1 237 ? -13.048 1.086   10.090  1.00 231.17 ? 214  VAL A CG2 1 
ATOM   1568 N N   . GLY A 1 238 ? -11.017 2.228   6.434   1.00 230.69 ? 215  GLY A N   1 
ATOM   1569 C CA  . GLY A 1 238 ? -11.422 2.340   5.042   1.00 229.70 ? 215  GLY A CA  1 
ATOM   1570 C C   . GLY A 1 238 ? -10.321 3.006   4.248   1.00 229.24 ? 215  GLY A C   1 
ATOM   1571 O O   . GLY A 1 238 ? -10.173 4.224   4.404   1.00 228.80 ? 215  GLY A O   1 
ATOM   1572 N N   . PRO A 1 239 ? -9.485  2.301   3.409   1.00 227.89 ? 216  PRO A N   1 
ATOM   1573 C CA  . PRO A 1 239 ? -9.349  0.876   3.048   1.00 219.21 ? 216  PRO A CA  1 
ATOM   1574 C C   . PRO A 1 239 ? -10.306 -0.226  3.535   1.00 222.29 ? 216  PRO A C   1 
ATOM   1575 O O   . PRO A 1 239 ? -11.467 -0.198  3.141   1.00 224.09 ? 216  PRO A O   1 
ATOM   1576 C CB  . PRO A 1 239 ? -7.853  0.647   3.273   1.00 219.37 ? 216  PRO A CB  1 
ATOM   1577 C CG  . PRO A 1 239 ? -7.226  2.003   2.823   1.00 221.01 ? 216  PRO A CG  1 
ATOM   1578 C CD  . PRO A 1 239 ? -8.378  3.015   2.749   1.00 225.89 ? 216  PRO A CD  1 
ATOM   1579 N N   . PHE A 1 240 ? -9.798  -1.238  4.276   1.00 216.95 ? 217  PHE A N   1 
ATOM   1580 C CA  . PHE A 1 240 ? -10.514 -2.396  4.838   1.00 218.63 ? 217  PHE A CA  1 
ATOM   1581 C C   . PHE A 1 240 ? -11.935 -2.649  4.301   1.00 220.45 ? 217  PHE A C   1 
ATOM   1582 O O   . PHE A 1 240 ? -12.110 -3.553  3.491   1.00 216.86 ? 217  PHE A O   1 
ATOM   1583 C CB  . PHE A 1 240 ? -10.503 -2.318  6.365   1.00 227.85 ? 217  PHE A CB  1 
ATOM   1584 C CG  . PHE A 1 240 ? -10.660 -3.606  7.136   1.00 229.02 ? 217  PHE A CG  1 
ATOM   1585 C CD1 . PHE A 1 240 ? -9.547  -4.360  7.493   1.00 230.34 ? 217  PHE A CD1 1 
ATOM   1586 C CD2 . PHE A 1 240 ? -11.905 -3.999  7.618   1.00 229.92 ? 217  PHE A CD2 1 
ATOM   1587 C CE1 . PHE A 1 240 ? -9.682  -5.512  8.280   1.00 230.78 ? 217  PHE A CE1 1 
ATOM   1588 C CE2 . PHE A 1 240 ? -12.042 -5.156  8.396   1.00 230.51 ? 217  PHE A CE2 1 
ATOM   1589 C CZ  . PHE A 1 240 ? -10.929 -5.909  8.717   1.00 230.21 ? 217  PHE A CZ  1 
ATOM   1590 N N   . ILE A 1 241 ? -12.930 -1.840  4.730   1.00 224.49 ? 218  ILE A N   1 
ATOM   1591 C CA  . ILE A 1 241 ? -14.342 -1.939  4.328   1.00 224.41 ? 218  ILE A CA  1 
ATOM   1592 C C   . ILE A 1 241 ? -14.529 -1.774  2.815   1.00 222.23 ? 218  ILE A C   1 
ATOM   1593 O O   . ILE A 1 241 ? -15.271 -2.546  2.208   1.00 220.00 ? 218  ILE A O   1 
ATOM   1594 C CB  . ILE A 1 241 ? -15.235 -0.974  5.155   1.00 224.62 ? 218  ILE A CB  1 
ATOM   1595 C CG1 . ILE A 1 241 ? -15.236 -1.368  6.655   1.00 224.88 ? 218  ILE A CG1 1 
ATOM   1596 C CG2 . ILE A 1 241 ? -16.669 -0.901  4.590   1.00 224.17 ? 218  ILE A CG2 1 
ATOM   1597 C CD1 . ILE A 1 241 ? -15.692 -0.263  7.660   1.00 222.96 ? 218  ILE A CD1 1 
ATOM   1598 N N   . GLY A 1 242 ? -13.861 -0.778  2.240   1.00 216.84 ? 219  GLY A N   1 
ATOM   1599 C CA  . GLY A 1 242 ? -13.891 -0.498  0.808   1.00 214.48 ? 219  GLY A CA  1 
ATOM   1600 C C   . GLY A 1 242 ? -13.330 -1.640  -0.018  1.00 214.60 ? 219  GLY A C   1 
ATOM   1601 O O   . GLY A 1 242 ? -13.919 -2.024  -1.033  1.00 212.66 ? 219  GLY A O   1 
ATOM   1602 N N   . GLY A 1 243 ? -12.209 -2.196  0.444   1.00 210.50 ? 220  GLY A N   1 
ATOM   1603 C CA  . GLY A 1 243 ? -11.542 -3.338  -0.173  1.00 205.64 ? 220  GLY A CA  1 
ATOM   1604 C C   . GLY A 1 243 ? -12.400 -4.587  -0.105  1.00 206.16 ? 220  GLY A C   1 
ATOM   1605 O O   . GLY A 1 243 ? -12.376 -5.406  -1.029  1.00 202.68 ? 220  GLY A O   1 
ATOM   1606 N N   . ALA A 1 244 ? -13.189 -4.718  0.984   1.00 205.79 ? 221  ALA A N   1 
ATOM   1607 C CA  . ALA A 1 244 ? -14.123 -5.819  1.215   1.00 205.48 ? 221  ALA A CA  1 
ATOM   1608 C C   . ALA A 1 244 ? -15.417 -5.610  0.420   1.00 206.00 ? 221  ALA A C   1 
ATOM   1609 O O   . ALA A 1 244 ? -16.099 -6.586  0.100   1.00 204.72 ? 221  ALA A O   1 
ATOM   1610 C CB  . ALA A 1 244 ? -14.430 -5.934  2.694   1.00 209.36 ? 221  ALA A CB  1 
ATOM   1611 N N   . LEU A 1 245 ? -15.752 -4.336  0.099   1.00 202.91 ? 222  LEU A N   1 
ATOM   1612 C CA  . LEU A 1 245 ? -16.935 -3.976  -0.694  1.00 201.90 ? 222  LEU A CA  1 
ATOM   1613 C C   . LEU A 1 245 ? -16.711 -4.483  -2.106  1.00 198.25 ? 222  LEU A C   1 
ATOM   1614 O O   . LEU A 1 245 ? -17.627 -5.039  -2.705  1.00 196.40 ? 222  LEU A O   1 
ATOM   1615 C CB  . LEU A 1 245 ? -17.151 -2.442  -0.705  1.00 203.22 ? 222  LEU A CB  1 
ATOM   1616 C CG  . LEU A 1 245 ? -18.591 -1.869  -0.656  1.00 207.62 ? 222  LEU A CG  1 
ATOM   1617 C CD1 . LEU A 1 245 ? -19.442 -2.280  -1.871  1.00 205.56 ? 222  LEU A CD1 1 
ATOM   1618 C CD2 . LEU A 1 245 ? -19.271 -2.124  0.687   1.00 217.69 ? 222  LEU A CD2 1 
ATOM   1619 N N   . ALA A 1 246 ? -15.462 -4.331  -2.596  1.00 192.89 ? 223  ALA A N   1 
ATOM   1620 C CA  . ALA A 1 246 ? -14.976 -4.775  -3.900  1.00 188.70 ? 223  ALA A CA  1 
ATOM   1621 C C   . ALA A 1 246 ? -15.168 -6.286  -4.088  1.00 189.38 ? 223  ALA A C   1 
ATOM   1622 O O   . ALA A 1 246 ? -15.553 -6.720  -5.178  1.00 186.06 ? 223  ALA A O   1 
ATOM   1623 C CB  . ALA A 1 246 ? -13.511 -4.401  -4.060  1.00 187.21 ? 223  ALA A CB  1 
ATOM   1624 N N   . VAL A 1 247 ? -14.945 -7.074  -3.008  1.00 189.01 ? 224  VAL A N   1 
ATOM   1625 C CA  . VAL A 1 247 ? -15.146 -8.528  -2.987  1.00 188.21 ? 224  VAL A CA  1 
ATOM   1626 C C   . VAL A 1 247 ? -16.595 -8.771  -3.416  1.00 192.61 ? 224  VAL A C   1 
ATOM   1627 O O   . VAL A 1 247 ? -16.808 -9.491  -4.389  1.00 189.95 ? 224  VAL A O   1 
ATOM   1628 C CB  . VAL A 1 247 ? -14.820 -9.167  -1.605  1.00 193.23 ? 224  VAL A CB  1 
ATOM   1629 C CG1 . VAL A 1 247 ? -15.002 -10.684 -1.623  1.00 192.41 ? 224  VAL A CG1 1 
ATOM   1630 C CG2 . VAL A 1 247 ? -13.414 -8.805  -1.149  1.00 192.29 ? 224  VAL A CG2 1 
ATOM   1631 N N   . LEU A 1 248 ? -17.569 -8.077  -2.768  1.00 193.96 ? 225  LEU A N   1 
ATOM   1632 C CA  . LEU A 1 248 ? -18.994 -8.159  -3.112  1.00 195.17 ? 225  LEU A CA  1 
ATOM   1633 C C   . LEU A 1 248 ? -19.291 -7.694  -4.546  1.00 196.17 ? 225  LEU A C   1 
ATOM   1634 O O   . LEU A 1 248 ? -20.113 -8.316  -5.225  1.00 195.26 ? 225  LEU A O   1 
ATOM   1635 C CB  . LEU A 1 248 ? -19.884 -7.452  -2.075  1.00 199.43 ? 225  LEU A CB  1 
ATOM   1636 C CG  . LEU A 1 248 ? -20.230 -8.320  -0.862  1.00 204.56 ? 225  LEU A CG  1 
ATOM   1637 C CD1 . LEU A 1 248 ? -19.874 -7.634  0.434   1.00 206.93 ? 225  LEU A CD1 1 
ATOM   1638 C CD2 . LEU A 1 248 ? -21.676 -8.777  -0.892  1.00 206.91 ? 225  LEU A CD2 1 
ATOM   1639 N N   . ILE A 1 249 ? -18.569 -6.659  -5.030  1.00 192.40 ? 226  ILE A N   1 
ATOM   1640 C CA  . ILE A 1 249 ? -18.729 -6.129  -6.388  1.00 189.54 ? 226  ILE A CA  1 
ATOM   1641 C C   . ILE A 1 249 ? -18.329 -7.188  -7.412  1.00 188.35 ? 226  ILE A C   1 
ATOM   1642 O O   . ILE A 1 249 ? -19.102 -7.453  -8.326  1.00 186.88 ? 226  ILE A O   1 
ATOM   1643 C CB  . ILE A 1 249 ? -18.005 -4.761  -6.592  1.00 191.55 ? 226  ILE A CB  1 
ATOM   1644 C CG1 . ILE A 1 249 ? -18.404 -3.750  -5.492  1.00 195.96 ? 226  ILE A CG1 1 
ATOM   1645 C CG2 . ILE A 1 249 ? -18.308 -4.178  -7.974  1.00 189.73 ? 226  ILE A CG2 1 
ATOM   1646 C CD1 . ILE A 1 249 ? -17.501 -2.543  -5.310  1.00 202.26 ? 226  ILE A CD1 1 
ATOM   1647 N N   . TYR A 1 250 ? -17.172 -7.841  -7.216  1.00 184.33 ? 227  TYR A N   1 
ATOM   1648 C CA  . TYR A 1 250 ? -16.657 -8.861  -8.129  1.00 180.96 ? 227  TYR A CA  1 
ATOM   1649 C C   . TYR A 1 250 ? -17.174 -10.268 -7.819  1.00 185.05 ? 227  TYR A C   1 
ATOM   1650 O O   . TYR A 1 250 ? -17.951 -10.791 -8.608  1.00 183.89 ? 227  TYR A O   1 
ATOM   1651 C CB  . TYR A 1 250 ? -15.122 -8.807  -8.166  1.00 179.64 ? 227  TYR A CB  1 
ATOM   1652 C CG  . TYR A 1 250 ? -14.467 -9.544  -9.313  1.00 171.55 ? 227  TYR A CG  1 
ATOM   1653 C CD1 . TYR A 1 250 ? -14.335 -8.950  -10.566 1.00 166.03 ? 227  TYR A CD1 1 
ATOM   1654 C CD2 . TYR A 1 250 ? -13.877 -10.789 -9.120  1.00 169.64 ? 227  TYR A CD2 1 
ATOM   1655 C CE1 . TYR A 1 250 ? -13.686 -9.603  -11.617 1.00 155.53 ? 227  TYR A CE1 1 
ATOM   1656 C CE2 . TYR A 1 250 ? -13.198 -11.437 -10.154 1.00 160.43 ? 227  TYR A CE2 1 
ATOM   1657 C CZ  . TYR A 1 250 ? -13.106 -10.839 -11.400 1.00 155.22 ? 227  TYR A CZ  1 
ATOM   1658 O OH  . TYR A 1 250 ? -12.460 -11.485 -12.417 1.00 140.34 ? 227  TYR A OH  1 
ATOM   1659 N N   . ASP A 1 251 ? -16.790 -10.858 -6.666  1.00 185.41 ? 228  ASP A N   1 
ATOM   1660 C CA  . ASP A 1 251 ? -17.160 -12.221 -6.230  1.00 186.90 ? 228  ASP A CA  1 
ATOM   1661 C C   . ASP A 1 251 ? -18.647 -12.510 -5.922  1.00 193.25 ? 228  ASP A C   1 
ATOM   1662 O O   . ASP A 1 251 ? -18.982 -13.641 -5.561  1.00 193.80 ? 228  ASP A O   1 
ATOM   1663 C CB  . ASP A 1 251 ? -16.262 -12.675 -5.062  1.00 189.48 ? 228  ASP A CB  1 
ATOM   1664 C CG  . ASP A 1 251 ? -15.152 -13.628 -5.459  1.00 195.47 ? 228  ASP A CG  1 
ATOM   1665 O OD1 . ASP A 1 251 ? -14.424 -13.324 -6.439  1.00 192.47 ? 228  ASP A OD1 1 
ATOM   1666 O OD2 . ASP A 1 251 ? -14.964 -14.642 -4.753  1.00 201.44 ? 228  ASP A OD2 1 
ATOM   1667 N N   . PHE A 1 252 ? -19.527 -11.506 -6.044  1.00 193.42 ? 229  PHE A N   1 
ATOM   1668 C CA  . PHE A 1 252 ? -20.954 -11.668 -5.765  1.00 196.91 ? 229  PHE A CA  1 
ATOM   1669 C C   . PHE A 1 252 ? -21.848 -10.959 -6.791  1.00 198.96 ? 229  PHE A C   1 
ATOM   1670 O O   . PHE A 1 252 ? -23.021 -11.325 -6.926  1.00 200.17 ? 229  PHE A O   1 
ATOM   1671 C CB  . PHE A 1 252 ? -21.286 -11.174 -4.345  1.00 202.77 ? 229  PHE A CB  1 
ATOM   1672 C CG  . PHE A 1 252 ? -20.648 -11.928 -3.199  1.00 206.05 ? 229  PHE A CG  1 
ATOM   1673 C CD1 . PHE A 1 252 ? -19.353 -11.632 -2.782  1.00 206.83 ? 229  PHE A CD1 1 
ATOM   1674 C CD2 . PHE A 1 252 ? -21.361 -12.892 -2.498  1.00 211.14 ? 229  PHE A CD2 1 
ATOM   1675 C CE1 . PHE A 1 252 ? -18.769 -12.315 -1.711  1.00 210.67 ? 229  PHE A CE1 1 
ATOM   1676 C CE2 . PHE A 1 252 ? -20.781 -13.568 -1.419  1.00 213.41 ? 229  PHE A CE2 1 
ATOM   1677 C CZ  . PHE A 1 252 ? -19.489 -13.274 -1.032  1.00 212.08 ? 229  PHE A CZ  1 
ATOM   1678 N N   . ILE A 1 253 ? -21.305 -9.948  -7.507  1.00 194.36 ? 230  ILE A N   1 
ATOM   1679 C CA  . ILE A 1 253 ? -22.051 -9.167  -8.496  1.00 193.25 ? 230  ILE A CA  1 
ATOM   1680 C C   . ILE A 1 253 ? -21.555 -9.358  -9.938  1.00 191.35 ? 230  ILE A C   1 
ATOM   1681 O O   . ILE A 1 253 ? -22.356 -9.688  -10.808 1.00 189.86 ? 230  ILE A O   1 
ATOM   1682 C CB  . ILE A 1 253 ? -22.147 -7.670  -8.069  1.00 197.29 ? 230  ILE A CB  1 
ATOM   1683 C CG1 . ILE A 1 253 ? -22.983 -7.513  -6.775  1.00 202.32 ? 230  ILE A CG1 1 
ATOM   1684 C CG2 . ILE A 1 253 ? -22.700 -6.791  -9.194  1.00 196.20 ? 230  ILE A CG2 1 
ATOM   1685 C CD1 . ILE A 1 253 ? -22.691 -6.234  -5.864  1.00 211.29 ? 230  ILE A CD1 1 
ATOM   1686 N N   . LEU A 1 254 ? -20.253 -9.147  -10.185 1.00 186.82 ? 231  LEU A N   1 
ATOM   1687 C CA  . LEU A 1 254 ? -19.661 -9.202  -11.530 1.00 183.34 ? 231  LEU A CA  1 
ATOM   1688 C C   . LEU A 1 254 ? -19.097 -10.573 -12.009 1.00 184.89 ? 231  LEU A C   1 
ATOM   1689 O O   . LEU A 1 254 ? -19.408 -11.016 -13.121 1.00 182.11 ? 231  LEU A O   1 
ATOM   1690 C CB  . LEU A 1 254 ? -18.634 -8.061  -11.726 1.00 182.17 ? 231  LEU A CB  1 
ATOM   1691 C CG  . LEU A 1 254 ? -18.994 -6.665  -11.182 1.00 187.45 ? 231  LEU A CG  1 
ATOM   1692 C CD1 . LEU A 1 254 ? -17.817 -5.729  -11.255 1.00 186.51 ? 231  LEU A CD1 1 
ATOM   1693 C CD2 . LEU A 1 254 ? -20.210 -6.085  -11.857 1.00 189.37 ? 231  LEU A CD2 1 
ATOM   1694 N N   . ALA A 1 255 ? -18.263 -11.225 -11.183 1.00 183.69 ? 232  ALA A N   1 
ATOM   1695 C CA  . ALA A 1 255 ? -17.678 -12.529 -11.498 1.00 181.70 ? 232  ALA A CA  1 
ATOM   1696 C C   . ALA A 1 255 ? -17.848 -13.526 -10.318 1.00 188.68 ? 232  ALA A C   1 
ATOM   1697 O O   . ALA A 1 255 ? -16.844 -13.965 -9.737  1.00 187.81 ? 232  ALA A O   1 
ATOM   1698 C CB  . ALA A 1 255 ? -16.218 -12.355 -11.859 1.00 179.21 ? 232  ALA A CB  1 
ATOM   1699 N N   . PRO A 1 256 ? -19.106 -13.883 -9.926  1.00 190.57 ? 233  PRO A N   1 
ATOM   1700 C CA  . PRO A 1 256 ? -19.283 -14.815 -8.800  1.00 193.61 ? 233  PRO A CA  1 
ATOM   1701 C C   . PRO A 1 256 ? -19.121 -16.268 -9.226  1.00 196.83 ? 233  PRO A C   1 
ATOM   1702 O O   . PRO A 1 256 ? -19.483 -16.641 -10.347 1.00 195.16 ? 233  PRO A O   1 
ATOM   1703 C CB  . PRO A 1 256 ? -20.709 -14.527 -8.305  1.00 198.17 ? 233  PRO A CB  1 
ATOM   1704 C CG  . PRO A 1 256 ? -21.281 -13.495 -9.246  1.00 199.93 ? 233  PRO A CG  1 
ATOM   1705 C CD  . PRO A 1 256 ? -20.419 -13.476 -10.462 1.00 192.74 ? 233  PRO A CD  1 
ATOM   1706 N N   . ARG A 1 257 ? -18.581 -17.085 -8.316  1.00 196.49 ? 234  ARG A N   1 
ATOM   1707 C CA  . ARG A 1 257 ? -18.325 -18.501 -8.555  1.00 196.39 ? 234  ARG A CA  1 
ATOM   1708 C C   . ARG A 1 257 ? -19.576 -19.376 -8.704  1.00 202.34 ? 234  ARG A C   1 
ATOM   1709 O O   . ARG A 1 257 ? -20.396 -19.476 -7.780  1.00 205.77 ? 234  ARG A O   1 
ATOM   1710 C CB  . ARG A 1 257 ? -17.314 -19.067 -7.544  1.00 197.30 ? 234  ARG A CB  1 
ATOM   1711 C CG  . ARG A 1 257 ? -15.862 -18.814 -7.924  1.00 201.08 ? 234  ARG A CG  1 
ATOM   1712 C CD  . ARG A 1 257 ? -15.316 -17.512 -7.354  1.00 207.14 ? 234  ARG A CD  1 
ATOM   1713 N NE  . ARG A 1 257 ? -13.947 -17.264 -7.811  1.00 206.42 ? 234  ARG A NE  1 
ATOM   1714 C CZ  . ARG A 1 257 ? -13.512 -16.111 -8.311  1.00 206.98 ? 234  ARG A CZ  1 
ATOM   1715 N NH1 . ARG A 1 257 ? -14.334 -15.072 -8.415  1.00 196.86 ? 234  ARG A NH1 1 
ATOM   1716 N NH2 . ARG A 1 257 ? -12.251 -15.986 -8.706  1.00 195.75 ? 234  ARG A NH2 1 
ATOM   1717 N N   . SER A 1 258 ? -19.701 -19.992 -9.905  1.00 198.16 ? 235  SER A N   1 
ATOM   1718 C CA  . SER A 1 258 ? -20.736 -20.919 -10.393 1.00 220.06 ? 235  SER A CA  1 
ATOM   1719 C C   . SER A 1 258 ? -21.763 -21.387 -9.352  1.00 233.80 ? 235  SER A C   1 
ATOM   1720 O O   . SER A 1 258 ? -22.948 -21.501 -9.656  1.00 207.90 ? 235  SER A O   1 
ATOM   1721 C CB  . SER A 1 258 ? -20.076 -22.128 -11.054 1.00 221.19 ? 235  SER A CB  1 
ATOM   1722 O OG  . SER A 1 258 ? -19.100 -21.744 -12.013 1.00 222.70 ? 235  SER A OG  1 
HETATM 1723 O O   . HOH B 2 .   ? -4.111  -15.599 -18.408 1.00 82.57  ? 2001 HOH A O   1 
HETATM 1724 O O   . HOH B 2 .   ? -5.529  -19.252 -20.569 1.00 75.42  ? 2002 HOH A O   1 
HETATM 1725 O O   . HOH B 2 .   ? -0.241  -12.450 -17.248 1.00 112.55 ? 2003 HOH A O   1 
HETATM 1726 O O   . HOH B 2 .   ? 3.040   -5.870  -19.408 1.00 45.92  ? 2004 HOH A O   1 
HETATM 1727 O O   . HOH B 2 .   ? 0.063   -4.713  -17.443 1.00 58.85  ? 2005 HOH A O   1 
HETATM 1728 O O   . HOH B 2 .   ? 3.316   -11.340 -15.128 1.00 75.13  ? 2006 HOH A O   1 
# 
loop_
_pdbx_poly_seq_scheme.asym_id 
_pdbx_poly_seq_scheme.entity_id 
_pdbx_poly_seq_scheme.seq_id 
_pdbx_poly_seq_scheme.mon_id 
_pdbx_poly_seq_scheme.ndb_seq_num 
_pdbx_poly_seq_scheme.pdb_seq_num 
_pdbx_poly_seq_scheme.auth_seq_num 
_pdbx_poly_seq_scheme.pdb_mon_id 
_pdbx_poly_seq_scheme.auth_mon_id 
_pdbx_poly_seq_scheme.pdb_strand_id 
_pdbx_poly_seq_scheme.pdb_ins_code 
_pdbx_poly_seq_scheme.hetero 
A 1 1   MET 1   -22 ?   ?   ?   A . n 
A 1 2   GLY 2   -21 ?   ?   ?   A . n 
A 1 3   HIS 3   -20 ?   ?   ?   A . n 
A 1 4   HIS 4   -19 ?   ?   ?   A . n 
A 1 5   HIS 5   -18 ?   ?   ?   A . n 
A 1 6   HIS 6   -17 ?   ?   ?   A . n 
A 1 7   HIS 7   -16 ?   ?   ?   A . n 
A 1 8   HIS 8   -15 ?   ?   ?   A . n 
A 1 9   SER 9   -14 ?   ?   ?   A . n 
A 1 10  SER 10  -13 ?   ?   ?   A . n 
A 1 11  GLY 11  -12 ?   ?   ?   A . n 
A 1 12  VAL 12  -11 ?   ?   ?   A . n 
A 1 13  ASP 13  -10 ?   ?   ?   A . n 
A 1 14  LEU 14  -9  ?   ?   ?   A . n 
A 1 15  GLY 15  -8  ?   ?   ?   A . n 
A 1 16  THR 16  -7  ?   ?   ?   A . n 
A 1 17  GLU 17  -6  ?   ?   ?   A . n 
A 1 18  ASN 18  -5  ?   ?   ?   A . n 
A 1 19  LEU 19  -4  ?   ?   ?   A . n 
A 1 20  TYR 20  -3  ?   ?   ?   A . n 
A 1 21  PHE 21  -2  ?   ?   ?   A . n 
A 1 22  GLN 22  -1  ?   ?   ?   A . n 
A 1 23  SER 23  0   ?   ?   ?   A . n 
A 1 24  MET 24  1   ?   ?   ?   A . n 
A 1 25  ALA 25  2   ?   ?   ?   A . n 
A 1 26  SER 26  3   3   SER SER A . n 
A 1 27  GLU 27  4   4   GLU GLU A . n 
A 1 28  PHE 28  5   5   PHE PHE A . n 
A 1 29  LYS 29  6   6   LYS LYS A . n 
A 1 30  LYS 30  7   7   LYS LYS A . n 
A 1 31  LYS 31  8   8   LYS LYS A . n 
A 1 32  LEU 32  9   9   LEU LEU A . n 
A 1 33  PHE 33  10  10  PHE PHE A . n 
A 1 34  TRP 34  11  11  TRP TRP A . n 
A 1 35  ARG 35  12  12  ARG ARG A . n 
A 1 36  ALA 36  13  13  ALA ALA A . n 
A 1 37  VAL 37  14  14  VAL VAL A . n 
A 1 38  VAL 38  15  15  VAL VAL A . n 
A 1 39  ALA 39  16  16  ALA ALA A . n 
A 1 40  GLU 40  17  17  GLU GLU A . n 
A 1 41  PHE 41  18  18  PHE PHE A . n 
A 1 42  LEU 42  19  19  LEU LEU A . n 
A 1 43  ALA 43  20  20  ALA ALA A . n 
A 1 44  THR 44  21  21  THR THR A . n 
A 1 45  THR 45  22  22  THR THR A . n 
A 1 46  LEU 46  23  23  LEU LEU A . n 
A 1 47  PHE 47  24  24  PHE PHE A . n 
A 1 48  VAL 48  25  25  VAL VAL A . n 
A 1 49  PHE 49  26  26  PHE PHE A . n 
A 1 50  ILE 50  27  27  ILE ILE A . n 
A 1 51  SER 51  28  28  SER SER A . n 
A 1 52  ILE 52  29  29  ILE ILE A . n 
A 1 53  GLY 53  30  30  GLY GLY A . n 
A 1 54  SER 54  31  31  SER SER A . n 
A 1 55  ALA 55  32  32  ALA ALA A . n 
A 1 56  LEU 56  33  33  LEU LEU A . n 
A 1 57  GLY 57  34  34  GLY GLY A . n 
A 1 58  PHE 58  35  35  PHE PHE A . n 
A 1 59  LYS 59  36  36  LYS LYS A . n 
A 1 60  TYR 60  37  37  TYR TYR A . n 
A 1 61  PRO 61  38  38  PRO PRO A . n 
A 1 62  VAL 62  39  39  VAL VAL A . n 
A 1 63  GLY 63  40  40  GLY GLY A . n 
A 1 64  ASN 64  41  41  ASN ASN A . n 
A 1 65  ASN 65  42  42  ASN ASN A . n 
A 1 66  GLN 66  43  43  GLN GLN A . n 
A 1 67  THR 67  44  44  THR THR A . n 
A 1 68  ALA 68  45  45  ALA ALA A . n 
A 1 69  VAL 69  46  46  VAL VAL A . n 
A 1 70  GLN 70  47  47  GLN GLN A . n 
A 1 71  ASP 71  48  48  ASP ASP A . n 
A 1 72  ASN 72  49  49  ASN ASN A . n 
A 1 73  VAL 73  50  50  VAL VAL A . n 
A 1 74  LYS 74  51  51  LYS LYS A . n 
A 1 75  VAL 75  52  52  VAL VAL A . n 
A 1 76  SER 76  53  53  SER SER A . n 
A 1 77  LEU 77  54  54  LEU LEU A . n 
A 1 78  ALA 78  55  55  ALA ALA A . n 
A 1 79  PHE 79  56  56  PHE PHE A . n 
A 1 80  GLY 80  57  57  GLY GLY A . n 
A 1 81  LEU 81  58  58  LEU LEU A . n 
A 1 82  SER 82  59  59  SER SER A . n 
A 1 83  ILE 83  60  60  ILE ILE A . n 
A 1 84  ALA 84  61  61  ALA ALA A . n 
A 1 85  THR 85  62  62  THR THR A . n 
A 1 86  LEU 86  63  63  LEU LEU A . n 
A 1 87  ALA 87  64  64  ALA ALA A . n 
A 1 88  GLN 88  65  65  GLN GLN A . n 
A 1 89  SER 89  66  66  SER SER A . n 
A 1 90  VAL 90  67  67  VAL VAL A . n 
A 1 91  GLY 91  68  68  GLY GLY A . n 
A 1 92  HIS 92  69  69  HIS HIS A . n 
A 1 93  ILE 93  70  70  ILE ILE A . n 
A 1 94  SER 94  71  71  SER SER A . n 
A 1 95  GLY 95  72  72  GLY GLY A . n 
A 1 96  ALA 96  73  73  ALA ALA A . n 
A 1 97  HIS 97  74  74  HIS HIS A . n 
A 1 98  LEU 98  75  75  LEU LEU A . n 
A 1 99  ASN 99  76  76  ASN ASN A . n 
A 1 100 PRO 100 77  77  PRO PRO A . n 
A 1 101 ALA 101 78  78  ALA ALA A . n 
A 1 102 VAL 102 79  79  VAL VAL A . n 
A 1 103 THR 103 80  80  THR THR A . n 
A 1 104 LEU 104 81  81  LEU LEU A . n 
A 1 105 GLY 105 82  82  GLY GLY A . n 
A 1 106 LEU 106 83  83  LEU LEU A . n 
A 1 107 LEU 107 84  84  LEU LEU A . n 
A 1 108 LEU 108 85  85  LEU LEU A . n 
A 1 109 SER 109 86  86  SER SER A . n 
A 1 110 CYS 110 87  87  CYS CYS A . n 
A 1 111 GLN 111 88  88  GLN GLN A . n 
A 1 112 ILE 112 89  89  ILE ILE A . n 
A 1 113 SER 113 90  90  SER SER A . n 
A 1 114 ILE 114 91  91  ILE ILE A . n 
A 1 115 PHE 115 92  92  PHE PHE A . n 
A 1 116 ARG 116 93  93  ARG ARG A . n 
A 1 117 ALA 117 94  94  ALA ALA A . n 
A 1 118 LEU 118 95  95  LEU LEU A . n 
A 1 119 MET 119 96  96  MET MET A . n 
A 1 120 TYR 120 97  97  TYR TYR A . n 
A 1 121 ILE 121 98  98  ILE ILE A . n 
A 1 122 ILE 122 99  99  ILE ILE A . n 
A 1 123 ALA 123 100 100 ALA ALA A . n 
A 1 124 GLN 124 101 101 GLN GLN A . n 
A 1 125 CYS 125 102 102 CYS CYS A . n 
A 1 126 VAL 126 103 103 VAL VAL A . n 
A 1 127 GLY 127 104 104 GLY GLY A . n 
A 1 128 ALA 128 105 105 ALA ALA A . n 
A 1 129 ILE 129 106 106 ILE ILE A . n 
A 1 130 VAL 130 107 107 VAL VAL A . n 
A 1 131 ALA 131 108 108 ALA ALA A . n 
A 1 132 THR 132 109 109 THR THR A . n 
A 1 133 ALA 133 110 110 ALA ALA A . n 
A 1 134 ILE 134 111 111 ILE ILE A . n 
A 1 135 LEU 135 112 112 LEU LEU A . n 
A 1 136 SER 136 113 113 SER SER A . n 
A 1 137 GLY 137 114 114 GLY GLY A . n 
A 1 138 ILE 138 115 115 ILE ILE A . n 
A 1 139 THR 139 116 116 THR THR A . n 
A 1 140 SER 140 117 117 SER SER A . n 
A 1 141 SER 141 118 118 SER SER A . n 
A 1 142 LEU 142 119 119 LEU LEU A . n 
A 1 143 THR 143 120 120 THR THR A . n 
A 1 144 GLY 144 121 121 GLY GLY A . n 
A 1 145 ASN 145 122 122 ASN ASN A . n 
A 1 146 SER 146 123 123 SER SER A . n 
A 1 147 LEU 147 124 124 LEU LEU A . n 
A 1 148 GLY 148 125 125 GLY GLY A . n 
A 1 149 ARG 149 126 126 ARG ARG A . n 
A 1 150 ASN 150 127 127 ASN ASN A . n 
A 1 151 ASP 151 128 128 ASP ASP A . n 
A 1 152 LEU 152 129 129 LEU LEU A . n 
A 1 153 ALA 153 130 130 ALA ALA A . n 
A 1 154 ASP 154 131 131 ASP ASP A . n 
A 1 155 GLY 155 132 132 GLY GLY A . n 
A 1 156 VAL 156 133 133 VAL VAL A . n 
A 1 157 ASN 157 134 134 ASN ASN A . n 
A 1 158 SER 158 135 135 SER SER A . n 
A 1 159 GLY 159 136 136 GLY GLY A . n 
A 1 160 GLN 160 137 137 GLN GLN A . n 
A 1 161 GLY 161 138 138 GLY GLY A . n 
A 1 162 LEU 162 139 139 LEU LEU A . n 
A 1 163 GLY 163 140 140 GLY GLY A . n 
A 1 164 ILE 164 141 141 ILE ILE A . n 
A 1 165 GLU 165 142 142 GLU GLU A . n 
A 1 166 ILE 166 143 143 ILE ILE A . n 
A 1 167 ILE 167 144 144 ILE ILE A . n 
A 1 168 GLY 168 145 145 GLY GLY A . n 
A 1 169 THR 169 146 146 THR THR A . n 
A 1 170 LEU 170 147 147 LEU LEU A . n 
A 1 171 GLN 171 148 148 GLN GLN A . n 
A 1 172 LEU 172 149 149 LEU LEU A . n 
A 1 173 VAL 173 150 150 VAL VAL A . n 
A 1 174 LEU 174 151 151 LEU LEU A . n 
A 1 175 CYS 175 152 152 CYS CYS A . n 
A 1 176 VAL 176 153 153 VAL VAL A . n 
A 1 177 LEU 177 154 154 LEU LEU A . n 
A 1 178 ALA 178 155 155 ALA ALA A . n 
A 1 179 THR 179 156 156 THR THR A . n 
A 1 180 THR 180 157 157 THR THR A . n 
A 1 181 ASP 181 158 158 ASP ASP A . n 
A 1 182 ARG 182 159 159 ARG ARG A . n 
A 1 183 ARG 183 160 160 ARG ARG A . n 
A 1 184 ARG 184 161 161 ARG ARG A . n 
A 1 185 ARG 185 162 162 ARG ARG A . n 
A 1 186 ASP 186 163 163 ASP ASP A . n 
A 1 187 LEU 187 164 164 LEU LEU A . n 
A 1 188 GLY 188 165 165 GLY GLY A . n 
A 1 189 GLY 189 166 166 GLY GLY A . n 
A 1 190 SER 190 167 167 SER SER A . n 
A 1 191 ALA 191 168 168 ALA ALA A . n 
A 1 192 PRO 192 169 169 PRO PRO A . n 
A 1 193 LEU 193 170 170 LEU LEU A . n 
A 1 194 ALA 194 171 171 ALA ALA A . n 
A 1 195 ILE 195 172 172 ILE ILE A . n 
A 1 196 GLY 196 173 173 GLY GLY A . n 
A 1 197 LEU 197 174 174 LEU LEU A . n 
A 1 198 SER 198 175 175 SER SER A . n 
A 1 199 VAL 199 176 176 VAL VAL A . n 
A 1 200 ALA 200 177 177 ALA ALA A . n 
A 1 201 LEU 201 178 178 LEU LEU A . n 
A 1 202 GLY 202 179 179 GLY GLY A . n 
A 1 203 HIS 203 180 180 HIS HIS A . n 
A 1 204 LEU 204 181 181 LEU LEU A . n 
A 1 205 LEU 205 182 182 LEU LEU A . n 
A 1 206 ALA 206 183 183 ALA ALA A . n 
A 1 207 ILE 207 184 184 ILE ILE A . n 
A 1 208 ASP 208 185 185 ASP ASP A . n 
A 1 209 TYR 209 186 186 TYR TYR A . n 
A 1 210 THR 210 187 187 THR THR A . n 
A 1 211 GLY 211 188 188 GLY GLY A . n 
A 1 212 CYS 212 189 189 CYS CYS A . n 
A 1 213 GLY 213 190 190 GLY GLY A . n 
A 1 214 ILE 214 191 191 ILE ILE A . n 
A 1 215 ASN 215 192 192 ASN ASN A . n 
A 1 216 PRO 216 193 193 PRO PRO A . n 
A 1 217 ALA 217 194 194 ALA ALA A . n 
A 1 218 ARG 218 195 195 ARG ARG A . n 
A 1 219 SER 219 196 196 SER SER A . n 
A 1 220 PHE 220 197 197 PHE PHE A . n 
A 1 221 GLY 221 198 198 GLY GLY A . n 
A 1 222 SER 222 199 199 SER SER A . n 
A 1 223 ALA 223 200 200 ALA ALA A . n 
A 1 224 VAL 224 201 201 VAL VAL A . n 
A 1 225 ILE 225 202 202 ILE ILE A . n 
A 1 226 THR 226 203 203 THR THR A . n 
A 1 227 HIS 227 204 204 HIS HIS A . n 
A 1 228 ASN 228 205 205 ASN ASN A . n 
A 1 229 PHE 229 206 206 PHE PHE A . n 
A 1 230 SER 230 207 207 SER SER A . n 
A 1 231 ASN 231 208 208 ASN ASN A . n 
A 1 232 HIS 232 209 209 HIS HIS A . n 
A 1 233 TRP 233 210 210 TRP TRP A . n 
A 1 234 ILE 234 211 211 ILE ILE A . n 
A 1 235 PHE 235 212 212 PHE PHE A . n 
A 1 236 TRP 236 213 213 TRP TRP A . n 
A 1 237 VAL 237 214 214 VAL VAL A . n 
A 1 238 GLY 238 215 215 GLY GLY A . n 
A 1 239 PRO 239 216 216 PRO PRO A . n 
A 1 240 PHE 240 217 217 PHE PHE A . n 
A 1 241 ILE 241 218 218 ILE ILE A . n 
A 1 242 GLY 242 219 219 GLY GLY A . n 
A 1 243 GLY 243 220 220 GLY GLY A . n 
A 1 244 ALA 244 221 221 ALA ALA A . n 
A 1 245 LEU 245 222 222 LEU LEU A . n 
A 1 246 ALA 246 223 223 ALA ALA A . n 
A 1 247 VAL 247 224 224 VAL VAL A . n 
A 1 248 LEU 248 225 225 LEU LEU A . n 
A 1 249 ILE 249 226 226 ILE ILE A . n 
A 1 250 TYR 250 227 227 TYR TYR A . n 
A 1 251 ASP 251 228 228 ASP ASP A . n 
A 1 252 PHE 252 229 229 PHE PHE A . n 
A 1 253 ILE 253 230 230 ILE ILE A . n 
A 1 254 LEU 254 231 231 LEU LEU A . n 
A 1 255 ALA 255 232 232 ALA ALA A . n 
A 1 256 PRO 256 233 233 PRO PRO A . n 
A 1 257 ARG 257 234 234 ARG ARG A . n 
A 1 258 SER 258 235 235 SER SER A . n 
A 1 259 SER 259 236 ?   ?   ?   A . n 
A 1 260 ASP 260 237 ?   ?   ?   A . n 
A 1 261 LEU 261 238 ?   ?   ?   A . n 
A 1 262 THR 262 239 ?   ?   ?   A . n 
A 1 263 ASP 263 240 ?   ?   ?   A . n 
A 1 264 ARG 264 241 ?   ?   ?   A . n 
A 1 265 VAL 265 242 ?   ?   ?   A . n 
A 1 266 LYS 266 243 ?   ?   ?   A . n 
A 1 267 VAL 267 244 ?   ?   ?   A . n 
A 1 268 TRP 268 245 ?   ?   ?   A . n 
A 1 269 THR 269 246 ?   ?   ?   A . n 
A 1 270 SER 270 247 ?   ?   ?   A . n 
A 1 271 GLY 271 248 ?   ?   ?   A . n 
A 1 272 GLN 272 249 ?   ?   ?   A . n 
A 1 273 VAL 273 250 ?   ?   ?   A . n 
A 1 274 GLU 274 251 ?   ?   ?   A . n 
A 1 275 GLU 275 252 ?   ?   ?   A . n 
A 1 276 TYR 276 253 ?   ?   ?   A . n 
A 1 277 ASP 277 254 ?   ?   ?   A . n 
A 1 278 LEU 278 255 ?   ?   ?   A . n 
A 1 279 ASP 279 256 ?   ?   ?   A . n 
A 1 280 ALA 280 257 ?   ?   ?   A . n 
A 1 281 ASP 281 258 ?   ?   ?   A . n 
A 1 282 ASP 282 259 ?   ?   ?   A . n 
A 1 283 ILE 283 260 ?   ?   ?   A . n 
A 1 284 ASN 284 261 ?   ?   ?   A . n 
A 1 285 SER 285 262 ?   ?   ?   A . n 
A 1 286 ARG 286 263 ?   ?   ?   A . n 
A 1 287 VAL 287 264 ?   ?   ?   A . n 
A 1 288 GLU 288 265 ?   ?   ?   A . n 
A 1 289 MET 289 266 ?   ?   ?   A . n 
A 1 290 LYS 290 267 ?   ?   ?   A . n 
A 1 291 PRO 291 268 ?   ?   ?   A . n 
A 1 292 LYS 292 269 ?   ?   ?   A . n 
# 
loop_
_pdbx_nonpoly_scheme.asym_id 
_pdbx_nonpoly_scheme.entity_id 
_pdbx_nonpoly_scheme.mon_id 
_pdbx_nonpoly_scheme.ndb_seq_num 
_pdbx_nonpoly_scheme.pdb_seq_num 
_pdbx_nonpoly_scheme.auth_seq_num 
_pdbx_nonpoly_scheme.pdb_mon_id 
_pdbx_nonpoly_scheme.auth_mon_id 
_pdbx_nonpoly_scheme.pdb_strand_id 
_pdbx_nonpoly_scheme.pdb_ins_code 
B 2 HOH 1 2001 2001 HOH HOH A . 
B 2 HOH 2 2002 2002 HOH HOH A . 
B 2 HOH 3 2003 2003 HOH HOH A . 
B 2 HOH 4 2004 2004 HOH HOH A . 
B 2 HOH 5 2005 2005 HOH HOH A . 
B 2 HOH 6 2006 2006 HOH HOH A . 
# 
_pdbx_struct_assembly.id                   1 
_pdbx_struct_assembly.details              author_and_software_defined_assembly 
_pdbx_struct_assembly.method_details       PISA 
_pdbx_struct_assembly.oligomeric_details   tetrameric 
_pdbx_struct_assembly.oligomeric_count     4 
# 
_pdbx_struct_assembly_gen.assembly_id       1 
_pdbx_struct_assembly_gen.oper_expression   1,2,3,4 
_pdbx_struct_assembly_gen.asym_id_list      A,B 
# 
loop_
_pdbx_struct_assembly_prop.biol_id 
_pdbx_struct_assembly_prop.type 
_pdbx_struct_assembly_prop.value 
_pdbx_struct_assembly_prop.details 
1 'ABSA (A^2)' 13460  ? 
1 MORE         -110.1 ? 
1 'SSA (A^2)'  33210  ? 
# 
loop_
_pdbx_struct_oper_list.id 
_pdbx_struct_oper_list.type 
_pdbx_struct_oper_list.name 
_pdbx_struct_oper_list.symmetry_operation 
_pdbx_struct_oper_list.matrix[1][1] 
_pdbx_struct_oper_list.matrix[1][2] 
_pdbx_struct_oper_list.matrix[1][3] 
_pdbx_struct_oper_list.vector[1] 
_pdbx_struct_oper_list.matrix[2][1] 
_pdbx_struct_oper_list.matrix[2][2] 
_pdbx_struct_oper_list.matrix[2][3] 
_pdbx_struct_oper_list.vector[2] 
_pdbx_struct_oper_list.matrix[3][1] 
_pdbx_struct_oper_list.matrix[3][2] 
_pdbx_struct_oper_list.matrix[3][3] 
_pdbx_struct_oper_list.vector[3] 
1 'identity operation'         1_555 x,y,z      1.0000000000  0.0000000000  0.0000000000  0.0000000000   0.0000000000  1.0000000000 0.0000000000 0.0000000000  0.0000000000  0.0000000000 1.0000000000  0.0000000000   
2 'crystal symmetry operation' 4_465 y-1,-x+1,z 0.0101157036  0.3873438949  -0.9218798076 -14.2488838086 -0.1960033850 0.9048107842 0.3780213193 8.1496251839  0.9805510418  0.1768676112 0.0850735122  -21.6644235482 
3 'crystal symmetry operation' 3_665 -y+1,x+1,z 0.0101157036  -0.1960033850 0.9805510418  22.9845646879  0.3873438949  0.9048107842 0.1768676112 1.9770842404  -0.9218798076 0.3780213193 0.0850735122  -14.3734217262 
4 'crystal symmetry operation' 2_575 -x,-y+2,z  -0.9797685929 0.1913405099  0.0586712342  8.7356808792   0.1913405099  0.8096215684 0.5548889306 10.1267094243 0.0586712342  0.5548889306 -0.8298529755 -36.0378452744 
# 
loop_
_pdbx_audit_revision_history.ordinal 
_pdbx_audit_revision_history.data_content_type 
_pdbx_audit_revision_history.major_revision 
_pdbx_audit_revision_history.minor_revision 
_pdbx_audit_revision_history.revision_date 
1 'Structure model' 1 0 2014-12-24 
2 'Structure model' 1 1 2023-12-20 
# 
_pdbx_audit_revision_details.ordinal             1 
_pdbx_audit_revision_details.revision_ordinal    1 
_pdbx_audit_revision_details.data_content_type   'Structure model' 
_pdbx_audit_revision_details.provider            repository 
_pdbx_audit_revision_details.type                'Initial release' 
_pdbx_audit_revision_details.description         ? 
_pdbx_audit_revision_details.details             ? 
# 
loop_
_pdbx_audit_revision_group.ordinal 
_pdbx_audit_revision_group.revision_ordinal 
_pdbx_audit_revision_group.data_content_type 
_pdbx_audit_revision_group.group 
1 2 'Structure model' 'Data collection'        
2 2 'Structure model' 'Database references'    
3 2 'Structure model' Other                    
4 2 'Structure model' 'Refinement description' 
# 
loop_
_pdbx_audit_revision_category.ordinal 
_pdbx_audit_revision_category.revision_ordinal 
_pdbx_audit_revision_category.data_content_type 
_pdbx_audit_revision_category.category 
1 2 'Structure model' chem_comp_atom                
2 2 'Structure model' chem_comp_bond                
3 2 'Structure model' database_2                    
4 2 'Structure model' pdbx_database_status          
5 2 'Structure model' pdbx_initial_refinement_model 
# 
loop_
_pdbx_audit_revision_item.ordinal 
_pdbx_audit_revision_item.revision_ordinal 
_pdbx_audit_revision_item.data_content_type 
_pdbx_audit_revision_item.item 
1 2 'Structure model' '_database_2.pdbx_DOI'                 
2 2 'Structure model' '_database_2.pdbx_database_accession'  
3 2 'Structure model' '_pdbx_database_status.status_code_sf' 
# 
loop_
_software.name 
_software.classification 
_software.version 
_software.citation_id 
_software.pdbx_ordinal 
BUSTER  refinement       2.10.0 ? 1 
XDS     'data reduction' .      ? 2 
Aimless 'data scaling'   .      ? 3 
PHASER  phasing          .      ? 4 
# 
loop_
_pdbx_validate_torsion.id 
_pdbx_validate_torsion.PDB_model_num 
_pdbx_validate_torsion.auth_comp_id 
_pdbx_validate_torsion.auth_asym_id 
_pdbx_validate_torsion.auth_seq_id 
_pdbx_validate_torsion.PDB_ins_code 
_pdbx_validate_torsion.label_alt_id 
_pdbx_validate_torsion.phi 
_pdbx_validate_torsion.psi 
1  1 PHE A 5   ? ? -146.02 -50.29  
2  1 PRO A 38  ? ? -84.57  -157.05 
3  1 ASN A 41  ? ? -143.23 -124.90 
4  1 GLN A 43  ? ? -51.00  104.35  
5  1 VAL A 67  ? ? -143.54 12.38   
6  1 HIS A 69  ? ? -49.67  -16.54  
7  1 ALA A 73  ? ? 38.37   68.49   
8  1 LEU A 75  ? ? 58.55   -11.25  
9  1 GLN A 88  ? ? -69.19  -72.61  
10 1 THR A 116 ? ? -70.77  -97.37  
11 1 SER A 117 ? ? 59.07   -53.29  
12 1 LEU A 129 ? ? -62.79  89.46   
13 1 ASP A 131 ? ? -57.36  99.98   
14 1 ARG A 159 ? ? 61.15   -8.87   
15 1 TYR A 186 ? ? -65.32  -70.76  
16 1 CYS A 189 ? ? 43.67   104.61  
17 1 VAL A 201 ? ? -141.18 -33.75  
18 1 HIS A 204 ? ? 62.16   106.81  
19 1 ASN A 205 ? ? 176.58  86.62   
20 1 PHE A 212 ? ? -85.22  37.18   
21 1 TRP A 213 ? ? -154.75 -53.99  
22 1 PRO A 216 ? ? 4.94    -119.36 
23 1 PHE A 217 ? ? 13.36   -75.28  
# 
loop_
_pdbx_unobs_or_zero_occ_residues.id 
_pdbx_unobs_or_zero_occ_residues.PDB_model_num 
_pdbx_unobs_or_zero_occ_residues.polymer_flag 
_pdbx_unobs_or_zero_occ_residues.occupancy_flag 
_pdbx_unobs_or_zero_occ_residues.auth_asym_id 
_pdbx_unobs_or_zero_occ_residues.auth_comp_id 
_pdbx_unobs_or_zero_occ_residues.auth_seq_id 
_pdbx_unobs_or_zero_occ_residues.PDB_ins_code 
_pdbx_unobs_or_zero_occ_residues.label_asym_id 
_pdbx_unobs_or_zero_occ_residues.label_comp_id 
_pdbx_unobs_or_zero_occ_residues.label_seq_id 
1  1 Y 1 A MET -22 ? A MET 1   
2  1 Y 1 A GLY -21 ? A GLY 2   
3  1 Y 1 A HIS -20 ? A HIS 3   
4  1 Y 1 A HIS -19 ? A HIS 4   
5  1 Y 1 A HIS -18 ? A HIS 5   
6  1 Y 1 A HIS -17 ? A HIS 6   
7  1 Y 1 A HIS -16 ? A HIS 7   
8  1 Y 1 A HIS -15 ? A HIS 8   
9  1 Y 1 A SER -14 ? A SER 9   
10 1 Y 1 A SER -13 ? A SER 10  
11 1 Y 1 A GLY -12 ? A GLY 11  
12 1 Y 1 A VAL -11 ? A VAL 12  
13 1 Y 1 A ASP -10 ? A ASP 13  
14 1 Y 1 A LEU -9  ? A LEU 14  
15 1 Y 1 A GLY -8  ? A GLY 15  
16 1 Y 1 A THR -7  ? A THR 16  
17 1 Y 1 A GLU -6  ? A GLU 17  
18 1 Y 1 A ASN -5  ? A ASN 18  
19 1 Y 1 A LEU -4  ? A LEU 19  
20 1 Y 1 A TYR -3  ? A TYR 20  
21 1 Y 1 A PHE -2  ? A PHE 21  
22 1 Y 1 A GLN -1  ? A GLN 22  
23 1 Y 1 A SER 0   ? A SER 23  
24 1 Y 1 A MET 1   ? A MET 24  
25 1 Y 1 A ALA 2   ? A ALA 25  
26 1 Y 1 A SER 236 ? A SER 259 
27 1 Y 1 A ASP 237 ? A ASP 260 
28 1 Y 1 A LEU 238 ? A LEU 261 
29 1 Y 1 A THR 239 ? A THR 262 
30 1 Y 1 A ASP 240 ? A ASP 263 
31 1 Y 1 A ARG 241 ? A ARG 264 
32 1 Y 1 A VAL 242 ? A VAL 265 
33 1 Y 1 A LYS 243 ? A LYS 266 
34 1 Y 1 A VAL 244 ? A VAL 267 
35 1 Y 1 A TRP 245 ? A TRP 268 
36 1 Y 1 A THR 246 ? A THR 269 
37 1 Y 1 A SER 247 ? A SER 270 
38 1 Y 1 A GLY 248 ? A GLY 271 
39 1 Y 1 A GLN 249 ? A GLN 272 
40 1 Y 1 A VAL 250 ? A VAL 273 
41 1 Y 1 A GLU 251 ? A GLU 274 
42 1 Y 1 A GLU 252 ? A GLU 275 
43 1 Y 1 A TYR 253 ? A TYR 276 
44 1 Y 1 A ASP 254 ? A ASP 277 
45 1 Y 1 A LEU 255 ? A LEU 278 
46 1 Y 1 A ASP 256 ? A ASP 279 
47 1 Y 1 A ALA 257 ? A ALA 280 
48 1 Y 1 A ASP 258 ? A ASP 281 
49 1 Y 1 A ASP 259 ? A ASP 282 
50 1 Y 1 A ILE 260 ? A ILE 283 
51 1 Y 1 A ASN 261 ? A ASN 284 
52 1 Y 1 A SER 262 ? A SER 285 
53 1 Y 1 A ARG 263 ? A ARG 286 
54 1 Y 1 A VAL 264 ? A VAL 287 
55 1 Y 1 A GLU 265 ? A GLU 288 
56 1 Y 1 A MET 266 ? A MET 289 
57 1 Y 1 A LYS 267 ? A LYS 290 
58 1 Y 1 A PRO 268 ? A PRO 291 
59 1 Y 1 A LYS 269 ? A LYS 292 
# 
loop_
_chem_comp_atom.comp_id 
_chem_comp_atom.atom_id 
_chem_comp_atom.type_symbol 
_chem_comp_atom.pdbx_aromatic_flag 
_chem_comp_atom.pdbx_stereo_config 
_chem_comp_atom.pdbx_ordinal 
ALA N    N N N 1   
ALA CA   C N S 2   
ALA C    C N N 3   
ALA O    O N N 4   
ALA CB   C N N 5   
ALA OXT  O N N 6   
ALA H    H N N 7   
ALA H2   H N N 8   
ALA HA   H N N 9   
ALA HB1  H N N 10  
ALA HB2  H N N 11  
ALA HB3  H N N 12  
ALA HXT  H N N 13  
ARG N    N N N 14  
ARG CA   C N S 15  
ARG C    C N N 16  
ARG O    O N N 17  
ARG CB   C N N 18  
ARG CG   C N N 19  
ARG CD   C N N 20  
ARG NE   N N N 21  
ARG CZ   C N N 22  
ARG NH1  N N N 23  
ARG NH2  N N N 24  
ARG OXT  O N N 25  
ARG H    H N N 26  
ARG H2   H N N 27  
ARG HA   H N N 28  
ARG HB2  H N N 29  
ARG HB3  H N N 30  
ARG HG2  H N N 31  
ARG HG3  H N N 32  
ARG HD2  H N N 33  
ARG HD3  H N N 34  
ARG HE   H N N 35  
ARG HH11 H N N 36  
ARG HH12 H N N 37  
ARG HH21 H N N 38  
ARG HH22 H N N 39  
ARG HXT  H N N 40  
ASN N    N N N 41  
ASN CA   C N S 42  
ASN C    C N N 43  
ASN O    O N N 44  
ASN CB   C N N 45  
ASN CG   C N N 46  
ASN OD1  O N N 47  
ASN ND2  N N N 48  
ASN OXT  O N N 49  
ASN H    H N N 50  
ASN H2   H N N 51  
ASN HA   H N N 52  
ASN HB2  H N N 53  
ASN HB3  H N N 54  
ASN HD21 H N N 55  
ASN HD22 H N N 56  
ASN HXT  H N N 57  
ASP N    N N N 58  
ASP CA   C N S 59  
ASP C    C N N 60  
ASP O    O N N 61  
ASP CB   C N N 62  
ASP CG   C N N 63  
ASP OD1  O N N 64  
ASP OD2  O N N 65  
ASP OXT  O N N 66  
ASP H    H N N 67  
ASP H2   H N N 68  
ASP HA   H N N 69  
ASP HB2  H N N 70  
ASP HB3  H N N 71  
ASP HD2  H N N 72  
ASP HXT  H N N 73  
CYS N    N N N 74  
CYS CA   C N R 75  
CYS C    C N N 76  
CYS O    O N N 77  
CYS CB   C N N 78  
CYS SG   S N N 79  
CYS OXT  O N N 80  
CYS H    H N N 81  
CYS H2   H N N 82  
CYS HA   H N N 83  
CYS HB2  H N N 84  
CYS HB3  H N N 85  
CYS HG   H N N 86  
CYS HXT  H N N 87  
GLN N    N N N 88  
GLN CA   C N S 89  
GLN C    C N N 90  
GLN O    O N N 91  
GLN CB   C N N 92  
GLN CG   C N N 93  
GLN CD   C N N 94  
GLN OE1  O N N 95  
GLN NE2  N N N 96  
GLN OXT  O N N 97  
GLN H    H N N 98  
GLN H2   H N N 99  
GLN HA   H N N 100 
GLN HB2  H N N 101 
GLN HB3  H N N 102 
GLN HG2  H N N 103 
GLN HG3  H N N 104 
GLN HE21 H N N 105 
GLN HE22 H N N 106 
GLN HXT  H N N 107 
GLU N    N N N 108 
GLU CA   C N S 109 
GLU C    C N N 110 
GLU O    O N N 111 
GLU CB   C N N 112 
GLU CG   C N N 113 
GLU CD   C N N 114 
GLU OE1  O N N 115 
GLU OE2  O N N 116 
GLU OXT  O N N 117 
GLU H    H N N 118 
GLU H2   H N N 119 
GLU HA   H N N 120 
GLU HB2  H N N 121 
GLU HB3  H N N 122 
GLU HG2  H N N 123 
GLU HG3  H N N 124 
GLU HE2  H N N 125 
GLU HXT  H N N 126 
GLY N    N N N 127 
GLY CA   C N N 128 
GLY C    C N N 129 
GLY O    O N N 130 
GLY OXT  O N N 131 
GLY H    H N N 132 
GLY H2   H N N 133 
GLY HA2  H N N 134 
GLY HA3  H N N 135 
GLY HXT  H N N 136 
HIS N    N N N 137 
HIS CA   C N S 138 
HIS C    C N N 139 
HIS O    O N N 140 
HIS CB   C N N 141 
HIS CG   C Y N 142 
HIS ND1  N Y N 143 
HIS CD2  C Y N 144 
HIS CE1  C Y N 145 
HIS NE2  N Y N 146 
HIS OXT  O N N 147 
HIS H    H N N 148 
HIS H2   H N N 149 
HIS HA   H N N 150 
HIS HB2  H N N 151 
HIS HB3  H N N 152 
HIS HD1  H N N 153 
HIS HD2  H N N 154 
HIS HE1  H N N 155 
HIS HE2  H N N 156 
HIS HXT  H N N 157 
HOH O    O N N 158 
HOH H1   H N N 159 
HOH H2   H N N 160 
ILE N    N N N 161 
ILE CA   C N S 162 
ILE C    C N N 163 
ILE O    O N N 164 
ILE CB   C N S 165 
ILE CG1  C N N 166 
ILE CG2  C N N 167 
ILE CD1  C N N 168 
ILE OXT  O N N 169 
ILE H    H N N 170 
ILE H2   H N N 171 
ILE HA   H N N 172 
ILE HB   H N N 173 
ILE HG12 H N N 174 
ILE HG13 H N N 175 
ILE HG21 H N N 176 
ILE HG22 H N N 177 
ILE HG23 H N N 178 
ILE HD11 H N N 179 
ILE HD12 H N N 180 
ILE HD13 H N N 181 
ILE HXT  H N N 182 
LEU N    N N N 183 
LEU CA   C N S 184 
LEU C    C N N 185 
LEU O    O N N 186 
LEU CB   C N N 187 
LEU CG   C N N 188 
LEU CD1  C N N 189 
LEU CD2  C N N 190 
LEU OXT  O N N 191 
LEU H    H N N 192 
LEU H2   H N N 193 
LEU HA   H N N 194 
LEU HB2  H N N 195 
LEU HB3  H N N 196 
LEU HG   H N N 197 
LEU HD11 H N N 198 
LEU HD12 H N N 199 
LEU HD13 H N N 200 
LEU HD21 H N N 201 
LEU HD22 H N N 202 
LEU HD23 H N N 203 
LEU HXT  H N N 204 
LYS N    N N N 205 
LYS CA   C N S 206 
LYS C    C N N 207 
LYS O    O N N 208 
LYS CB   C N N 209 
LYS CG   C N N 210 
LYS CD   C N N 211 
LYS CE   C N N 212 
LYS NZ   N N N 213 
LYS OXT  O N N 214 
LYS H    H N N 215 
LYS H2   H N N 216 
LYS HA   H N N 217 
LYS HB2  H N N 218 
LYS HB3  H N N 219 
LYS HG2  H N N 220 
LYS HG3  H N N 221 
LYS HD2  H N N 222 
LYS HD3  H N N 223 
LYS HE2  H N N 224 
LYS HE3  H N N 225 
LYS HZ1  H N N 226 
LYS HZ2  H N N 227 
LYS HZ3  H N N 228 
LYS HXT  H N N 229 
MET N    N N N 230 
MET CA   C N S 231 
MET C    C N N 232 
MET O    O N N 233 
MET CB   C N N 234 
MET CG   C N N 235 
MET SD   S N N 236 
MET CE   C N N 237 
MET OXT  O N N 238 
MET H    H N N 239 
MET H2   H N N 240 
MET HA   H N N 241 
MET HB2  H N N 242 
MET HB3  H N N 243 
MET HG2  H N N 244 
MET HG3  H N N 245 
MET HE1  H N N 246 
MET HE2  H N N 247 
MET HE3  H N N 248 
MET HXT  H N N 249 
PHE N    N N N 250 
PHE CA   C N S 251 
PHE C    C N N 252 
PHE O    O N N 253 
PHE CB   C N N 254 
PHE CG   C Y N 255 
PHE CD1  C Y N 256 
PHE CD2  C Y N 257 
PHE CE1  C Y N 258 
PHE CE2  C Y N 259 
PHE CZ   C Y N 260 
PHE OXT  O N N 261 
PHE H    H N N 262 
PHE H2   H N N 263 
PHE HA   H N N 264 
PHE HB2  H N N 265 
PHE HB3  H N N 266 
PHE HD1  H N N 267 
PHE HD2  H N N 268 
PHE HE1  H N N 269 
PHE HE2  H N N 270 
PHE HZ   H N N 271 
PHE HXT  H N N 272 
PRO N    N N N 273 
PRO CA   C N S 274 
PRO C    C N N 275 
PRO O    O N N 276 
PRO CB   C N N 277 
PRO CG   C N N 278 
PRO CD   C N N 279 
PRO OXT  O N N 280 
PRO H    H N N 281 
PRO HA   H N N 282 
PRO HB2  H N N 283 
PRO HB3  H N N 284 
PRO HG2  H N N 285 
PRO HG3  H N N 286 
PRO HD2  H N N 287 
PRO HD3  H N N 288 
PRO HXT  H N N 289 
SER N    N N N 290 
SER CA   C N S 291 
SER C    C N N 292 
SER O    O N N 293 
SER CB   C N N 294 
SER OG   O N N 295 
SER OXT  O N N 296 
SER H    H N N 297 
SER H2   H N N 298 
SER HA   H N N 299 
SER HB2  H N N 300 
SER HB3  H N N 301 
SER HG   H N N 302 
SER HXT  H N N 303 
THR N    N N N 304 
THR CA   C N S 305 
THR C    C N N 306 
THR O    O N N 307 
THR CB   C N R 308 
THR OG1  O N N 309 
THR CG2  C N N 310 
THR OXT  O N N 311 
THR H    H N N 312 
THR H2   H N N 313 
THR HA   H N N 314 
THR HB   H N N 315 
THR HG1  H N N 316 
THR HG21 H N N 317 
THR HG22 H N N 318 
THR HG23 H N N 319 
THR HXT  H N N 320 
TRP N    N N N 321 
TRP CA   C N S 322 
TRP C    C N N 323 
TRP O    O N N 324 
TRP CB   C N N 325 
TRP CG   C Y N 326 
TRP CD1  C Y N 327 
TRP CD2  C Y N 328 
TRP NE1  N Y N 329 
TRP CE2  C Y N 330 
TRP CE3  C Y N 331 
TRP CZ2  C Y N 332 
TRP CZ3  C Y N 333 
TRP CH2  C Y N 334 
TRP OXT  O N N 335 
TRP H    H N N 336 
TRP H2   H N N 337 
TRP HA   H N N 338 
TRP HB2  H N N 339 
TRP HB3  H N N 340 
TRP HD1  H N N 341 
TRP HE1  H N N 342 
TRP HE3  H N N 343 
TRP HZ2  H N N 344 
TRP HZ3  H N N 345 
TRP HH2  H N N 346 
TRP HXT  H N N 347 
TYR N    N N N 348 
TYR CA   C N S 349 
TYR C    C N N 350 
TYR O    O N N 351 
TYR CB   C N N 352 
TYR CG   C Y N 353 
TYR CD1  C Y N 354 
TYR CD2  C Y N 355 
TYR CE1  C Y N 356 
TYR CE2  C Y N 357 
TYR CZ   C Y N 358 
TYR OH   O N N 359 
TYR OXT  O N N 360 
TYR H    H N N 361 
TYR H2   H N N 362 
TYR HA   H N N 363 
TYR HB2  H N N 364 
TYR HB3  H N N 365 
TYR HD1  H N N 366 
TYR HD2  H N N 367 
TYR HE1  H N N 368 
TYR HE2  H N N 369 
TYR HH   H N N 370 
TYR HXT  H N N 371 
VAL N    N N N 372 
VAL CA   C N S 373 
VAL C    C N N 374 
VAL O    O N N 375 
VAL CB   C N N 376 
VAL CG1  C N N 377 
VAL CG2  C N N 378 
VAL OXT  O N N 379 
VAL H    H N N 380 
VAL H2   H N N 381 
VAL HA   H N N 382 
VAL HB   H N N 383 
VAL HG11 H N N 384 
VAL HG12 H N N 385 
VAL HG13 H N N 386 
VAL HG21 H N N 387 
VAL HG22 H N N 388 
VAL HG23 H N N 389 
VAL HXT  H N N 390 
# 
loop_
_chem_comp_bond.comp_id 
_chem_comp_bond.atom_id_1 
_chem_comp_bond.atom_id_2 
_chem_comp_bond.value_order 
_chem_comp_bond.pdbx_aromatic_flag 
_chem_comp_bond.pdbx_stereo_config 
_chem_comp_bond.pdbx_ordinal 
ALA N   CA   sing N N 1   
ALA N   H    sing N N 2   
ALA N   H2   sing N N 3   
ALA CA  C    sing N N 4   
ALA CA  CB   sing N N 5   
ALA CA  HA   sing N N 6   
ALA C   O    doub N N 7   
ALA C   OXT  sing N N 8   
ALA CB  HB1  sing N N 9   
ALA CB  HB2  sing N N 10  
ALA CB  HB3  sing N N 11  
ALA OXT HXT  sing N N 12  
ARG N   CA   sing N N 13  
ARG N   H    sing N N 14  
ARG N   H2   sing N N 15  
ARG CA  C    sing N N 16  
ARG CA  CB   sing N N 17  
ARG CA  HA   sing N N 18  
ARG C   O    doub N N 19  
ARG C   OXT  sing N N 20  
ARG CB  CG   sing N N 21  
ARG CB  HB2  sing N N 22  
ARG CB  HB3  sing N N 23  
ARG CG  CD   sing N N 24  
ARG CG  HG2  sing N N 25  
ARG CG  HG3  sing N N 26  
ARG CD  NE   sing N N 27  
ARG CD  HD2  sing N N 28  
ARG CD  HD3  sing N N 29  
ARG NE  CZ   sing N N 30  
ARG NE  HE   sing N N 31  
ARG CZ  NH1  sing N N 32  
ARG CZ  NH2  doub N N 33  
ARG NH1 HH11 sing N N 34  
ARG NH1 HH12 sing N N 35  
ARG NH2 HH21 sing N N 36  
ARG NH2 HH22 sing N N 37  
ARG OXT HXT  sing N N 38  
ASN N   CA   sing N N 39  
ASN N   H    sing N N 40  
ASN N   H2   sing N N 41  
ASN CA  C    sing N N 42  
ASN CA  CB   sing N N 43  
ASN CA  HA   sing N N 44  
ASN C   O    doub N N 45  
ASN C   OXT  sing N N 46  
ASN CB  CG   sing N N 47  
ASN CB  HB2  sing N N 48  
ASN CB  HB3  sing N N 49  
ASN CG  OD1  doub N N 50  
ASN CG  ND2  sing N N 51  
ASN ND2 HD21 sing N N 52  
ASN ND2 HD22 sing N N 53  
ASN OXT HXT  sing N N 54  
ASP N   CA   sing N N 55  
ASP N   H    sing N N 56  
ASP N   H2   sing N N 57  
ASP CA  C    sing N N 58  
ASP CA  CB   sing N N 59  
ASP CA  HA   sing N N 60  
ASP C   O    doub N N 61  
ASP C   OXT  sing N N 62  
ASP CB  CG   sing N N 63  
ASP CB  HB2  sing N N 64  
ASP CB  HB3  sing N N 65  
ASP CG  OD1  doub N N 66  
ASP CG  OD2  sing N N 67  
ASP OD2 HD2  sing N N 68  
ASP OXT HXT  sing N N 69  
CYS N   CA   sing N N 70  
CYS N   H    sing N N 71  
CYS N   H2   sing N N 72  
CYS CA  C    sing N N 73  
CYS CA  CB   sing N N 74  
CYS CA  HA   sing N N 75  
CYS C   O    doub N N 76  
CYS C   OXT  sing N N 77  
CYS CB  SG   sing N N 78  
CYS CB  HB2  sing N N 79  
CYS CB  HB3  sing N N 80  
CYS SG  HG   sing N N 81  
CYS OXT HXT  sing N N 82  
GLN N   CA   sing N N 83  
GLN N   H    sing N N 84  
GLN N   H2   sing N N 85  
GLN CA  C    sing N N 86  
GLN CA  CB   sing N N 87  
GLN CA  HA   sing N N 88  
GLN C   O    doub N N 89  
GLN C   OXT  sing N N 90  
GLN CB  CG   sing N N 91  
GLN CB  HB2  sing N N 92  
GLN CB  HB3  sing N N 93  
GLN CG  CD   sing N N 94  
GLN CG  HG2  sing N N 95  
GLN CG  HG3  sing N N 96  
GLN CD  OE1  doub N N 97  
GLN CD  NE2  sing N N 98  
GLN NE2 HE21 sing N N 99  
GLN NE2 HE22 sing N N 100 
GLN OXT HXT  sing N N 101 
GLU N   CA   sing N N 102 
GLU N   H    sing N N 103 
GLU N   H2   sing N N 104 
GLU CA  C    sing N N 105 
GLU CA  CB   sing N N 106 
GLU CA  HA   sing N N 107 
GLU C   O    doub N N 108 
GLU C   OXT  sing N N 109 
GLU CB  CG   sing N N 110 
GLU CB  HB2  sing N N 111 
GLU CB  HB3  sing N N 112 
GLU CG  CD   sing N N 113 
GLU CG  HG2  sing N N 114 
GLU CG  HG3  sing N N 115 
GLU CD  OE1  doub N N 116 
GLU CD  OE2  sing N N 117 
GLU OE2 HE2  sing N N 118 
GLU OXT HXT  sing N N 119 
GLY N   CA   sing N N 120 
GLY N   H    sing N N 121 
GLY N   H2   sing N N 122 
GLY CA  C    sing N N 123 
GLY CA  HA2  sing N N 124 
GLY CA  HA3  sing N N 125 
GLY C   O    doub N N 126 
GLY C   OXT  sing N N 127 
GLY OXT HXT  sing N N 128 
HIS N   CA   sing N N 129 
HIS N   H    sing N N 130 
HIS N   H2   sing N N 131 
HIS CA  C    sing N N 132 
HIS CA  CB   sing N N 133 
HIS CA  HA   sing N N 134 
HIS C   O    doub N N 135 
HIS C   OXT  sing N N 136 
HIS CB  CG   sing N N 137 
HIS CB  HB2  sing N N 138 
HIS CB  HB3  sing N N 139 
HIS CG  ND1  sing Y N 140 
HIS CG  CD2  doub Y N 141 
HIS ND1 CE1  doub Y N 142 
HIS ND1 HD1  sing N N 143 
HIS CD2 NE2  sing Y N 144 
HIS CD2 HD2  sing N N 145 
HIS CE1 NE2  sing Y N 146 
HIS CE1 HE1  sing N N 147 
HIS NE2 HE2  sing N N 148 
HIS OXT HXT  sing N N 149 
HOH O   H1   sing N N 150 
HOH O   H2   sing N N 151 
ILE N   CA   sing N N 152 
ILE N   H    sing N N 153 
ILE N   H2   sing N N 154 
ILE CA  C    sing N N 155 
ILE CA  CB   sing N N 156 
ILE CA  HA   sing N N 157 
ILE C   O    doub N N 158 
ILE C   OXT  sing N N 159 
ILE CB  CG1  sing N N 160 
ILE CB  CG2  sing N N 161 
ILE CB  HB   sing N N 162 
ILE CG1 CD1  sing N N 163 
ILE CG1 HG12 sing N N 164 
ILE CG1 HG13 sing N N 165 
ILE CG2 HG21 sing N N 166 
ILE CG2 HG22 sing N N 167 
ILE CG2 HG23 sing N N 168 
ILE CD1 HD11 sing N N 169 
ILE CD1 HD12 sing N N 170 
ILE CD1 HD13 sing N N 171 
ILE OXT HXT  sing N N 172 
LEU N   CA   sing N N 173 
LEU N   H    sing N N 174 
LEU N   H2   sing N N 175 
LEU CA  C    sing N N 176 
LEU CA  CB   sing N N 177 
LEU CA  HA   sing N N 178 
LEU C   O    doub N N 179 
LEU C   OXT  sing N N 180 
LEU CB  CG   sing N N 181 
LEU CB  HB2  sing N N 182 
LEU CB  HB3  sing N N 183 
LEU CG  CD1  sing N N 184 
LEU CG  CD2  sing N N 185 
LEU CG  HG   sing N N 186 
LEU CD1 HD11 sing N N 187 
LEU CD1 HD12 sing N N 188 
LEU CD1 HD13 sing N N 189 
LEU CD2 HD21 sing N N 190 
LEU CD2 HD22 sing N N 191 
LEU CD2 HD23 sing N N 192 
LEU OXT HXT  sing N N 193 
LYS N   CA   sing N N 194 
LYS N   H    sing N N 195 
LYS N   H2   sing N N 196 
LYS CA  C    sing N N 197 
LYS CA  CB   sing N N 198 
LYS CA  HA   sing N N 199 
LYS C   O    doub N N 200 
LYS C   OXT  sing N N 201 
LYS CB  CG   sing N N 202 
LYS CB  HB2  sing N N 203 
LYS CB  HB3  sing N N 204 
LYS CG  CD   sing N N 205 
LYS CG  HG2  sing N N 206 
LYS CG  HG3  sing N N 207 
LYS CD  CE   sing N N 208 
LYS CD  HD2  sing N N 209 
LYS CD  HD3  sing N N 210 
LYS CE  NZ   sing N N 211 
LYS CE  HE2  sing N N 212 
LYS CE  HE3  sing N N 213 
LYS NZ  HZ1  sing N N 214 
LYS NZ  HZ2  sing N N 215 
LYS NZ  HZ3  sing N N 216 
LYS OXT HXT  sing N N 217 
MET N   CA   sing N N 218 
MET N   H    sing N N 219 
MET N   H2   sing N N 220 
MET CA  C    sing N N 221 
MET CA  CB   sing N N 222 
MET CA  HA   sing N N 223 
MET C   O    doub N N 224 
MET C   OXT  sing N N 225 
MET CB  CG   sing N N 226 
MET CB  HB2  sing N N 227 
MET CB  HB3  sing N N 228 
MET CG  SD   sing N N 229 
MET CG  HG2  sing N N 230 
MET CG  HG3  sing N N 231 
MET SD  CE   sing N N 232 
MET CE  HE1  sing N N 233 
MET CE  HE2  sing N N 234 
MET CE  HE3  sing N N 235 
MET OXT HXT  sing N N 236 
PHE N   CA   sing N N 237 
PHE N   H    sing N N 238 
PHE N   H2   sing N N 239 
PHE CA  C    sing N N 240 
PHE CA  CB   sing N N 241 
PHE CA  HA   sing N N 242 
PHE C   O    doub N N 243 
PHE C   OXT  sing N N 244 
PHE CB  CG   sing N N 245 
PHE CB  HB2  sing N N 246 
PHE CB  HB3  sing N N 247 
PHE CG  CD1  doub Y N 248 
PHE CG  CD2  sing Y N 249 
PHE CD1 CE1  sing Y N 250 
PHE CD1 HD1  sing N N 251 
PHE CD2 CE2  doub Y N 252 
PHE CD2 HD2  sing N N 253 
PHE CE1 CZ   doub Y N 254 
PHE CE1 HE1  sing N N 255 
PHE CE2 CZ   sing Y N 256 
PHE CE2 HE2  sing N N 257 
PHE CZ  HZ   sing N N 258 
PHE OXT HXT  sing N N 259 
PRO N   CA   sing N N 260 
PRO N   CD   sing N N 261 
PRO N   H    sing N N 262 
PRO CA  C    sing N N 263 
PRO CA  CB   sing N N 264 
PRO CA  HA   sing N N 265 
PRO C   O    doub N N 266 
PRO C   OXT  sing N N 267 
PRO CB  CG   sing N N 268 
PRO CB  HB2  sing N N 269 
PRO CB  HB3  sing N N 270 
PRO CG  CD   sing N N 271 
PRO CG  HG2  sing N N 272 
PRO CG  HG3  sing N N 273 
PRO CD  HD2  sing N N 274 
PRO CD  HD3  sing N N 275 
PRO OXT HXT  sing N N 276 
SER N   CA   sing N N 277 
SER N   H    sing N N 278 
SER N   H2   sing N N 279 
SER CA  C    sing N N 280 
SER CA  CB   sing N N 281 
SER CA  HA   sing N N 282 
SER C   O    doub N N 283 
SER C   OXT  sing N N 284 
SER CB  OG   sing N N 285 
SER CB  HB2  sing N N 286 
SER CB  HB3  sing N N 287 
SER OG  HG   sing N N 288 
SER OXT HXT  sing N N 289 
THR N   CA   sing N N 290 
THR N   H    sing N N 291 
THR N   H2   sing N N 292 
THR CA  C    sing N N 293 
THR CA  CB   sing N N 294 
THR CA  HA   sing N N 295 
THR C   O    doub N N 296 
THR C   OXT  sing N N 297 
THR CB  OG1  sing N N 298 
THR CB  CG2  sing N N 299 
THR CB  HB   sing N N 300 
THR OG1 HG1  sing N N 301 
THR CG2 HG21 sing N N 302 
THR CG2 HG22 sing N N 303 
THR CG2 HG23 sing N N 304 
THR OXT HXT  sing N N 305 
TRP N   CA   sing N N 306 
TRP N   H    sing N N 307 
TRP N   H2   sing N N 308 
TRP CA  C    sing N N 309 
TRP CA  CB   sing N N 310 
TRP CA  HA   sing N N 311 
TRP C   O    doub N N 312 
TRP C   OXT  sing N N 313 
TRP CB  CG   sing N N 314 
TRP CB  HB2  sing N N 315 
TRP CB  HB3  sing N N 316 
TRP CG  CD1  doub Y N 317 
TRP CG  CD2  sing Y N 318 
TRP CD1 NE1  sing Y N 319 
TRP CD1 HD1  sing N N 320 
TRP CD2 CE2  doub Y N 321 
TRP CD2 CE3  sing Y N 322 
TRP NE1 CE2  sing Y N 323 
TRP NE1 HE1  sing N N 324 
TRP CE2 CZ2  sing Y N 325 
TRP CE3 CZ3  doub Y N 326 
TRP CE3 HE3  sing N N 327 
TRP CZ2 CH2  doub Y N 328 
TRP CZ2 HZ2  sing N N 329 
TRP CZ3 CH2  sing Y N 330 
TRP CZ3 HZ3  sing N N 331 
TRP CH2 HH2  sing N N 332 
TRP OXT HXT  sing N N 333 
TYR N   CA   sing N N 334 
TYR N   H    sing N N 335 
TYR N   H2   sing N N 336 
TYR CA  C    sing N N 337 
TYR CA  CB   sing N N 338 
TYR CA  HA   sing N N 339 
TYR C   O    doub N N 340 
TYR C   OXT  sing N N 341 
TYR CB  CG   sing N N 342 
TYR CB  HB2  sing N N 343 
TYR CB  HB3  sing N N 344 
TYR CG  CD1  doub Y N 345 
TYR CG  CD2  sing Y N 346 
TYR CD1 CE1  sing Y N 347 
TYR CD1 HD1  sing N N 348 
TYR CD2 CE2  doub Y N 349 
TYR CD2 HD2  sing N N 350 
TYR CE1 CZ   doub Y N 351 
TYR CE1 HE1  sing N N 352 
TYR CE2 CZ   sing Y N 353 
TYR CE2 HE2  sing N N 354 
TYR CZ  OH   sing N N 355 
TYR OH  HH   sing N N 356 
TYR OXT HXT  sing N N 357 
VAL N   CA   sing N N 358 
VAL N   H    sing N N 359 
VAL N   H2   sing N N 360 
VAL CA  C    sing N N 361 
VAL CA  CB   sing N N 362 
VAL CA  HA   sing N N 363 
VAL C   O    doub N N 364 
VAL C   OXT  sing N N 365 
VAL CB  CG1  sing N N 366 
VAL CB  CG2  sing N N 367 
VAL CB  HB   sing N N 368 
VAL CG1 HG11 sing N N 369 
VAL CG1 HG12 sing N N 370 
VAL CG1 HG13 sing N N 371 
VAL CG2 HG21 sing N N 372 
VAL CG2 HG22 sing N N 373 
VAL CG2 HG23 sing N N 374 
VAL OXT HXT  sing N N 375 
# 
_pdbx_entity_nonpoly.entity_id   2 
_pdbx_entity_nonpoly.name        water 
_pdbx_entity_nonpoly.comp_id     HOH 
# 
_pdbx_initial_refinement_model.id               1 
_pdbx_initial_refinement_model.entity_id_list   ? 
_pdbx_initial_refinement_model.type             'experimental model' 
_pdbx_initial_refinement_model.source_name      PDB 
_pdbx_initial_refinement_model.accession_code   1J4N 
_pdbx_initial_refinement_model.details          'PDB ENTRY 1J4N' 
# 
